data_7ESD
#
_entry.id   7ESD
#
loop_
_entity.id
_entity.type
_entity.pdbx_description
1 polymer 'Genome polyprotein'
2 polymer 'Genome polyprotein'
#
loop_
_entity_poly.entity_id
_entity_poly.type
_entity_poly.pdbx_seq_one_letter_code
_entity_poly.pdbx_strand_id
1 'polypeptide(L)'
;SQCSGIDKRDFIQGVSGGTWVDVVLDRKGCVTISATGKPTIDVRMVKMEASNLASVRTYCLEASTSEISSVNGCPSTTEA
HNDKRKDSTYLCERSYPDRGWGNGCGLFGRGSLDTCVKFACSKKMAGHAISRENIVITAAVSVHGHSGAESDDRSQRKSR
KELAELTITFKSSIVEADLGDYGKVQFECLMDFGIDLDDVYTADMSGKWWLVKRDWYHDIALPWTAPSADFWHDMDRLVE
FSTPHATKQSVYTLGDQEGAMSTALGDAAVIEYMSSGSKVVFRTGFLKCRVKMENLRLKGSTYMQCSKEFSILKRPTATP
YGTVIMQVKYAQTDVPCRVPVGVHERPGGEQVGRIITAHPIILQQNDALVIEVEPPFGDSVIEIGLGTTKIVEQWHRDGS
SIGAAFTSTMKGVERMALLGEHAWDFGSVGGFFNSMGKAIHSVFGGLFRAVFGGMSWISKVLIGAILMWLGVSAREKTLA
MSLITVGAILLYLSTMTNAVS
;
A,B,C
2 'polypeptide(L)' SIMIPTHSTGGLHQGTEGWHRTNNVKNFLMRVEKWSLRNPGYTALIAILGWTLGTTTAQKVIFIALLLMIAPVYG D,E,F
#
# COMPACT_ATOMS: atom_id res chain seq x y z
N SER A 1 55.22 3.65 24.17
CA SER A 1 56.61 3.56 23.75
C SER A 1 57.16 4.92 23.36
N GLN A 2 58.13 4.92 22.44
CA GLN A 2 58.71 6.18 21.98
C GLN A 2 57.68 6.99 21.21
N CYS A 3 57.67 8.28 21.44
CA CYS A 3 56.68 9.19 20.86
C CYS A 3 57.32 10.22 19.94
N SER A 4 58.44 9.84 19.32
CA SER A 4 59.15 10.76 18.43
C SER A 4 58.60 10.73 17.00
N GLY A 5 58.17 9.56 16.52
CA GLY A 5 57.72 9.42 15.16
C GLY A 5 56.34 9.98 14.86
N ILE A 6 55.58 10.33 15.90
CA ILE A 6 54.23 10.85 15.73
C ILE A 6 54.25 12.36 15.87
N ASP A 7 53.21 13.01 15.36
CA ASP A 7 53.10 14.47 15.39
C ASP A 7 52.11 14.97 16.44
N LYS A 8 51.06 14.22 16.71
CA LYS A 8 50.09 14.60 17.75
C LYS A 8 50.69 14.20 19.09
N ARG A 9 51.33 15.16 19.76
CA ARG A 9 52.03 14.88 21.00
C ARG A 9 51.62 15.91 22.05
N ASP A 10 51.42 15.44 23.28
CA ASP A 10 51.06 16.29 24.40
C ASP A 10 52.19 16.31 25.40
N PHE A 11 52.58 17.50 25.84
CA PHE A 11 53.65 17.68 26.81
C PHE A 11 53.04 18.21 28.10
N ILE A 12 53.04 17.36 29.13
CA ILE A 12 52.59 17.75 30.47
C ILE A 12 53.82 18.02 31.32
N GLN A 13 53.81 19.14 32.03
CA GLN A 13 54.97 19.56 32.80
C GLN A 13 55.03 18.96 34.20
N GLY A 14 53.95 18.31 34.65
CA GLY A 14 53.91 17.78 35.99
C GLY A 14 53.80 18.86 37.05
N VAL A 15 53.36 18.49 38.25
CA VAL A 15 53.23 19.42 39.37
C VAL A 15 54.27 19.08 40.41
N SER A 16 55.03 20.09 40.83
CA SER A 16 56.08 19.86 41.82
C SER A 16 55.50 19.41 43.16
N GLY A 17 54.41 20.04 43.61
CA GLY A 17 53.83 19.67 44.88
C GLY A 17 53.24 18.28 44.88
N GLY A 18 52.51 17.93 43.81
CA GLY A 18 51.88 16.64 43.74
C GLY A 18 52.77 15.58 43.14
N THR A 19 52.26 14.35 43.14
CA THR A 19 52.95 13.21 42.55
C THR A 19 52.12 12.50 41.50
N TRP A 20 50.97 13.05 41.11
CA TRP A 20 50.09 12.45 40.14
C TRP A 20 49.61 13.51 39.15
N VAL A 21 49.22 13.04 37.96
CA VAL A 21 48.65 13.91 36.94
C VAL A 21 47.70 13.08 36.09
N ASP A 22 46.52 13.63 35.82
CA ASP A 22 45.53 12.93 35.02
C ASP A 22 45.80 13.15 33.54
N VAL A 23 45.87 12.06 32.78
CA VAL A 23 46.14 12.11 31.35
C VAL A 23 45.01 11.41 30.61
N VAL A 24 44.85 11.78 29.35
CA VAL A 24 43.84 11.20 28.47
C VAL A 24 44.56 10.63 27.26
N LEU A 25 44.25 9.38 26.91
CA LEU A 25 44.95 8.66 25.86
C LEU A 25 44.04 8.39 24.68
N ASP A 26 44.63 8.41 23.48
CA ASP A 26 43.98 8.00 22.25
C ASP A 26 44.86 6.98 21.56
N ARG A 27 44.35 6.41 20.46
CA ARG A 27 45.14 5.44 19.72
C ARG A 27 46.26 6.08 18.92
N LYS A 28 46.16 7.38 18.62
CA LYS A 28 47.20 8.09 17.90
C LYS A 28 47.97 9.08 18.76
N GLY A 29 47.32 9.72 19.73
CA GLY A 29 47.99 10.69 20.56
C GLY A 29 48.87 10.05 21.63
N CYS A 30 49.75 10.88 22.18
CA CYS A 30 50.65 10.45 23.23
C CYS A 30 50.94 11.62 24.16
N VAL A 31 51.39 11.31 25.36
CA VAL A 31 51.73 12.33 26.35
C VAL A 31 53.07 11.97 26.97
N THR A 32 53.93 12.98 27.11
CA THR A 32 55.25 12.82 27.73
C THR A 32 55.20 13.45 29.12
N ILE A 33 55.42 12.62 30.14
CA ILE A 33 55.39 13.06 31.53
C ILE A 33 56.83 13.34 31.96
N SER A 34 57.08 14.57 32.40
CA SER A 34 58.42 15.00 32.78
C SER A 34 58.33 15.93 33.98
N ALA A 35 58.69 15.43 35.16
CA ALA A 35 58.80 16.25 36.35
C ALA A 35 60.27 16.60 36.58
N THR A 36 60.56 17.32 37.66
CA THR A 36 61.92 17.67 38.02
C THR A 36 62.42 16.70 39.08
N GLY A 37 63.66 16.25 38.92
CA GLY A 37 64.23 15.25 39.80
C GLY A 37 63.78 13.84 39.54
N LYS A 38 63.00 13.60 38.49
CA LYS A 38 62.50 12.28 38.16
C LYS A 38 62.77 11.99 36.68
N PRO A 39 62.98 10.72 36.32
CA PRO A 39 63.15 10.39 34.91
C PRO A 39 61.84 10.57 34.16
N THR A 40 61.91 11.22 33.01
CA THR A 40 60.72 11.45 32.21
C THR A 40 60.27 10.16 31.53
N ILE A 41 58.96 10.03 31.35
CA ILE A 41 58.37 8.80 30.84
C ILE A 41 57.36 9.13 29.75
N ASP A 42 57.06 8.12 28.92
CA ASP A 42 56.05 8.20 27.90
C ASP A 42 55.06 7.06 28.07
N VAL A 43 53.78 7.35 27.90
CA VAL A 43 52.73 6.34 27.97
C VAL A 43 51.90 6.43 26.70
N ARG A 44 51.65 5.28 26.07
CA ARG A 44 50.95 5.22 24.79
C ARG A 44 49.94 4.09 24.82
N MET A 45 48.75 4.36 24.29
CA MET A 45 47.72 3.35 24.14
C MET A 45 47.93 2.60 22.83
N VAL A 46 47.91 1.26 22.90
CA VAL A 46 48.20 0.44 21.73
C VAL A 46 46.91 0.15 20.97
N LYS A 47 45.96 -0.52 21.62
CA LYS A 47 44.74 -0.94 20.94
C LYS A 47 43.66 -1.27 21.97
N MET A 48 42.42 -1.26 21.50
CA MET A 48 41.27 -1.75 22.25
C MET A 48 40.60 -2.84 21.45
N GLU A 49 40.21 -3.93 22.12
CA GLU A 49 39.62 -5.05 21.40
C GLU A 49 38.77 -5.89 22.35
N ALA A 50 37.52 -6.12 21.96
CA ALA A 50 36.66 -7.07 22.63
C ALA A 50 36.98 -8.49 22.16
N SER A 51 36.60 -9.47 22.96
CA SER A 51 36.93 -10.87 22.70
C SER A 51 35.71 -11.72 22.37
N ASN A 52 34.68 -11.69 23.21
CA ASN A 52 33.50 -12.52 23.05
C ASN A 52 32.33 -11.67 22.58
N LEU A 53 31.69 -12.09 21.49
CA LEU A 53 30.57 -11.38 20.91
C LEU A 53 29.34 -12.28 20.86
N ALA A 54 28.17 -11.69 21.06
CA ALA A 54 26.90 -12.40 21.03
C ALA A 54 26.12 -11.98 19.79
N SER A 55 25.62 -12.98 19.05
CA SER A 55 24.85 -12.70 17.85
C SER A 55 23.53 -12.04 18.20
N VAL A 56 23.01 -11.24 17.27
CA VAL A 56 21.78 -10.51 17.50
C VAL A 56 20.73 -10.91 16.46
N ARG A 57 21.00 -10.58 15.19
CA ARG A 57 20.07 -10.89 14.11
C ARG A 57 20.73 -10.70 12.76
N THR A 58 20.67 -11.70 11.89
CA THR A 58 21.27 -11.64 10.57
C THR A 58 20.18 -11.35 9.54
N TYR A 59 20.35 -10.28 8.77
CA TYR A 59 19.38 -9.87 7.77
C TYR A 59 19.66 -10.62 6.47
N CYS A 60 19.01 -10.20 5.39
CA CYS A 60 19.24 -10.77 4.06
C CYS A 60 19.36 -9.64 3.05
N LEU A 61 20.11 -9.90 1.98
CA LEU A 61 20.39 -8.87 0.99
C LEU A 61 20.03 -9.30 -0.42
N GLU A 62 20.21 -10.58 -0.73
CA GLU A 62 19.97 -11.10 -2.07
C GLU A 62 18.91 -12.19 -2.00
N ALA A 63 17.88 -12.07 -2.85
CA ALA A 63 16.83 -13.08 -2.95
C ALA A 63 17.15 -14.06 -4.06
N SER A 64 16.78 -15.32 -3.84
CA SER A 64 17.11 -16.41 -4.73
C SER A 64 15.89 -17.29 -4.99
N THR A 65 14.78 -16.65 -5.36
CA THR A 65 13.55 -17.38 -5.67
C THR A 65 13.81 -18.45 -6.74
N SER A 66 13.45 -19.69 -6.42
CA SER A 66 13.79 -20.83 -7.25
C SER A 66 12.57 -21.49 -7.88
N GLU A 67 11.58 -21.89 -7.07
CA GLU A 67 10.43 -22.62 -7.55
C GLU A 67 9.19 -21.74 -7.49
N ILE A 68 8.26 -21.97 -8.43
CA ILE A 68 7.03 -21.21 -8.54
C ILE A 68 5.86 -22.17 -8.70
N SER A 69 4.67 -21.66 -8.41
CA SER A 69 3.44 -22.43 -8.55
C SER A 69 2.28 -21.46 -8.75
N SER A 70 1.16 -21.99 -9.24
CA SER A 70 -0.01 -21.16 -9.50
C SER A 70 -1.27 -22.00 -9.37
N VAL A 71 -2.37 -21.31 -9.08
CA VAL A 71 -3.69 -21.94 -9.01
C VAL A 71 -4.73 -20.85 -9.23
N ASN A 72 -5.71 -21.15 -10.08
CA ASN A 72 -6.67 -20.16 -10.55
C ASN A 72 -8.08 -20.53 -10.09
N GLY A 73 -8.90 -19.50 -9.89
CA GLY A 73 -10.28 -19.69 -9.49
C GLY A 73 -11.26 -18.94 -10.36
N CYS A 74 -12.29 -19.63 -10.81
CA CYS A 74 -13.32 -19.04 -11.66
C CYS A 74 -14.12 -18.01 -10.85
N PRO A 75 -14.90 -17.15 -11.51
CA PRO A 75 -15.75 -16.20 -10.77
C PRO A 75 -16.73 -16.85 -9.82
N SER A 76 -16.88 -18.17 -9.85
CA SER A 76 -17.56 -18.88 -8.78
C SER A 76 -16.85 -18.58 -7.46
N THR A 77 -17.64 -18.35 -6.41
CA THR A 77 -17.12 -17.73 -5.20
C THR A 77 -16.03 -18.56 -4.54
N THR A 78 -15.92 -19.85 -4.85
CA THR A 78 -14.84 -20.66 -4.29
C THR A 78 -13.50 -20.20 -4.84
N GLU A 79 -12.71 -19.53 -4.00
CA GLU A 79 -11.45 -18.95 -4.43
C GLU A 79 -10.34 -20.00 -4.39
N ALA A 80 -9.21 -19.66 -5.00
CA ALA A 80 -8.07 -20.56 -5.06
C ALA A 80 -7.24 -20.47 -3.79
N HIS A 81 -6.83 -21.62 -3.28
CA HIS A 81 -6.00 -21.71 -2.07
C HIS A 81 -4.85 -22.66 -2.39
N ASN A 82 -3.67 -22.10 -2.64
CA ASN A 82 -2.51 -22.89 -3.00
C ASN A 82 -2.09 -23.77 -1.82
N ASP A 83 -1.81 -25.04 -2.09
CA ASP A 83 -1.36 -25.95 -1.04
C ASP A 83 0.06 -25.64 -0.58
N LYS A 84 0.82 -24.84 -1.34
CA LYS A 84 2.13 -24.39 -0.91
C LYS A 84 2.07 -23.14 -0.06
N ARG A 85 0.87 -22.63 0.22
CA ARG A 85 0.69 -21.62 1.25
C ARG A 85 1.13 -22.12 2.61
N LYS A 86 1.12 -23.42 2.85
CA LYS A 86 1.29 -23.98 4.19
C LYS A 86 2.70 -24.51 4.41
N ASP A 87 3.70 -23.87 3.80
CA ASP A 87 5.09 -24.20 4.08
C ASP A 87 5.82 -22.92 4.45
N SER A 88 6.59 -22.97 5.54
CA SER A 88 7.22 -21.78 6.09
C SER A 88 8.26 -21.18 5.15
N THR A 89 8.79 -21.96 4.21
CA THR A 89 9.83 -21.49 3.31
C THR A 89 9.28 -20.91 2.01
N TYR A 90 7.96 -20.78 1.87
CA TYR A 90 7.34 -20.31 0.65
C TYR A 90 6.65 -18.97 0.90
N LEU A 91 6.97 -17.99 0.06
CA LEU A 91 6.25 -16.72 0.02
C LEU A 91 5.10 -16.84 -0.97
N CYS A 92 3.89 -16.52 -0.51
CA CYS A 92 2.70 -16.67 -1.32
C CYS A 92 1.79 -15.47 -1.13
N GLU A 93 1.19 -15.01 -2.23
CA GLU A 93 0.28 -13.88 -2.20
C GLU A 93 -0.88 -14.15 -3.16
N ARG A 94 -2.08 -13.74 -2.76
CA ARG A 94 -3.29 -13.99 -3.53
C ARG A 94 -3.75 -12.70 -4.20
N SER A 95 -4.08 -12.79 -5.48
CA SER A 95 -4.55 -11.66 -6.28
C SER A 95 -5.73 -12.10 -7.13
N TYR A 96 -6.47 -11.12 -7.65
CA TYR A 96 -7.69 -11.36 -8.41
C TYR A 96 -7.55 -10.85 -9.83
N PRO A 97 -7.27 -11.73 -10.80
CA PRO A 97 -7.24 -11.30 -12.21
C PRO A 97 -8.63 -11.09 -12.78
N ASP A 98 -8.70 -10.80 -14.07
CA ASP A 98 -9.98 -10.63 -14.77
C ASP A 98 -10.17 -11.81 -15.70
N ARG A 99 -11.02 -12.76 -15.29
CA ARG A 99 -11.28 -13.96 -16.07
C ARG A 99 -12.54 -13.78 -16.92
N GLY A 100 -12.53 -14.39 -18.10
CA GLY A 100 -13.66 -14.30 -19.00
C GLY A 100 -13.95 -15.58 -19.74
N TRP A 101 -14.61 -15.47 -20.90
CA TRP A 101 -14.95 -16.64 -21.68
C TRP A 101 -13.76 -17.21 -22.43
N GLY A 102 -12.79 -16.37 -22.78
CA GLY A 102 -11.62 -16.87 -23.48
C GLY A 102 -10.77 -17.80 -22.64
N ASN A 103 -10.64 -17.50 -21.35
CA ASN A 103 -9.86 -18.35 -20.45
C ASN A 103 -10.54 -19.68 -20.18
N GLY A 104 -11.84 -19.78 -20.42
CA GLY A 104 -12.56 -21.02 -20.22
C GLY A 104 -13.29 -21.08 -18.89
N CYS A 105 -13.86 -19.95 -18.48
CA CYS A 105 -14.55 -19.85 -17.20
C CYS A 105 -16.05 -20.09 -17.31
N GLY A 106 -16.73 -19.33 -18.16
CA GLY A 106 -18.16 -19.42 -18.32
C GLY A 106 -18.93 -18.22 -17.80
N LEU A 107 -18.31 -17.38 -16.98
CA LEU A 107 -18.92 -16.15 -16.51
C LEU A 107 -17.90 -15.03 -16.58
N PHE A 108 -18.39 -13.81 -16.71
CA PHE A 108 -17.53 -12.64 -16.82
C PHE A 108 -17.46 -11.92 -15.47
N GLY A 109 -16.24 -11.76 -14.96
CA GLY A 109 -16.04 -11.12 -13.67
C GLY A 109 -14.58 -11.05 -13.28
N ARG A 110 -14.30 -11.26 -12.00
CA ARG A 110 -12.94 -11.24 -11.47
C ARG A 110 -12.66 -12.56 -10.77
N GLY A 111 -11.56 -13.21 -11.15
CA GLY A 111 -11.19 -14.50 -10.62
C GLY A 111 -10.34 -14.41 -9.38
N SER A 112 -9.46 -15.39 -9.20
CA SER A 112 -8.58 -15.44 -8.05
C SER A 112 -7.30 -16.18 -8.41
N LEU A 113 -6.22 -15.83 -7.74
CA LEU A 113 -4.91 -16.43 -7.97
C LEU A 113 -4.21 -16.64 -6.64
N ASP A 114 -3.26 -17.57 -6.64
CA ASP A 114 -2.45 -17.83 -5.44
C ASP A 114 -1.13 -18.44 -5.91
N THR A 115 -0.08 -17.63 -5.96
CA THR A 115 1.22 -18.03 -6.46
C THR A 115 2.24 -18.02 -5.33
N CYS A 116 2.85 -19.16 -5.07
CA CYS A 116 3.85 -19.31 -4.02
C CYS A 116 5.23 -19.48 -4.65
N VAL A 117 6.25 -18.90 -4.01
CA VAL A 117 7.63 -19.01 -4.45
C VAL A 117 8.50 -19.44 -3.29
N LYS A 118 9.57 -20.17 -3.60
CA LYS A 118 10.51 -20.64 -2.59
C LYS A 118 11.58 -19.58 -2.36
N PHE A 119 11.80 -19.23 -1.09
CA PHE A 119 12.72 -18.17 -0.73
C PHE A 119 14.09 -18.74 -0.37
N ALA A 120 15.13 -18.00 -0.75
CA ALA A 120 16.49 -18.35 -0.39
C ALA A 120 17.32 -17.06 -0.39
N CYS A 121 18.42 -17.08 0.37
CA CYS A 121 19.29 -15.94 0.48
C CYS A 121 20.75 -16.36 0.32
N SER A 122 21.57 -15.41 -0.12
CA SER A 122 22.99 -15.67 -0.35
C SER A 122 23.91 -14.65 0.30
N LYS A 123 23.43 -13.47 0.68
CA LYS A 123 24.23 -12.46 1.35
C LYS A 123 23.46 -11.97 2.57
N LYS A 124 24.12 -11.98 3.73
CA LYS A 124 23.47 -11.65 5.00
C LYS A 124 24.32 -10.66 5.77
N MET A 125 23.64 -9.72 6.44
CA MET A 125 24.31 -8.72 7.28
C MET A 125 24.20 -9.18 8.73
N ALA A 126 25.13 -10.06 9.12
CA ALA A 126 25.12 -10.59 10.48
C ALA A 126 25.50 -9.50 11.48
N GLY A 127 24.72 -9.36 12.54
CA GLY A 127 25.01 -8.44 13.60
C GLY A 127 25.63 -9.12 14.81
N HIS A 128 26.10 -8.29 15.74
CA HIS A 128 26.71 -8.79 16.96
C HIS A 128 26.53 -7.75 18.07
N ALA A 129 26.65 -8.22 19.31
CA ALA A 129 26.52 -7.36 20.48
C ALA A 129 27.80 -7.43 21.31
N ILE A 130 28.23 -6.28 21.81
CA ILE A 130 29.48 -6.16 22.55
C ILE A 130 29.16 -6.00 24.03
N SER A 131 29.84 -6.78 24.86
CA SER A 131 29.68 -6.72 26.31
C SER A 131 30.77 -5.85 26.91
N ARG A 132 30.39 -4.96 27.83
CA ARG A 132 31.33 -4.02 28.44
C ARG A 132 32.26 -4.69 29.44
N GLU A 133 32.27 -6.01 29.58
CA GLU A 133 33.17 -6.71 30.48
C GLU A 133 34.08 -7.66 29.74
N ASN A 134 34.43 -7.33 28.50
CA ASN A 134 35.29 -8.19 27.69
C ASN A 134 36.42 -7.46 26.97
N ILE A 135 36.41 -6.12 26.89
CA ILE A 135 37.45 -5.41 26.18
C ILE A 135 38.73 -5.41 27.00
N VAL A 136 39.85 -5.66 26.33
CA VAL A 136 41.16 -5.71 26.96
C VAL A 136 42.02 -4.65 26.29
N ILE A 137 42.07 -3.47 26.89
CA ILE A 137 42.84 -2.35 26.35
C ILE A 137 44.27 -2.45 26.87
N THR A 138 45.24 -2.39 25.95
CA THR A 138 46.65 -2.51 26.28
C THR A 138 47.36 -1.19 26.04
N ALA A 139 48.27 -0.83 26.94
CA ALA A 139 49.07 0.38 26.84
C ALA A 139 50.51 0.05 27.14
N ALA A 140 51.40 0.95 26.74
CA ALA A 140 52.83 0.78 26.93
C ALA A 140 53.42 2.00 27.62
N VAL A 141 54.46 1.77 28.41
CA VAL A 141 55.14 2.83 29.15
C VAL A 141 56.64 2.68 28.94
N SER A 142 57.31 3.81 28.69
CA SER A 142 58.74 3.82 28.42
C SER A 142 59.40 4.92 29.23
N VAL A 143 60.71 4.78 29.43
CA VAL A 143 61.50 5.72 30.21
C VAL A 143 62.65 6.23 29.35
N HIS A 144 62.94 7.53 29.45
CA HIS A 144 63.98 8.16 28.67
C HIS A 144 65.30 8.14 29.43
N GLY A 145 66.38 7.87 28.72
CA GLY A 145 67.71 7.97 29.31
C GLY A 145 68.54 6.71 29.17
N HIS A 146 67.90 5.55 29.27
CA HIS A 146 68.63 4.30 29.16
C HIS A 146 69.21 4.14 27.76
N SER A 147 70.41 3.56 27.70
CA SER A 147 71.13 3.42 26.44
C SER A 147 71.71 2.02 26.35
N GLY A 148 71.46 1.35 25.22
CA GLY A 148 72.00 0.03 24.99
C GLY A 148 72.77 -0.05 23.68
N ALA A 149 73.03 -1.27 23.20
CA ALA A 149 73.76 -1.43 21.97
C ALA A 149 72.97 -0.90 20.78
N GLU A 150 73.68 -0.60 19.70
CA GLU A 150 73.02 -0.06 18.51
C GLU A 150 72.04 -1.05 17.91
N SER A 151 72.42 -2.34 17.86
CA SER A 151 71.59 -3.38 17.27
C SER A 151 70.74 -4.01 18.37
N ASP A 152 69.71 -3.28 18.79
CA ASP A 152 68.75 -3.76 19.77
C ASP A 152 67.33 -3.51 19.27
N ASP A 153 66.38 -4.25 19.81
CA ASP A 153 64.98 -4.13 19.43
C ASP A 153 64.11 -3.99 20.67
N ARG A 154 62.79 -3.95 20.43
CA ARG A 154 61.83 -3.85 21.53
C ARG A 154 61.88 -5.05 22.46
N SER A 155 62.31 -6.21 21.96
CA SER A 155 62.45 -7.38 22.82
C SER A 155 63.50 -7.14 23.90
N GLN A 156 64.69 -6.68 23.50
CA GLN A 156 65.73 -6.38 24.48
C GLN A 156 65.36 -5.16 25.31
N ARG A 157 64.63 -4.20 24.73
CA ARG A 157 64.15 -3.06 25.52
C ARG A 157 63.24 -3.52 26.64
N LYS A 158 62.36 -4.48 26.36
CA LYS A 158 61.53 -5.07 27.42
C LYS A 158 62.38 -5.86 28.40
N SER A 159 63.40 -6.57 27.89
CA SER A 159 64.24 -7.38 28.76
C SER A 159 64.97 -6.54 29.78
N ARG A 160 65.48 -5.37 29.37
CA ARG A 160 66.13 -4.45 30.29
C ARG A 160 65.14 -3.72 31.18
N LYS A 161 63.83 -3.99 31.05
CA LYS A 161 62.79 -3.36 31.84
C LYS A 161 62.80 -1.84 31.68
N GLU A 162 62.60 -1.42 30.43
CA GLU A 162 62.42 0.00 30.11
C GLU A 162 61.22 0.24 29.21
N LEU A 163 60.55 -0.81 28.74
CA LEU A 163 59.38 -0.71 27.88
C LEU A 163 58.30 -1.65 28.37
N ALA A 164 58.02 -1.60 29.67
CA ALA A 164 57.05 -2.50 30.28
C ALA A 164 55.67 -2.35 29.63
N GLU A 165 55.00 -3.49 29.43
CA GLU A 165 53.70 -3.54 28.79
C GLU A 165 52.59 -3.59 29.83
N LEU A 166 51.40 -3.18 29.42
CA LEU A 166 50.23 -3.16 30.29
C LEU A 166 49.05 -3.79 29.58
N THR A 167 48.21 -4.48 30.36
CA THR A 167 46.94 -5.03 29.88
C THR A 167 45.85 -4.61 30.86
N ILE A 168 45.10 -3.57 30.51
CA ILE A 168 44.08 -3.01 31.40
C ILE A 168 42.80 -3.78 31.12
N THR A 169 42.61 -4.88 31.82
CA THR A 169 41.43 -5.71 31.66
C THR A 169 40.25 -5.04 32.37
N PHE A 170 39.04 -5.54 32.08
CA PHE A 170 37.83 -5.00 32.70
C PHE A 170 37.77 -5.27 34.20
N LYS A 171 38.45 -6.31 34.68
CA LYS A 171 38.45 -6.63 36.10
C LYS A 171 39.66 -6.06 36.82
N SER A 172 40.84 -6.08 36.21
CA SER A 172 42.06 -5.54 36.82
C SER A 172 42.31 -4.15 36.25
N SER A 173 41.61 -3.16 36.81
CA SER A 173 41.71 -1.80 36.33
C SER A 173 42.94 -1.06 36.86
N ILE A 174 43.67 -1.65 37.80
CA ILE A 174 44.87 -1.04 38.37
C ILE A 174 46.03 -2.00 38.17
N VAL A 175 47.07 -1.54 37.46
CA VAL A 175 48.24 -2.35 37.18
C VAL A 175 49.49 -1.52 37.45
N GLU A 176 50.60 -2.21 37.67
CA GLU A 176 51.88 -1.59 37.96
C GLU A 176 52.90 -1.99 36.91
N ALA A 177 53.76 -1.05 36.54
CA ALA A 177 54.85 -1.30 35.60
C ALA A 177 56.15 -1.49 36.38
N ASP A 178 56.86 -2.57 36.08
CA ASP A 178 58.07 -2.90 36.83
C ASP A 178 59.15 -1.84 36.61
N LEU A 179 59.43 -1.51 35.35
CA LEU A 179 60.38 -0.46 34.96
C LEU A 179 61.79 -0.67 35.52
N GLY A 180 62.09 -1.86 36.02
CA GLY A 180 63.44 -2.13 36.52
C GLY A 180 63.81 -1.24 37.69
N ASP A 181 65.04 -0.73 37.66
CA ASP A 181 65.57 0.06 38.76
C ASP A 181 64.89 1.41 38.93
N TYR A 182 64.10 1.85 37.96
CA TYR A 182 63.47 3.17 38.05
C TYR A 182 62.32 3.21 39.04
N GLY A 183 61.87 2.06 39.54
CA GLY A 183 60.84 2.05 40.56
C GLY A 183 59.58 1.29 40.17
N LYS A 184 58.44 1.96 40.19
CA LYS A 184 57.16 1.36 39.83
C LYS A 184 56.12 2.46 39.66
N VAL A 185 55.30 2.33 38.63
CA VAL A 185 54.23 3.30 38.33
C VAL A 185 52.93 2.53 38.18
N GLN A 186 51.87 3.01 38.82
CA GLN A 186 50.55 2.40 38.74
C GLN A 186 49.55 3.41 38.19
N PHE A 187 48.39 2.89 37.79
CA PHE A 187 47.38 3.66 37.07
C PHE A 187 46.03 3.53 37.76
N GLU A 188 45.14 4.49 37.49
CA GLU A 188 43.86 4.59 38.16
C GLU A 188 42.71 4.80 37.18
N CYS A 189 42.94 4.60 35.89
CA CYS A 189 41.92 4.87 34.87
C CYS A 189 40.65 4.06 35.04
N LEU A 190 39.55 4.69 34.62
CA LEU A 190 38.18 4.28 34.87
C LEU A 190 37.66 3.45 33.70
N MET A 191 36.35 3.26 33.64
CA MET A 191 35.68 2.52 32.57
C MET A 191 34.80 3.45 31.73
N ASP A 192 35.17 4.72 31.64
CA ASP A 192 34.43 5.71 30.87
C ASP A 192 35.17 5.85 29.54
N PHE A 193 34.55 5.32 28.48
CA PHE A 193 35.14 5.33 27.15
C PHE A 193 34.23 6.09 26.19
N GLY A 194 34.81 6.54 25.08
CA GLY A 194 34.04 7.27 24.08
C GLY A 194 32.91 6.46 23.49
N ILE A 195 33.13 5.16 23.29
CA ILE A 195 32.09 4.27 22.77
C ILE A 195 31.15 3.90 23.91
N ASP A 196 29.86 4.18 23.73
CA ASP A 196 28.85 3.86 24.73
C ASP A 196 28.35 2.45 24.45
N LEU A 197 28.99 1.48 25.11
CA LEU A 197 28.64 0.08 24.89
C LEU A 197 27.24 -0.20 25.42
N ASP A 198 26.77 -1.42 25.17
CA ASP A 198 25.40 -1.85 25.45
C ASP A 198 24.38 -0.99 24.73
N ASP A 199 24.81 -0.25 23.71
CA ASP A 199 23.91 0.59 22.92
C ASP A 199 24.22 0.54 21.43
N VAL A 200 25.19 -0.25 20.99
CA VAL A 200 25.59 -0.32 19.59
C VAL A 200 25.78 -1.78 19.19
N TYR A 201 25.76 -2.02 17.88
CA TYR A 201 26.01 -3.34 17.31
C TYR A 201 27.15 -3.23 16.29
N THR A 202 27.60 -4.39 15.82
CA THR A 202 28.58 -4.50 14.75
C THR A 202 27.90 -5.11 13.54
N ALA A 203 27.91 -4.39 12.42
CA ALA A 203 27.17 -4.79 11.22
C ALA A 203 28.16 -5.35 10.19
N ASP A 204 28.46 -6.65 10.33
CA ASP A 204 29.26 -7.34 9.33
C ASP A 204 28.43 -7.51 8.06
N MET A 205 28.99 -7.12 6.92
CA MET A 205 28.28 -7.24 5.64
C MET A 205 28.96 -8.20 4.69
N SER A 206 30.23 -7.97 4.34
CA SER A 206 30.98 -8.86 3.46
C SER A 206 32.42 -8.95 3.93
N GLY A 207 32.62 -8.96 5.25
CA GLY A 207 33.94 -8.84 5.83
C GLY A 207 34.31 -7.44 6.25
N LYS A 208 33.44 -6.46 6.00
CA LYS A 208 33.64 -5.09 6.45
C LYS A 208 32.71 -4.85 7.64
N TRP A 209 33.28 -4.45 8.77
CA TRP A 209 32.53 -4.31 10.01
C TRP A 209 32.28 -2.85 10.33
N TRP A 210 31.41 -2.61 11.30
CA TRP A 210 30.98 -1.25 11.63
C TRP A 210 30.61 -1.22 13.11
N LEU A 211 30.15 -0.05 13.55
CA LEU A 211 29.77 0.18 14.95
C LEU A 211 28.44 0.92 15.01
N VAL A 212 27.46 0.41 14.26
CA VAL A 212 26.22 1.16 14.00
C VAL A 212 25.29 1.05 15.20
N LYS A 213 24.39 2.03 15.32
CA LYS A 213 23.53 2.17 16.49
C LYS A 213 22.46 1.08 16.55
N ARG A 214 22.05 0.76 17.78
CA ARG A 214 21.15 -0.36 18.01
C ARG A 214 19.77 -0.13 17.41
N ASP A 215 19.16 1.04 17.69
CA ASP A 215 17.81 1.29 17.21
C ASP A 215 17.79 1.41 15.69
N TRP A 216 18.80 2.05 15.10
CA TRP A 216 18.86 2.14 13.64
C TRP A 216 19.02 0.77 13.02
N TYR A 217 19.86 -0.08 13.63
CA TYR A 217 19.96 -1.46 13.16
C TYR A 217 18.63 -2.20 13.29
N HIS A 218 17.85 -1.86 14.32
CA HIS A 218 16.56 -2.52 14.51
C HIS A 218 15.53 -2.05 13.49
N ASP A 219 15.62 -0.81 13.04
CA ASP A 219 14.60 -0.22 12.18
C ASP A 219 14.89 -0.34 10.69
N ILE A 220 15.59 -1.40 10.28
CA ILE A 220 15.83 -1.63 8.86
C ILE A 220 14.74 -2.53 8.29
N ALA A 221 14.25 -2.20 7.11
CA ALA A 221 13.22 -2.99 6.43
C ALA A 221 13.92 -3.98 5.50
N LEU A 222 14.12 -5.21 5.98
CA LEU A 222 14.77 -6.26 5.22
C LEU A 222 14.34 -7.60 5.81
N PRO A 223 14.41 -8.67 5.02
CA PRO A 223 14.04 -10.00 5.56
C PRO A 223 15.05 -10.52 6.57
N TRP A 224 14.66 -10.56 7.84
CA TRP A 224 15.53 -10.99 8.91
C TRP A 224 15.25 -12.45 9.28
N THR A 225 16.01 -12.96 10.25
CA THR A 225 15.85 -14.32 10.74
C THR A 225 16.44 -14.40 12.14
N ALA A 226 16.60 -15.62 12.65
CA ALA A 226 17.24 -15.83 13.93
C ALA A 226 18.68 -16.28 13.73
N PRO A 227 19.59 -15.87 14.60
CA PRO A 227 21.00 -16.27 14.44
C PRO A 227 21.21 -17.78 14.50
N SER A 228 20.40 -18.50 15.28
CA SER A 228 20.59 -19.94 15.42
C SER A 228 20.42 -20.65 14.09
N ALA A 229 19.34 -20.34 13.37
CA ALA A 229 19.06 -20.95 12.08
C ALA A 229 18.43 -19.92 11.15
N ASP A 230 18.82 -19.95 9.88
CA ASP A 230 18.31 -19.01 8.90
C ASP A 230 16.89 -19.38 8.54
N PHE A 231 15.93 -18.87 9.33
CA PHE A 231 14.50 -19.15 9.16
C PHE A 231 13.82 -17.80 8.94
N TRP A 232 13.73 -17.39 7.68
CA TRP A 232 13.33 -16.03 7.35
C TRP A 232 11.85 -15.80 7.69
N HIS A 233 11.54 -14.58 8.14
CA HIS A 233 10.22 -14.27 8.64
C HIS A 233 9.61 -12.99 8.08
N ASP A 234 10.33 -12.24 7.25
CA ASP A 234 9.82 -11.01 6.66
C ASP A 234 10.13 -10.99 5.17
N MET A 235 9.82 -12.11 4.52
CA MET A 235 10.34 -12.42 3.19
C MET A 235 9.88 -11.45 2.11
N ASP A 236 8.84 -10.66 2.38
CA ASP A 236 8.18 -9.89 1.33
C ASP A 236 8.92 -8.62 0.92
N ARG A 237 9.97 -8.22 1.62
CA ARG A 237 10.69 -7.00 1.30
C ARG A 237 11.65 -7.13 0.12
N LEU A 238 11.94 -8.34 -0.35
CA LEU A 238 12.88 -8.53 -1.45
C LEU A 238 12.26 -9.24 -2.64
N VAL A 239 10.98 -9.56 -2.59
CA VAL A 239 10.29 -10.26 -3.68
C VAL A 239 9.08 -9.44 -4.08
N GLU A 240 9.02 -9.05 -5.34
CA GLU A 240 7.90 -8.31 -5.90
C GLU A 240 7.09 -9.22 -6.81
N PHE A 241 5.80 -8.90 -6.97
CA PHE A 241 4.90 -9.68 -7.80
C PHE A 241 4.44 -8.83 -8.98
N SER A 242 4.56 -9.39 -10.18
CA SER A 242 4.18 -8.68 -11.39
C SER A 242 2.65 -8.69 -11.54
N THR A 243 2.17 -8.15 -12.65
CA THR A 243 0.74 -8.05 -12.86
C THR A 243 0.15 -9.44 -13.11
N PRO A 244 -1.01 -9.74 -12.52
CA PRO A 244 -1.70 -11.04 -12.71
C PRO A 244 -2.66 -11.06 -13.90
N HIS A 245 -2.11 -11.25 -15.10
CA HIS A 245 -2.93 -11.21 -16.30
C HIS A 245 -4.00 -12.30 -16.28
N ALA A 246 -3.60 -13.57 -16.32
CA ALA A 246 -4.55 -14.67 -16.28
C ALA A 246 -3.88 -15.99 -15.90
N THR A 247 -4.26 -16.55 -14.75
CA THR A 247 -3.83 -17.87 -14.30
C THR A 247 -2.32 -18.04 -14.31
N LYS A 248 -1.55 -16.94 -14.25
CA LYS A 248 -0.11 -17.00 -14.28
C LYS A 248 0.46 -15.66 -13.85
N GLN A 249 1.50 -15.72 -13.01
CA GLN A 249 2.23 -14.53 -12.58
C GLN A 249 3.71 -14.75 -12.78
N SER A 250 4.48 -13.68 -12.62
CA SER A 250 5.93 -13.73 -12.64
C SER A 250 6.47 -12.99 -11.43
N VAL A 251 7.60 -13.46 -10.92
CA VAL A 251 8.18 -12.94 -9.68
C VAL A 251 9.56 -12.36 -9.99
N TYR A 252 9.85 -11.23 -9.35
CA TYR A 252 11.11 -10.53 -9.55
C TYR A 252 11.68 -10.11 -8.21
N THR A 253 13.00 -10.11 -8.10
CA THR A 253 13.67 -9.65 -6.90
C THR A 253 13.85 -8.14 -6.97
N LEU A 254 14.63 -7.58 -6.03
CA LEU A 254 14.87 -6.14 -5.99
C LEU A 254 16.36 -5.85 -5.85
N GLY A 255 17.21 -6.71 -6.40
CA GLY A 255 18.64 -6.47 -6.39
C GLY A 255 19.34 -7.03 -5.17
N ASP A 256 20.39 -6.34 -4.72
CA ASP A 256 21.18 -6.77 -3.57
C ASP A 256 21.13 -5.81 -2.40
N GLN A 257 20.91 -4.52 -2.64
CA GLN A 257 20.87 -3.48 -1.61
C GLN A 257 22.18 -3.34 -0.86
N GLU A 258 23.24 -4.05 -1.26
CA GLU A 258 24.52 -3.92 -0.59
C GLU A 258 25.09 -2.52 -0.76
N GLY A 259 24.99 -1.97 -1.98
CA GLY A 259 25.45 -0.61 -2.19
C GLY A 259 24.67 0.42 -1.38
N ALA A 260 23.35 0.25 -1.34
CA ALA A 260 22.53 1.17 -0.56
C ALA A 260 22.87 1.08 0.93
N MET A 261 23.09 -0.13 1.43
CA MET A 261 23.46 -0.29 2.84
C MET A 261 24.81 0.33 3.13
N SER A 262 25.80 0.07 2.27
CA SER A 262 27.13 0.65 2.46
C SER A 262 27.12 2.16 2.30
N THR A 263 26.15 2.71 1.58
CA THR A 263 26.04 4.17 1.49
C THR A 263 25.37 4.75 2.72
N ALA A 264 24.28 4.12 3.20
CA ALA A 264 23.58 4.63 4.36
C ALA A 264 24.45 4.54 5.62
N LEU A 265 25.00 3.37 5.90
CA LEU A 265 25.94 3.20 7.01
C LEU A 265 27.39 3.35 6.53
N GLY A 266 27.60 4.43 5.79
CA GLY A 266 28.89 4.71 5.17
C GLY A 266 29.81 5.64 5.91
N ASP A 267 29.48 6.03 7.16
CA ASP A 267 30.31 6.94 7.92
C ASP A 267 30.54 6.48 9.35
N ALA A 268 30.02 5.32 9.74
CA ALA A 268 30.26 4.81 11.08
C ALA A 268 31.70 4.38 11.25
N ALA A 269 32.14 4.29 12.50
CA ALA A 269 33.50 3.90 12.80
C ALA A 269 33.79 2.50 12.27
N VAL A 270 34.64 2.42 11.25
CA VAL A 270 34.92 1.15 10.58
C VAL A 270 35.93 0.42 11.45
N ILE A 271 35.41 -0.41 12.37
CA ILE A 271 36.28 -1.23 13.19
C ILE A 271 36.82 -2.40 12.37
N GLU A 272 37.90 -2.99 12.87
CA GLU A 272 38.54 -4.10 12.17
C GLU A 272 38.01 -5.42 12.73
N TYR A 273 38.60 -6.54 12.29
CA TYR A 273 38.21 -7.85 12.77
C TYR A 273 39.42 -8.77 12.63
N MET A 274 40.11 -9.02 13.74
CA MET A 274 41.27 -9.90 13.76
C MET A 274 40.79 -11.32 13.98
N SER A 275 40.98 -12.18 12.98
CA SER A 275 40.57 -13.57 13.08
C SER A 275 41.48 -14.33 14.05
N SER A 276 41.21 -15.63 14.20
CA SER A 276 41.93 -16.48 15.13
C SER A 276 41.86 -15.91 16.55
N GLY A 277 40.64 -15.77 17.05
CA GLY A 277 40.39 -15.17 18.34
C GLY A 277 39.13 -14.34 18.36
N SER A 278 38.60 -14.04 17.17
CA SER A 278 37.36 -13.29 17.01
C SER A 278 37.41 -11.92 17.69
N LYS A 279 38.58 -11.28 17.66
CA LYS A 279 38.73 -9.96 18.24
C LYS A 279 38.39 -8.87 17.22
N VAL A 280 37.87 -7.76 17.72
CA VAL A 280 37.56 -6.60 16.89
C VAL A 280 38.21 -5.37 17.52
N VAL A 281 38.91 -4.58 16.71
CA VAL A 281 39.65 -3.43 17.20
C VAL A 281 38.81 -2.18 17.03
N PHE A 282 38.62 -1.44 18.12
CA PHE A 282 37.68 -0.33 18.15
C PHE A 282 38.25 0.95 17.53
N ARG A 283 39.53 1.23 17.79
CA ARG A 283 40.27 2.35 17.20
C ARG A 283 39.57 3.70 17.37
N THR A 284 38.64 3.81 18.34
CA THR A 284 37.89 5.07 18.46
C THR A 284 37.91 5.66 19.85
N GLY A 285 37.88 4.83 20.90
CA GLY A 285 37.68 5.33 22.25
C GLY A 285 38.93 5.89 22.89
N PHE A 286 38.78 6.30 24.14
CA PHE A 286 39.83 6.95 24.93
C PHE A 286 40.15 6.11 26.16
N LEU A 287 41.05 6.64 27.00
CA LEU A 287 41.40 6.04 28.28
C LEU A 287 42.05 7.07 29.17
N LYS A 288 41.44 7.38 30.32
CA LYS A 288 41.89 8.46 31.19
C LYS A 288 42.64 7.86 32.39
N CYS A 289 43.90 7.52 32.18
CA CYS A 289 44.65 6.89 33.24
C CYS A 289 45.30 7.97 34.12
N ARG A 290 45.48 7.64 35.40
CA ARG A 290 46.08 8.56 36.36
C ARG A 290 47.40 7.94 36.83
N VAL A 291 48.51 8.53 36.40
CA VAL A 291 49.82 8.04 36.80
C VAL A 291 50.14 8.53 38.21
N LYS A 292 50.47 7.61 39.09
CA LYS A 292 50.82 7.92 40.48
C LYS A 292 52.32 7.77 40.61
N MET A 293 53.05 8.87 40.43
CA MET A 293 54.51 8.85 40.41
C MET A 293 55.03 9.05 41.82
N GLU A 294 54.95 7.98 42.62
CA GLU A 294 55.44 7.98 43.99
C GLU A 294 56.77 7.25 44.14
N ASN A 295 56.96 6.14 43.42
CA ASN A 295 58.19 5.36 43.48
C ASN A 295 59.08 5.57 42.27
N LEU A 296 58.94 6.70 41.60
CA LEU A 296 59.73 7.01 40.41
C LEU A 296 61.05 7.63 40.85
N ARG A 297 62.14 6.85 40.76
CA ARG A 297 63.45 7.30 41.20
C ARG A 297 64.45 7.14 40.06
N LEU A 298 65.44 8.04 40.05
CA LEU A 298 66.48 7.98 39.04
C LEU A 298 67.32 6.72 39.22
N LYS A 299 67.75 6.14 38.10
CA LYS A 299 68.54 4.92 38.16
C LYS A 299 69.98 5.22 38.55
N GLY A 300 70.67 6.04 37.77
CA GLY A 300 72.05 6.37 38.06
C GLY A 300 72.23 7.77 38.60
N SER A 301 72.48 7.88 39.90
CA SER A 301 72.76 9.16 40.54
C SER A 301 74.08 9.19 41.28
N THR A 302 74.66 8.04 41.59
CA THR A 302 75.98 7.97 42.20
C THR A 302 77.10 7.78 41.19
N TYR A 303 76.78 7.69 39.91
CA TYR A 303 77.79 7.53 38.87
C TYR A 303 78.53 8.84 38.64
N MET A 304 79.78 8.73 38.22
CA MET A 304 80.57 9.91 37.92
C MET A 304 80.30 10.39 36.49
N GLN A 305 80.65 11.65 36.24
CA GLN A 305 80.43 12.24 34.93
C GLN A 305 81.28 11.58 33.87
N CYS A 306 80.79 11.59 32.64
CA CYS A 306 81.56 11.10 31.50
C CYS A 306 82.57 12.16 31.08
N SER A 307 83.85 11.78 31.04
CA SER A 307 84.93 12.72 30.79
C SER A 307 85.34 12.79 29.33
N LYS A 308 85.50 11.63 28.68
CA LYS A 308 86.05 11.58 27.34
C LYS A 308 84.99 11.99 26.31
N GLU A 309 85.30 11.85 25.03
CA GLU A 309 84.49 12.37 23.94
C GLU A 309 83.60 11.29 23.34
N PHE A 310 82.51 11.74 22.73
CA PHE A 310 81.53 10.88 22.08
C PHE A 310 81.73 10.86 20.58
N SER A 311 81.05 9.92 19.92
CA SER A 311 80.99 9.85 18.47
C SER A 311 79.55 10.04 18.02
N ILE A 312 79.33 10.95 17.09
CA ILE A 312 77.99 11.32 16.68
C ILE A 312 77.50 10.37 15.60
N LEU A 313 76.25 9.93 15.76
CA LEU A 313 75.55 9.13 14.76
C LEU A 313 74.17 9.71 14.57
N LYS A 314 73.65 9.64 13.35
CA LYS A 314 72.33 10.19 13.02
C LYS A 314 72.26 11.66 13.41
N ARG A 315 73.05 12.46 12.68
CA ARG A 315 73.21 13.90 12.87
C ARG A 315 71.86 14.55 13.19
N PRO A 316 71.82 15.50 14.11
CA PRO A 316 70.53 16.01 14.62
C PRO A 316 69.57 16.41 13.51
N THR A 317 68.33 15.94 13.63
CA THR A 317 67.26 16.22 12.68
C THR A 317 66.03 16.69 13.45
N ALA A 318 65.31 17.64 12.85
CA ALA A 318 64.13 18.20 13.48
C ALA A 318 62.95 17.22 13.40
N THR A 319 62.11 17.26 14.41
CA THR A 319 60.89 16.47 14.49
C THR A 319 59.70 17.32 14.06
N PRO A 320 58.58 16.68 13.69
CA PRO A 320 57.40 17.47 13.27
C PRO A 320 56.95 18.47 14.32
N TYR A 321 57.05 18.13 15.61
CA TYR A 321 56.71 19.10 16.65
C TYR A 321 57.73 20.23 16.69
N GLY A 322 59.01 19.92 16.50
CA GLY A 322 60.05 20.93 16.55
C GLY A 322 61.09 20.69 17.63
N THR A 323 61.34 19.43 17.96
CA THR A 323 62.31 19.04 18.96
C THR A 323 63.46 18.30 18.28
N VAL A 324 64.69 18.66 18.64
CA VAL A 324 65.87 18.02 18.06
C VAL A 324 65.97 16.57 18.55
N ILE A 325 66.58 15.74 17.72
CA ILE A 325 66.82 14.33 18.06
C ILE A 325 68.24 13.98 17.64
N MET A 326 69.01 13.42 18.57
CA MET A 326 70.38 13.00 18.31
C MET A 326 70.56 11.56 18.77
N GLN A 327 71.70 10.98 18.39
CA GLN A 327 72.07 9.63 18.85
C GLN A 327 73.59 9.59 18.95
N VAL A 328 74.12 9.88 20.13
CA VAL A 328 75.55 9.84 20.37
C VAL A 328 75.93 8.47 20.92
N LYS A 329 77.20 8.13 20.78
CA LYS A 329 77.71 6.84 21.24
C LYS A 329 79.01 7.05 22.00
N TYR A 330 79.32 6.10 22.87
CA TYR A 330 80.50 6.14 23.72
C TYR A 330 81.38 4.94 23.38
N ALA A 331 82.70 5.16 23.35
CA ALA A 331 83.63 4.13 22.95
C ALA A 331 84.74 3.86 23.95
N GLN A 332 84.85 4.64 25.01
CA GLN A 332 85.94 4.49 25.96
C GLN A 332 85.49 3.61 27.14
N THR A 333 86.33 3.50 28.16
CA THR A 333 86.16 2.49 29.19
C THR A 333 85.83 3.07 30.57
N ASP A 334 85.45 4.34 30.65
CA ASP A 334 85.04 4.94 31.92
C ASP A 334 83.52 4.89 32.08
N VAL A 335 83.00 3.66 32.13
CA VAL A 335 81.56 3.43 32.20
C VAL A 335 81.26 2.54 33.40
N PRO A 336 80.06 2.63 33.99
CA PRO A 336 78.93 3.50 33.65
C PRO A 336 79.17 4.96 34.04
N CYS A 337 78.49 5.89 33.37
CA CYS A 337 78.66 7.31 33.65
C CYS A 337 77.43 8.06 33.18
N ARG A 338 77.27 9.28 33.68
CA ARG A 338 76.15 10.13 33.34
C ARG A 338 76.58 11.18 32.32
N VAL A 339 75.91 11.21 31.18
CA VAL A 339 76.30 12.10 30.07
C VAL A 339 75.82 13.51 30.39
N PRO A 340 76.68 14.52 30.31
CA PRO A 340 76.23 15.90 30.50
C PRO A 340 75.69 16.50 29.21
N VAL A 341 74.56 17.19 29.33
CA VAL A 341 73.89 17.80 28.18
C VAL A 341 73.52 19.23 28.55
N GLY A 342 73.78 20.15 27.64
CA GLY A 342 73.47 21.56 27.88
C GLY A 342 72.94 22.22 26.63
N VAL A 343 72.11 23.24 26.84
CA VAL A 343 71.51 24.00 25.75
C VAL A 343 71.65 25.49 26.05
N HIS A 344 72.59 26.15 25.38
CA HIS A 344 72.87 27.55 25.59
C HIS A 344 72.55 28.35 24.33
N GLU A 345 72.36 29.65 24.49
CA GLU A 345 72.13 30.51 23.34
C GLU A 345 73.44 30.84 22.61
N ARG A 346 74.57 30.67 23.28
CA ARG A 346 75.89 30.87 22.71
C ARG A 346 76.85 29.89 23.36
N PRO A 347 77.87 29.43 22.64
CA PRO A 347 78.87 28.55 23.25
C PRO A 347 79.51 29.20 24.47
N GLY A 348 79.28 28.64 25.65
CA GLY A 348 79.73 29.26 26.87
C GLY A 348 78.80 30.35 27.35
N GLY A 349 77.50 30.07 27.36
CA GLY A 349 76.50 31.02 27.80
C GLY A 349 75.53 30.37 28.77
N GLU A 350 74.58 31.17 29.24
CA GLU A 350 73.61 30.68 30.20
C GLU A 350 72.68 29.66 29.56
N GLN A 351 72.10 28.80 30.39
CA GLN A 351 71.23 27.74 29.91
C GLN A 351 69.88 28.32 29.53
N VAL A 352 69.43 28.01 28.31
CA VAL A 352 68.15 28.47 27.80
C VAL A 352 67.45 27.29 27.14
N GLY A 353 66.13 27.39 27.01
CA GLY A 353 65.34 26.33 26.44
C GLY A 353 65.05 25.23 27.45
N ARG A 354 64.46 24.15 26.94
CA ARG A 354 64.06 23.02 27.77
C ARG A 354 64.72 21.75 27.25
N ILE A 355 65.17 20.92 28.19
CA ILE A 355 65.78 19.62 27.88
C ILE A 355 64.77 18.54 28.22
N ILE A 356 64.56 17.61 27.29
CA ILE A 356 63.49 16.63 27.43
C ILE A 356 63.98 15.41 28.21
N THR A 357 65.10 14.83 27.77
CA THR A 357 65.62 13.67 28.48
C THR A 357 66.11 14.06 29.87
N ALA A 358 66.05 13.12 30.80
CA ALA A 358 66.33 13.43 32.20
C ALA A 358 67.79 13.17 32.57
N HIS A 359 68.25 11.93 32.40
CA HIS A 359 69.59 11.54 32.82
C HIS A 359 70.12 10.51 31.84
N PRO A 360 70.87 10.96 30.85
CA PRO A 360 71.39 10.00 29.84
C PRO A 360 72.55 9.17 30.36
N ILE A 361 72.25 8.14 31.15
CA ILE A 361 73.26 7.25 31.71
C ILE A 361 73.52 6.09 30.76
N ILE A 362 74.71 5.48 30.87
CA ILE A 362 75.31 4.69 29.79
C ILE A 362 75.26 3.19 30.08
N LEU A 363 76.01 2.72 31.08
CA LEU A 363 76.08 1.34 31.60
C LEU A 363 76.90 0.33 30.80
N GLN A 364 77.53 0.69 29.68
CA GLN A 364 78.33 -0.30 28.95
C GLN A 364 79.38 0.41 28.09
N GLN A 365 80.12 -0.38 27.32
CA GLN A 365 81.27 0.11 26.57
C GLN A 365 80.85 0.90 25.33
N ASN A 366 80.15 0.25 24.41
CA ASN A 366 79.71 0.87 23.15
C ASN A 366 78.19 0.85 23.10
N ASP A 367 77.57 1.98 23.47
CA ASP A 367 76.12 2.11 23.50
C ASP A 367 75.69 3.35 22.75
N ALA A 368 74.59 3.23 22.01
CA ALA A 368 73.94 4.35 21.36
C ALA A 368 72.94 4.99 22.32
N LEU A 369 72.90 6.31 22.31
CA LEU A 369 72.12 7.08 23.29
C LEU A 369 71.30 8.12 22.55
N VAL A 370 69.98 7.96 22.54
CA VAL A 370 69.10 8.92 21.88
C VAL A 370 68.85 10.09 22.82
N ILE A 371 69.12 11.30 22.33
CA ILE A 371 68.98 12.52 23.12
C ILE A 371 68.01 13.45 22.39
N GLU A 372 67.01 13.94 23.11
CA GLU A 372 66.03 14.87 22.57
C GLU A 372 66.13 16.20 23.31
N VAL A 373 66.03 17.29 22.56
CA VAL A 373 66.18 18.63 23.11
C VAL A 373 65.19 19.56 22.42
N GLU A 374 64.55 20.43 23.20
CA GLU A 374 63.64 21.44 22.65
C GLU A 374 64.30 22.80 22.72
N PRO A 375 64.83 23.32 21.61
CA PRO A 375 65.56 24.59 21.66
C PRO A 375 64.61 25.76 21.62
N PRO A 376 65.08 26.97 21.93
CA PRO A 376 64.25 28.17 21.81
C PRO A 376 64.13 28.60 20.36
N PHE A 377 63.31 29.64 20.14
CA PHE A 377 63.01 30.08 18.79
C PHE A 377 64.23 30.69 18.11
N GLY A 378 65.05 31.44 18.86
CA GLY A 378 66.22 32.06 18.30
C GLY A 378 67.36 31.07 18.11
N ASP A 379 68.52 31.61 17.77
CA ASP A 379 69.70 30.77 17.61
C ASP A 379 70.14 30.20 18.96
N SER A 380 70.65 28.98 18.91
CA SER A 380 71.09 28.30 20.12
C SER A 380 72.08 27.21 19.73
N VAL A 381 72.84 26.76 20.73
CA VAL A 381 73.84 25.72 20.54
C VAL A 381 73.54 24.56 21.49
N ILE A 382 73.61 23.34 20.97
CA ILE A 382 73.34 22.14 21.74
C ILE A 382 74.69 21.49 22.02
N GLU A 383 75.13 21.56 23.28
CA GLU A 383 76.44 21.09 23.68
C GLU A 383 76.32 19.79 24.45
N ILE A 384 77.01 18.75 23.96
CA ILE A 384 77.09 17.46 24.63
C ILE A 384 78.56 17.16 24.87
N GLY A 385 78.91 16.84 26.12
CA GLY A 385 80.28 16.57 26.49
C GLY A 385 80.71 17.39 27.70
N LEU A 386 81.89 17.05 28.19
CA LEU A 386 82.42 17.66 29.41
C LEU A 386 83.68 18.47 29.15
N GLY A 387 84.70 17.88 28.53
CA GLY A 387 85.99 18.54 28.40
C GLY A 387 86.12 19.41 27.17
N THR A 388 87.33 19.44 26.59
CA THR A 388 87.62 20.27 25.43
C THR A 388 87.14 19.66 24.13
N THR A 389 86.78 18.37 24.12
CA THR A 389 86.29 17.68 22.92
C THR A 389 84.81 17.37 23.15
N LYS A 390 83.96 18.32 22.79
CA LYS A 390 82.53 18.22 23.00
C LYS A 390 81.78 18.48 21.70
N ILE A 391 80.63 17.83 21.56
CA ILE A 391 79.76 18.03 20.41
C ILE A 391 79.05 19.37 20.58
N VAL A 392 79.18 20.24 19.57
CA VAL A 392 78.77 21.63 19.72
C VAL A 392 77.82 22.07 18.61
N GLU A 393 77.04 21.12 18.08
CA GLU A 393 76.10 21.43 17.02
C GLU A 393 75.10 22.49 17.47
N GLN A 394 74.75 23.39 16.56
CA GLN A 394 73.85 24.51 16.83
C GLN A 394 72.65 24.45 15.89
N TRP A 395 71.56 25.10 16.31
CA TRP A 395 70.33 25.07 15.54
C TRP A 395 69.64 26.43 15.59
N HIS A 396 68.85 26.71 14.55
CA HIS A 396 68.11 27.95 14.41
C HIS A 396 66.67 27.83 14.90
N ARG A 397 65.92 26.87 14.36
CA ARG A 397 64.50 26.68 14.67
C ARG A 397 63.71 27.95 14.35
N ASP A 398 63.69 28.27 13.05
CA ASP A 398 63.05 29.48 12.55
C ASP A 398 61.55 29.42 12.80
N GLY A 399 61.07 30.22 13.74
CA GLY A 399 59.65 30.28 14.04
C GLY A 399 59.36 31.42 15.00
N SER A 400 58.10 31.83 15.02
CA SER A 400 57.68 32.90 15.90
C SER A 400 57.02 32.34 17.16
N SER A 401 56.93 33.18 18.19
CA SER A 401 56.31 32.79 19.45
C SER A 401 54.80 33.01 19.43
N ILE A 402 54.35 34.14 18.87
CA ILE A 402 52.92 34.38 18.73
C ILE A 402 52.29 33.33 17.82
N GLY A 403 53.02 32.93 16.78
CA GLY A 403 52.54 31.84 15.93
C GLY A 403 52.43 30.53 16.71
N ALA A 404 53.39 30.27 17.60
CA ALA A 404 53.31 29.06 18.42
C ALA A 404 52.10 29.11 19.34
N ALA A 405 51.83 30.27 19.94
CA ALA A 405 50.66 30.40 20.80
C ALA A 405 49.37 30.21 20.01
N PHE A 406 49.31 30.76 18.80
CA PHE A 406 48.14 30.58 17.95
C PHE A 406 47.93 29.12 17.57
N THR A 407 49.02 28.43 17.24
CA THR A 407 48.92 27.00 16.92
C THR A 407 48.47 26.20 18.13
N SER A 408 48.97 26.57 19.32
CA SER A 408 48.54 25.89 20.54
C SER A 408 47.05 26.10 20.79
N THR A 409 46.57 27.33 20.59
CA THR A 409 45.15 27.60 20.76
C THR A 409 44.31 26.82 19.74
N MET A 410 44.77 26.76 18.49
CA MET A 410 44.03 26.03 17.47
C MET A 410 43.98 24.54 17.77
N LYS A 411 45.12 23.95 18.16
CA LYS A 411 45.11 22.52 18.48
C LYS A 411 44.30 22.24 19.74
N GLY A 412 44.28 23.17 20.69
CA GLY A 412 43.41 23.00 21.84
C GLY A 412 41.94 22.99 21.44
N VAL A 413 41.50 24.02 20.72
CA VAL A 413 40.11 24.09 20.29
C VAL A 413 39.76 22.93 19.36
N GLU A 414 40.75 22.29 18.74
CA GLU A 414 40.50 21.09 17.96
C GLU A 414 40.30 19.88 18.87
N ARG A 415 41.24 19.64 19.78
CA ARG A 415 41.29 18.40 20.54
C ARG A 415 40.57 18.47 21.88
N MET A 416 41.00 19.34 22.80
CA MET A 416 40.43 19.30 24.14
C MET A 416 39.03 19.91 24.16
N ALA A 417 38.74 20.86 23.28
CA ALA A 417 37.40 21.44 23.22
C ALA A 417 36.34 20.41 22.88
N LEU A 418 36.73 19.28 22.29
CA LEU A 418 35.82 18.17 22.06
C LEU A 418 35.66 17.37 23.35
N LEU A 419 35.05 16.18 23.23
CA LEU A 419 34.89 15.19 24.29
C LEU A 419 33.93 15.64 25.40
N GLY A 420 33.37 16.85 25.32
CA GLY A 420 32.40 17.29 26.30
C GLY A 420 32.98 17.51 27.68
N GLU A 421 32.66 16.59 28.60
CA GLU A 421 33.12 16.71 29.98
C GLU A 421 34.65 16.71 30.05
N HIS A 422 35.29 15.89 29.24
CA HIS A 422 36.73 15.66 29.26
C HIS A 422 37.54 16.88 28.81
N ALA A 423 36.88 17.99 28.53
CA ALA A 423 37.57 19.18 28.03
C ALA A 423 38.55 19.74 29.06
N TRP A 424 38.08 19.93 30.30
CA TRP A 424 38.89 20.52 31.35
C TRP A 424 39.54 19.47 32.25
N ASP A 425 39.82 18.28 31.71
CA ASP A 425 40.39 17.18 32.48
C ASP A 425 41.85 16.93 32.12
N PHE A 426 42.57 17.95 31.65
CA PHE A 426 43.97 17.79 31.33
C PHE A 426 44.88 17.92 32.55
N GLY A 427 44.33 18.36 33.68
CA GLY A 427 45.13 18.52 34.88
C GLY A 427 44.27 18.93 36.05
N SER A 428 44.94 19.36 37.12
CA SER A 428 44.28 19.81 38.34
C SER A 428 44.54 21.30 38.51
N VAL A 429 43.46 22.08 38.54
CA VAL A 429 43.54 23.53 38.74
C VAL A 429 42.62 23.90 39.90
N GLY A 430 43.13 24.70 40.82
CA GLY A 430 42.37 25.10 41.99
C GLY A 430 41.36 26.19 41.65
N GLY A 431 40.72 26.68 42.72
CA GLY A 431 39.73 27.73 42.56
C GLY A 431 38.39 27.24 42.06
N PHE A 432 38.07 25.96 42.22
CA PHE A 432 36.82 25.34 41.83
C PHE A 432 36.55 25.40 40.33
N PHE A 433 37.56 25.78 39.53
CA PHE A 433 37.35 25.99 38.10
C PHE A 433 36.91 24.71 37.42
N ASN A 434 37.75 23.67 37.47
CA ASN A 434 37.45 22.43 36.77
C ASN A 434 36.23 21.74 37.37
N SER A 435 36.07 21.79 38.69
CA SER A 435 34.93 21.15 39.33
C SER A 435 33.62 21.78 38.87
N MET A 436 33.56 23.12 38.84
CA MET A 436 32.36 23.78 38.35
C MET A 436 32.15 23.55 36.87
N GLY A 437 33.23 23.49 36.09
CA GLY A 437 33.09 23.16 34.68
C GLY A 437 32.46 21.81 34.45
N LYS A 438 32.94 20.80 35.17
CA LYS A 438 32.35 19.47 35.08
C LYS A 438 30.91 19.47 35.57
N ALA A 439 30.63 20.20 36.65
CA ALA A 439 29.27 20.23 37.20
C ALA A 439 28.29 20.81 36.20
N ILE A 440 28.65 21.91 35.53
CA ILE A 440 27.75 22.49 34.55
C ILE A 440 27.68 21.64 33.29
N HIS A 441 28.81 21.08 32.87
CA HIS A 441 28.83 20.28 31.65
C HIS A 441 28.08 18.96 31.81
N SER A 442 27.91 18.48 33.05
CA SER A 442 27.11 17.27 33.24
C SER A 442 25.69 17.46 32.70
N VAL A 443 25.01 18.52 33.14
CA VAL A 443 23.68 18.79 32.62
C VAL A 443 23.74 19.31 31.19
N PHE A 444 24.82 20.01 30.83
CA PHE A 444 24.95 20.51 29.46
C PHE A 444 25.04 19.36 28.46
N GLY A 445 25.57 18.22 28.87
CA GLY A 445 25.63 17.05 28.02
C GLY A 445 24.41 16.16 28.18
N GLY A 446 23.79 16.22 29.37
CA GLY A 446 22.55 15.49 29.55
C GLY A 446 21.42 16.02 28.69
N LEU A 447 21.33 17.33 28.56
CA LEU A 447 20.29 17.97 27.75
C LEU A 447 20.93 18.92 26.75
N PHE A 448 20.29 19.03 25.58
CA PHE A 448 20.62 19.95 24.49
C PHE A 448 21.86 19.51 23.70
N ARG A 449 22.54 18.46 24.11
CA ARG A 449 23.71 17.96 23.38
C ARG A 449 23.53 16.54 22.89
N ALA A 450 23.07 15.62 23.74
CA ALA A 450 22.89 14.23 23.37
C ALA A 450 21.45 13.77 23.52
N VAL A 451 20.51 14.70 23.72
CA VAL A 451 19.11 14.31 23.87
C VAL A 451 18.46 13.98 22.53
N PHE A 452 18.99 14.49 21.43
CA PHE A 452 18.44 14.24 20.10
C PHE A 452 19.57 14.04 19.11
N GLY A 453 19.24 13.46 17.97
CA GLY A 453 20.23 13.18 16.95
C GLY A 453 19.61 13.15 15.56
N GLY A 454 20.46 12.92 14.57
CA GLY A 454 20.02 12.91 13.18
C GLY A 454 20.65 14.02 12.37
N MET A 455 21.88 14.41 12.73
CA MET A 455 22.54 15.57 12.17
C MET A 455 23.78 15.14 11.40
N SER A 456 23.94 15.68 10.19
CA SER A 456 25.09 15.42 9.34
C SER A 456 25.79 16.75 9.02
N TRP A 457 26.79 16.68 8.13
CA TRP A 457 27.60 17.87 7.86
C TRP A 457 26.85 18.89 7.01
N ILE A 458 26.10 18.43 6.00
CA ILE A 458 25.35 19.37 5.18
C ILE A 458 24.23 20.00 6.00
N SER A 459 23.60 19.23 6.90
CA SER A 459 22.62 19.82 7.80
C SER A 459 23.27 20.81 8.75
N LYS A 460 24.47 20.48 9.23
CA LYS A 460 25.22 21.40 10.09
C LYS A 460 25.42 22.74 9.40
N VAL A 461 25.93 22.71 8.16
CA VAL A 461 26.24 23.96 7.48
C VAL A 461 24.97 24.73 7.13
N LEU A 462 23.90 24.02 6.71
CA LEU A 462 22.66 24.71 6.38
C LEU A 462 22.06 25.39 7.60
N ILE A 463 21.93 24.65 8.70
CA ILE A 463 21.35 25.22 9.93
C ILE A 463 22.24 26.31 10.49
N GLY A 464 23.57 26.15 10.41
CA GLY A 464 24.45 27.20 10.88
C GLY A 464 24.29 28.48 10.09
N ALA A 465 24.21 28.37 8.77
CA ALA A 465 24.01 29.55 7.93
C ALA A 465 22.68 30.22 8.25
N ILE A 466 21.64 29.41 8.45
CA ILE A 466 20.36 29.96 8.91
C ILE A 466 20.57 30.71 10.22
N LEU A 467 21.43 30.17 11.10
CA LEU A 467 21.64 30.77 12.42
C LEU A 467 22.32 32.13 12.31
N MET A 468 23.41 32.24 11.54
CA MET A 468 24.04 33.56 11.41
C MET A 468 23.11 34.54 10.72
N TRP A 469 22.36 34.10 9.70
CA TRP A 469 21.45 35.03 9.04
C TRP A 469 20.39 35.54 10.01
N LEU A 470 19.79 34.65 10.80
CA LEU A 470 18.76 35.06 11.75
C LEU A 470 19.32 35.83 12.93
N GLY A 471 20.60 35.67 13.24
CA GLY A 471 21.21 36.42 14.31
C GLY A 471 21.61 37.82 13.88
N VAL A 472 22.14 37.95 12.67
CA VAL A 472 22.44 39.27 12.13
C VAL A 472 21.16 40.06 11.92
N SER A 473 20.13 39.40 11.37
CA SER A 473 18.82 40.04 11.19
C SER A 473 17.92 39.75 12.40
N ALA A 474 18.36 40.23 13.57
CA ALA A 474 17.66 39.99 14.81
C ALA A 474 17.50 41.29 15.59
N ARG A 475 16.48 41.32 16.44
CA ARG A 475 16.20 42.45 17.32
C ARG A 475 16.06 41.92 18.74
N GLU A 476 15.91 42.83 19.70
CA GLU A 476 15.77 42.56 21.13
C GLU A 476 17.05 42.01 21.76
N LYS A 477 18.19 42.13 21.06
CA LYS A 477 19.50 41.70 21.57
C LYS A 477 19.48 40.22 21.98
N THR A 478 18.96 39.38 21.09
CA THR A 478 18.97 37.95 21.34
C THR A 478 20.36 37.33 21.18
N LEU A 479 21.33 38.08 20.65
CA LEU A 479 22.69 37.56 20.54
C LEU A 479 23.29 37.28 21.90
N ALA A 480 22.83 37.99 22.94
CA ALA A 480 23.33 37.73 24.29
C ALA A 480 22.99 36.32 24.75
N MET A 481 21.77 35.87 24.47
CA MET A 481 21.38 34.51 24.78
C MET A 481 21.78 33.51 23.69
N SER A 482 22.20 34.00 22.52
CA SER A 482 22.60 33.12 21.43
C SER A 482 24.08 32.76 21.47
N LEU A 483 24.92 33.61 22.09
CA LEU A 483 26.36 33.32 22.14
C LEU A 483 26.65 32.05 22.91
N ILE A 484 25.89 31.78 23.98
CA ILE A 484 26.03 30.53 24.69
C ILE A 484 25.62 29.36 23.81
N THR A 485 24.52 29.52 23.07
CA THR A 485 24.04 28.44 22.20
C THR A 485 25.00 28.19 21.05
N VAL A 486 25.19 29.19 20.19
CA VAL A 486 26.10 29.11 19.05
C VAL A 486 26.94 30.37 19.03
N GLY A 487 28.26 30.21 19.12
CA GLY A 487 29.15 31.36 19.12
C GLY A 487 30.25 31.26 18.07
N ALA A 488 31.49 31.53 18.48
CA ALA A 488 32.62 31.45 17.57
C ALA A 488 33.32 30.09 17.61
N ILE A 489 33.46 29.51 18.81
CA ILE A 489 34.08 28.20 18.92
C ILE A 489 33.22 27.14 18.23
N LEU A 490 31.90 27.21 18.41
CA LEU A 490 31.03 26.25 17.75
C LEU A 490 30.99 26.47 16.23
N LEU A 491 31.10 27.73 15.79
CA LEU A 491 31.20 27.99 14.36
C LEU A 491 32.49 27.40 13.77
N TYR A 492 33.60 27.53 14.49
CA TYR A 492 34.84 26.90 14.07
C TYR A 492 34.70 25.39 14.02
N LEU A 493 34.04 24.81 15.03
CA LEU A 493 33.81 23.38 15.06
C LEU A 493 32.98 22.92 13.86
N SER A 494 31.95 23.69 13.49
CA SER A 494 31.13 23.35 12.34
C SER A 494 31.89 23.52 11.03
N THR A 495 32.77 24.51 10.94
CA THR A 495 33.44 24.78 9.67
C THR A 495 34.64 23.86 9.44
N MET A 496 35.64 23.93 10.33
CA MET A 496 36.92 23.26 10.08
C MET A 496 36.97 21.87 10.68
N THR A 497 36.81 21.76 12.00
CA THR A 497 36.93 20.47 12.66
C THR A 497 35.64 19.66 12.46
N ASN A 498 35.60 18.49 13.10
CA ASN A 498 34.46 17.57 12.99
C ASN A 498 34.14 17.25 11.53
N ALA A 499 35.19 17.05 10.75
CA ALA A 499 35.03 16.75 9.32
C ALA A 499 35.47 15.31 9.01
N SER B 1 -54.34 -21.03 -4.97
CA SER B 1 -55.50 -21.80 -4.59
C SER B 1 -56.61 -20.88 -4.10
N GLN B 2 -57.50 -21.42 -3.26
CA GLN B 2 -58.58 -20.63 -2.71
C GLN B 2 -58.03 -19.49 -1.85
N CYS B 3 -58.60 -18.30 -2.03
CA CYS B 3 -58.15 -17.10 -1.34
C CYS B 3 -59.22 -16.57 -0.40
N SER B 4 -59.87 -17.46 0.35
CA SER B 4 -60.95 -17.07 1.24
C SER B 4 -60.45 -16.73 2.64
N GLY B 5 -59.58 -17.57 3.22
CA GLY B 5 -59.17 -17.40 4.60
C GLY B 5 -58.20 -16.27 4.84
N ILE B 6 -57.41 -15.88 3.83
CA ILE B 6 -56.40 -14.84 3.99
C ILE B 6 -57.09 -13.48 4.09
N ASP B 7 -56.53 -12.62 4.94
CA ASP B 7 -57.06 -11.28 5.15
C ASP B 7 -56.35 -10.22 4.33
N LYS B 8 -55.06 -10.41 4.03
CA LYS B 8 -54.31 -9.51 3.17
C LYS B 8 -54.62 -9.90 1.72
N ARG B 9 -55.81 -9.52 1.27
CA ARG B 9 -56.30 -9.89 -0.05
C ARG B 9 -56.55 -8.64 -0.87
N ASP B 10 -56.22 -8.71 -2.16
CA ASP B 10 -56.44 -7.63 -3.10
C ASP B 10 -57.52 -8.02 -4.09
N PHE B 11 -58.41 -7.08 -4.38
CA PHE B 11 -59.48 -7.28 -5.36
C PHE B 11 -59.21 -6.37 -6.55
N ILE B 12 -59.04 -6.97 -7.73
CA ILE B 12 -58.79 -6.23 -8.96
C ILE B 12 -60.03 -6.32 -9.83
N GLN B 13 -60.54 -5.18 -10.27
CA GLN B 13 -61.78 -5.13 -11.04
C GLN B 13 -61.58 -5.51 -12.50
N GLY B 14 -60.34 -5.72 -12.94
CA GLY B 14 -60.06 -6.06 -14.32
C GLY B 14 -60.08 -4.83 -15.22
N VAL B 15 -59.77 -5.07 -16.49
CA VAL B 15 -59.71 -4.01 -17.50
C VAL B 15 -60.73 -4.32 -18.58
N SER B 16 -61.57 -3.33 -18.88
CA SER B 16 -62.59 -3.51 -19.91
C SER B 16 -61.98 -3.53 -21.30
N GLY B 17 -61.07 -2.61 -21.59
CA GLY B 17 -60.47 -2.51 -22.91
C GLY B 17 -59.53 -3.65 -23.22
N GLY B 18 -58.40 -3.72 -22.49
CA GLY B 18 -57.45 -4.78 -22.71
C GLY B 18 -57.84 -6.08 -22.05
N THR B 19 -57.01 -7.10 -22.27
CA THR B 19 -57.18 -8.42 -21.65
C THR B 19 -56.07 -8.75 -20.67
N TRP B 20 -55.35 -7.73 -20.19
CA TRP B 20 -54.21 -7.93 -19.30
C TRP B 20 -54.28 -6.97 -18.12
N VAL B 21 -53.88 -7.46 -16.95
CA VAL B 21 -53.72 -6.64 -15.77
C VAL B 21 -52.46 -7.08 -15.03
N ASP B 22 -51.68 -6.10 -14.57
CA ASP B 22 -50.40 -6.36 -13.91
C ASP B 22 -50.64 -6.55 -12.42
N VAL B 23 -50.19 -7.68 -11.89
CA VAL B 23 -50.34 -7.99 -10.48
C VAL B 23 -48.96 -8.13 -9.86
N VAL B 24 -48.88 -7.89 -8.55
CA VAL B 24 -47.67 -8.06 -7.77
C VAL B 24 -48.03 -8.97 -6.60
N LEU B 25 -47.30 -10.08 -6.46
CA LEU B 25 -47.67 -11.11 -5.50
C LEU B 25 -46.69 -11.15 -4.33
N ASP B 26 -47.24 -11.37 -3.14
CA ASP B 26 -46.48 -11.59 -1.93
C ASP B 26 -46.76 -13.01 -1.42
N ARG B 27 -45.82 -13.54 -0.64
CA ARG B 27 -45.96 -14.92 -0.17
C ARG B 27 -47.21 -15.09 0.67
N LYS B 28 -47.65 -14.03 1.36
CA LYS B 28 -48.88 -14.08 2.13
C LYS B 28 -50.07 -13.42 1.44
N GLY B 29 -49.83 -12.52 0.48
CA GLY B 29 -50.91 -11.85 -0.18
C GLY B 29 -51.55 -12.68 -1.28
N CYS B 30 -52.74 -12.24 -1.68
CA CYS B 30 -53.49 -12.89 -2.75
C CYS B 30 -54.32 -11.84 -3.48
N VAL B 31 -54.55 -12.06 -4.77
CA VAL B 31 -55.32 -11.14 -5.59
C VAL B 31 -56.42 -11.91 -6.30
N THR B 32 -57.51 -11.21 -6.60
CA THR B 32 -58.65 -11.79 -7.32
C THR B 32 -58.84 -11.01 -8.61
N ILE B 33 -58.84 -11.72 -9.74
CA ILE B 33 -58.97 -11.13 -11.06
C ILE B 33 -60.36 -11.45 -11.57
N SER B 34 -61.12 -10.42 -11.94
CA SER B 34 -62.49 -10.59 -12.41
C SER B 34 -62.74 -9.60 -13.54
N ALA B 35 -62.69 -10.10 -14.78
CA ALA B 35 -63.00 -9.28 -15.94
C ALA B 35 -64.50 -9.31 -16.19
N THR B 36 -64.93 -8.75 -17.33
CA THR B 36 -66.33 -8.74 -17.72
C THR B 36 -66.55 -9.78 -18.82
N GLY B 37 -67.46 -10.72 -18.57
CA GLY B 37 -67.72 -11.78 -19.51
C GLY B 37 -66.79 -12.97 -19.40
N LYS B 38 -65.91 -12.99 -18.39
CA LYS B 38 -64.97 -14.08 -18.19
C LYS B 38 -65.06 -14.58 -16.76
N PRO B 39 -64.80 -15.87 -16.54
CA PRO B 39 -64.81 -16.40 -15.17
C PRO B 39 -63.69 -15.81 -14.34
N THR B 40 -64.02 -15.39 -13.12
CA THR B 40 -63.01 -14.82 -12.24
C THR B 40 -62.06 -15.89 -11.75
N ILE B 41 -60.81 -15.49 -11.51
CA ILE B 41 -59.75 -16.42 -11.13
C ILE B 41 -58.99 -15.86 -9.93
N ASP B 42 -58.26 -16.74 -9.27
CA ASP B 42 -57.40 -16.39 -8.14
C ASP B 42 -56.01 -16.93 -8.40
N VAL B 43 -54.99 -16.07 -8.25
CA VAL B 43 -53.61 -16.45 -8.49
C VAL B 43 -52.81 -16.17 -7.22
N ARG B 44 -52.01 -17.16 -6.80
CA ARG B 44 -51.18 -17.04 -5.61
C ARG B 44 -49.85 -17.74 -5.87
N MET B 45 -48.77 -17.12 -5.40
CA MET B 45 -47.45 -17.73 -5.52
C MET B 45 -47.15 -18.52 -4.25
N VAL B 46 -46.63 -19.73 -4.43
CA VAL B 46 -46.41 -20.62 -3.29
C VAL B 46 -45.11 -20.29 -2.58
N LYS B 47 -43.99 -20.40 -3.29
CA LYS B 47 -42.68 -20.24 -2.65
C LYS B 47 -41.62 -20.01 -3.71
N MET B 48 -40.51 -19.43 -3.28
CA MET B 48 -39.30 -19.31 -4.07
C MET B 48 -38.19 -20.12 -3.42
N GLU B 49 -37.36 -20.78 -4.24
CA GLU B 49 -36.34 -21.65 -3.69
C GLU B 49 -35.18 -21.76 -4.67
N ALA B 50 -33.97 -21.58 -4.16
CA ALA B 50 -32.75 -21.84 -4.92
C ALA B 50 -32.33 -23.30 -4.75
N SER B 51 -31.52 -23.77 -5.70
CA SER B 51 -31.17 -25.19 -5.76
C SER B 51 -29.71 -25.45 -5.44
N ASN B 52 -28.79 -24.81 -6.16
CA ASN B 52 -27.36 -25.07 -6.02
C ASN B 52 -26.69 -23.91 -5.30
N LEU B 53 -25.91 -24.24 -4.27
CA LEU B 53 -25.21 -23.24 -3.46
C LEU B 53 -23.70 -23.40 -3.61
N ALA B 54 -23.00 -22.27 -3.60
CA ALA B 54 -21.55 -22.24 -3.71
C ALA B 54 -20.95 -21.77 -2.38
N SER B 55 -20.01 -22.55 -1.85
CA SER B 55 -19.36 -22.19 -0.60
C SER B 55 -18.50 -20.94 -0.79
N VAL B 56 -18.39 -20.15 0.28
CA VAL B 56 -17.66 -18.89 0.19
C VAL B 56 -16.51 -18.86 1.19
N ARG B 57 -16.84 -18.89 2.49
CA ARG B 57 -15.83 -18.81 3.52
C ARG B 57 -16.40 -19.22 4.88
N THR B 58 -15.89 -20.32 5.45
CA THR B 58 -16.38 -20.81 6.73
C THR B 58 -15.54 -20.20 7.85
N TYR B 59 -16.18 -19.41 8.71
CA TYR B 59 -15.48 -18.78 9.82
C TYR B 59 -15.35 -19.76 10.98
N CYS B 60 -14.92 -19.27 12.14
CA CYS B 60 -14.82 -20.08 13.35
C CYS B 60 -15.44 -19.32 14.51
N LEU B 61 -15.95 -20.08 15.48
CA LEU B 61 -16.65 -19.52 16.62
C LEU B 61 -16.03 -19.91 17.96
N GLU B 62 -15.63 -21.17 18.12
CA GLU B 62 -15.11 -21.66 19.39
C GLU B 62 -13.75 -22.30 19.16
N ALA B 63 -12.73 -21.81 19.85
CA ALA B 63 -11.38 -22.34 19.74
C ALA B 63 -11.14 -23.46 20.74
N SER B 64 -10.20 -24.35 20.40
CA SER B 64 -9.91 -25.54 21.19
C SER B 64 -8.40 -25.70 21.36
N THR B 65 -7.73 -24.63 21.79
CA THR B 65 -6.30 -24.66 22.05
C THR B 65 -5.93 -25.85 22.94
N SER B 66 -5.10 -26.75 22.41
CA SER B 66 -4.85 -28.04 23.04
C SER B 66 -3.43 -28.16 23.59
N GLU B 67 -2.41 -27.96 22.77
CA GLU B 67 -1.04 -28.21 23.15
C GLU B 67 -0.27 -26.91 23.26
N ILE B 68 0.70 -26.85 24.17
CA ILE B 68 1.46 -25.65 24.45
C ILE B 68 2.95 -25.98 24.50
N SER B 69 3.76 -24.95 24.37
CA SER B 69 5.21 -25.07 24.43
C SER B 69 5.80 -23.72 24.84
N SER B 70 7.06 -23.74 25.25
CA SER B 70 7.72 -22.52 25.69
C SER B 70 9.22 -22.64 25.50
N VAL B 71 9.87 -21.49 25.33
CA VAL B 71 11.32 -21.42 25.23
C VAL B 71 11.75 -20.03 25.69
N ASN B 72 12.84 -19.97 26.44
CA ASN B 72 13.26 -18.75 27.12
C ASN B 72 14.64 -18.31 26.64
N GLY B 73 14.90 -17.02 26.76
CA GLY B 73 16.18 -16.46 26.39
C GLY B 73 16.72 -15.48 27.42
N CYS B 74 18.00 -15.61 27.73
CA CYS B 74 18.68 -14.74 28.70
C CYS B 74 18.74 -13.32 28.17
N PRO B 75 19.04 -12.32 29.02
CA PRO B 75 19.21 -10.95 28.50
C PRO B 75 20.31 -10.81 27.47
N SER B 76 21.12 -11.84 27.25
CA SER B 76 21.99 -11.86 26.08
C SER B 76 21.14 -11.75 24.82
N THR B 77 21.63 -10.97 23.86
CA THR B 77 20.78 -10.50 22.77
C THR B 77 20.25 -11.64 21.90
N THR B 78 20.82 -12.83 21.97
CA THR B 78 20.31 -13.96 21.20
C THR B 78 18.96 -14.38 21.78
N GLU B 79 17.89 -14.01 21.09
CA GLU B 79 16.54 -14.24 21.58
C GLU B 79 16.11 -15.68 21.35
N ALA B 80 15.01 -16.06 21.98
CA ALA B 80 14.46 -17.40 21.81
C ALA B 80 13.61 -17.46 20.55
N HIS B 81 13.72 -18.57 19.84
CA HIS B 81 12.96 -18.80 18.60
C HIS B 81 12.41 -20.23 18.67
N ASN B 82 11.12 -20.35 18.96
CA ASN B 82 10.52 -21.67 19.10
C ASN B 82 10.55 -22.44 17.79
N ASP B 83 10.85 -23.74 17.89
CA ASP B 83 10.88 -24.60 16.72
C ASP B 83 9.52 -24.73 16.06
N LYS B 84 8.44 -24.80 16.84
CA LYS B 84 7.10 -24.96 16.31
C LYS B 84 6.60 -23.75 15.51
N ARG B 85 7.43 -22.71 15.38
CA ARG B 85 7.06 -21.58 14.53
C ARG B 85 6.92 -21.98 13.07
N LYS B 86 7.56 -23.08 12.66
CA LYS B 86 7.56 -23.52 11.27
C LYS B 86 6.46 -24.53 10.99
N ASP B 87 5.44 -24.59 11.85
CA ASP B 87 4.26 -25.40 11.62
C ASP B 87 3.07 -24.47 11.50
N SER B 88 2.29 -24.63 10.43
CA SER B 88 1.22 -23.70 10.12
C SER B 88 0.06 -23.77 11.10
N THR B 89 -0.11 -24.90 11.80
CA THR B 89 -1.26 -25.13 12.66
C THR B 89 -1.04 -24.64 14.09
N TYR B 90 0.09 -23.97 14.35
CA TYR B 90 0.42 -23.49 15.70
C TYR B 90 0.39 -21.98 15.71
N LEU B 91 -0.33 -21.41 16.68
CA LEU B 91 -0.31 -19.98 16.93
C LEU B 91 0.82 -19.69 17.89
N CYS B 92 1.73 -18.79 17.49
CA CYS B 92 2.90 -18.48 18.30
C CYS B 92 3.12 -16.97 18.32
N GLU B 93 3.33 -16.42 19.51
CA GLU B 93 3.64 -15.02 19.69
C GLU B 93 4.75 -14.87 20.72
N ARG B 94 5.65 -13.92 20.50
CA ARG B 94 6.83 -13.74 21.33
C ARG B 94 6.63 -12.56 22.29
N SER B 95 7.04 -12.77 23.53
CA SER B 95 6.93 -11.76 24.58
C SER B 95 8.31 -11.52 25.20
N TYR B 96 8.38 -10.47 26.02
CA TYR B 96 9.63 -10.04 26.67
C TYR B 96 9.39 -9.97 28.18
N PRO B 97 9.67 -11.04 28.92
CA PRO B 97 9.50 -10.99 30.38
C PRO B 97 10.59 -10.20 31.06
N ASP B 98 10.58 -10.18 32.39
CA ASP B 98 11.58 -9.47 33.18
C ASP B 98 12.43 -10.52 33.89
N ARG B 99 13.47 -10.99 33.20
CA ARG B 99 14.35 -12.01 33.75
C ARG B 99 15.46 -11.37 34.58
N GLY B 100 15.88 -12.08 35.62
CA GLY B 100 16.87 -11.57 36.56
C GLY B 100 17.76 -12.67 37.07
N TRP B 101 18.18 -12.54 38.33
CA TRP B 101 19.11 -13.48 38.92
C TRP B 101 18.41 -14.69 39.54
N GLY B 102 17.17 -14.51 40.00
CA GLY B 102 16.44 -15.63 40.56
C GLY B 102 16.14 -16.72 39.56
N ASN B 103 15.93 -16.35 38.30
CA ASN B 103 15.65 -17.33 37.26
C ASN B 103 16.88 -18.11 36.83
N GLY B 104 18.07 -17.60 37.14
CA GLY B 104 19.30 -18.30 36.80
C GLY B 104 19.96 -17.78 35.54
N CYS B 105 19.98 -16.46 35.37
CA CYS B 105 20.54 -15.84 34.17
C CYS B 105 21.93 -15.29 34.42
N GLY B 106 22.09 -14.44 35.42
CA GLY B 106 23.36 -13.80 35.70
C GLY B 106 23.49 -12.37 35.22
N LEU B 107 22.42 -11.78 34.70
CA LEU B 107 22.45 -10.39 34.24
C LEU B 107 21.05 -9.83 34.33
N PHE B 108 20.89 -8.68 34.98
CA PHE B 108 19.58 -8.10 35.18
C PHE B 108 19.15 -7.33 33.93
N GLY B 109 17.97 -7.68 33.41
CA GLY B 109 17.44 -7.04 32.23
C GLY B 109 16.10 -7.62 31.82
N ARG B 110 15.88 -7.75 30.51
CA ARG B 110 14.68 -8.36 29.98
C ARG B 110 15.06 -9.47 29.00
N GLY B 111 14.34 -10.58 29.07
CA GLY B 111 14.62 -11.72 28.22
C GLY B 111 13.70 -11.83 27.02
N SER B 112 13.34 -13.06 26.66
CA SER B 112 12.45 -13.29 25.53
C SER B 112 11.70 -14.59 25.74
N LEU B 113 10.54 -14.69 25.12
CA LEU B 113 9.69 -15.87 25.20
C LEU B 113 9.12 -16.19 23.84
N ASP B 114 8.70 -17.44 23.66
CA ASP B 114 8.07 -17.86 22.41
C ASP B 114 7.18 -19.07 22.73
N THR B 115 5.88 -18.84 22.81
CA THR B 115 4.91 -19.86 23.19
C THR B 115 4.01 -20.17 22.00
N CYS B 116 4.15 -21.37 21.44
CA CYS B 116 3.33 -21.83 20.34
C CYS B 116 2.24 -22.74 20.86
N VAL B 117 1.01 -22.52 20.40
CA VAL B 117 -0.15 -23.30 20.83
C VAL B 117 -0.89 -23.80 19.61
N LYS B 118 -1.24 -25.09 19.61
CA LYS B 118 -1.98 -25.66 18.50
C LYS B 118 -3.43 -25.18 18.52
N PHE B 119 -3.96 -24.88 17.34
CA PHE B 119 -5.31 -24.34 17.19
C PHE B 119 -6.26 -25.42 16.67
N ALA B 120 -7.50 -25.36 17.15
CA ALA B 120 -8.55 -26.26 16.70
C ALA B 120 -9.88 -25.58 16.95
N CYS B 121 -10.80 -25.72 16.00
CA CYS B 121 -12.11 -25.09 16.07
C CYS B 121 -13.20 -26.15 16.07
N SER B 122 -14.37 -25.78 16.60
CA SER B 122 -15.47 -26.72 16.74
C SER B 122 -16.74 -26.22 16.08
N LYS B 123 -16.99 -24.92 16.11
CA LYS B 123 -18.18 -24.31 15.54
C LYS B 123 -17.77 -23.38 14.41
N LYS B 124 -18.38 -23.56 13.23
CA LYS B 124 -18.02 -22.81 12.04
C LYS B 124 -19.28 -22.25 11.39
N MET B 125 -19.22 -20.98 10.98
CA MET B 125 -20.32 -20.33 10.28
C MET B 125 -20.08 -20.50 8.78
N ALA B 126 -20.50 -21.65 8.27
CA ALA B 126 -20.32 -21.95 6.86
C ALA B 126 -21.20 -21.06 6.00
N GLY B 127 -20.58 -20.17 5.22
CA GLY B 127 -21.31 -19.31 4.33
C GLY B 127 -21.61 -19.95 2.98
N HIS B 128 -22.46 -19.28 2.21
CA HIS B 128 -22.83 -19.77 0.88
C HIS B 128 -23.23 -18.59 0.02
N ALA B 129 -23.21 -18.81 -1.29
CA ALA B 129 -23.58 -17.78 -2.27
C ALA B 129 -24.69 -18.32 -3.16
N ILE B 130 -25.63 -17.44 -3.50
CA ILE B 130 -26.79 -17.81 -4.31
C ILE B 130 -26.59 -17.29 -5.73
N SER B 131 -26.85 -18.15 -6.71
CA SER B 131 -26.77 -17.77 -8.11
C SER B 131 -28.09 -17.21 -8.59
N ARG B 132 -28.01 -16.16 -9.41
CA ARG B 132 -29.21 -15.49 -9.93
C ARG B 132 -29.89 -16.26 -11.05
N GLU B 133 -29.43 -17.45 -11.40
CA GLU B 133 -30.04 -18.25 -12.47
C GLU B 133 -30.39 -19.65 -11.98
N ASN B 134 -30.80 -19.77 -10.72
CA ASN B 134 -31.13 -21.08 -10.16
C ASN B 134 -32.44 -21.12 -9.38
N ILE B 135 -33.03 -19.98 -9.01
CA ILE B 135 -34.25 -19.99 -8.20
C ILE B 135 -35.42 -20.43 -9.06
N VAL B 136 -36.27 -21.29 -8.49
CA VAL B 136 -37.44 -21.82 -9.18
C VAL B 136 -38.66 -21.43 -8.35
N ILE B 137 -39.30 -20.34 -8.73
CA ILE B 137 -40.47 -19.83 -8.02
C ILE B 137 -41.72 -20.42 -8.63
N THR B 138 -42.60 -20.95 -7.78
CA THR B 138 -43.82 -21.62 -8.21
C THR B 138 -45.04 -20.82 -7.80
N ALA B 139 -46.13 -20.99 -8.54
CA ALA B 139 -47.39 -20.31 -8.28
C ALA B 139 -48.54 -21.22 -8.66
N ALA B 140 -49.75 -20.80 -8.30
CA ALA B 140 -50.95 -21.57 -8.60
C ALA B 140 -52.06 -20.63 -9.05
N VAL B 141 -52.95 -21.15 -9.90
CA VAL B 141 -54.09 -20.39 -10.41
C VAL B 141 -55.33 -21.28 -10.32
N SER B 142 -56.43 -20.70 -9.85
CA SER B 142 -57.70 -21.43 -9.71
C SER B 142 -58.82 -20.56 -10.27
N VAL B 143 -59.92 -21.22 -10.63
CA VAL B 143 -61.07 -20.57 -11.26
C VAL B 143 -62.29 -20.77 -10.38
N HIS B 144 -62.98 -19.67 -10.08
CA HIS B 144 -64.19 -19.71 -9.26
C HIS B 144 -65.39 -20.13 -10.10
N GLY B 145 -66.25 -20.97 -9.53
CA GLY B 145 -67.50 -21.31 -10.19
C GLY B 145 -67.74 -22.80 -10.31
N HIS B 146 -66.67 -23.55 -10.56
CA HIS B 146 -66.81 -24.99 -10.73
C HIS B 146 -67.28 -25.64 -9.43
N SER B 147 -68.14 -26.65 -9.57
CA SER B 147 -68.73 -27.35 -8.43
C SER B 147 -68.36 -28.82 -8.49
N GLY B 148 -67.93 -29.37 -7.36
CA GLY B 148 -67.55 -30.77 -7.27
C GLY B 148 -68.22 -31.44 -6.08
N ALA B 149 -67.84 -32.69 -5.87
CA ALA B 149 -68.40 -33.49 -4.79
C ALA B 149 -67.99 -32.89 -3.43
N GLU B 150 -68.72 -33.30 -2.39
CA GLU B 150 -68.42 -32.81 -1.06
C GLU B 150 -67.05 -33.26 -0.58
N SER B 151 -66.68 -34.52 -0.88
CA SER B 151 -65.42 -35.09 -0.40
C SER B 151 -64.44 -35.18 -1.58
N ASP B 152 -63.69 -34.11 -1.77
CA ASP B 152 -62.59 -34.09 -2.74
C ASP B 152 -61.54 -33.11 -2.26
N ASP B 153 -60.32 -33.28 -2.78
CA ASP B 153 -59.18 -32.49 -2.36
C ASP B 153 -58.49 -31.87 -3.58
N ARG B 154 -57.33 -31.27 -3.33
CA ARG B 154 -56.58 -30.59 -4.39
C ARG B 154 -56.20 -31.56 -5.50
N SER B 155 -56.03 -32.84 -5.18
CA SER B 155 -55.74 -33.83 -6.21
C SER B 155 -56.89 -33.90 -7.22
N GLN B 156 -58.13 -34.00 -6.72
CA GLN B 156 -59.28 -34.02 -7.62
C GLN B 156 -59.45 -32.69 -8.34
N ARG B 157 -59.20 -31.58 -7.64
CA ARG B 157 -59.32 -30.27 -8.28
C ARG B 157 -58.35 -30.15 -9.46
N LYS B 158 -57.11 -30.62 -9.28
CA LYS B 158 -56.16 -30.60 -10.38
C LYS B 158 -56.53 -31.59 -11.46
N SER B 159 -57.09 -32.74 -11.07
CA SER B 159 -57.51 -33.73 -12.06
C SER B 159 -58.59 -33.18 -12.98
N ARG B 160 -59.55 -32.44 -12.42
CA ARG B 160 -60.58 -31.81 -13.23
C ARG B 160 -60.09 -30.54 -13.93
N LYS B 161 -58.80 -30.23 -13.82
CA LYS B 161 -58.18 -29.07 -14.48
C LYS B 161 -58.87 -27.77 -14.04
N GLU B 162 -58.78 -27.52 -12.74
CA GLU B 162 -59.27 -26.28 -12.15
C GLU B 162 -58.28 -25.64 -11.20
N LEU B 163 -57.15 -26.29 -10.90
CA LEU B 163 -56.13 -25.79 -9.98
C LEU B 163 -54.75 -25.95 -10.61
N ALA B 164 -54.61 -25.51 -11.85
CA ALA B 164 -53.35 -25.64 -12.56
C ALA B 164 -52.24 -24.92 -11.82
N GLU B 165 -51.09 -25.58 -11.70
CA GLU B 165 -49.94 -25.04 -11.00
C GLU B 165 -48.90 -24.53 -12.00
N LEU B 166 -48.01 -23.68 -11.51
CA LEU B 166 -47.00 -23.04 -12.34
C LEU B 166 -45.62 -23.25 -11.74
N THR B 167 -44.61 -23.30 -12.61
CA THR B 167 -43.20 -23.36 -12.21
C THR B 167 -42.47 -22.33 -13.06
N ILE B 168 -42.36 -21.10 -12.55
CA ILE B 168 -41.73 -20.03 -13.30
C ILE B 168 -40.23 -20.08 -13.04
N THR B 169 -39.52 -20.93 -13.81
CA THR B 169 -38.09 -21.07 -13.64
C THR B 169 -37.38 -19.84 -14.20
N PHE B 170 -36.09 -19.72 -13.88
CA PHE B 170 -35.29 -18.62 -14.40
C PHE B 170 -35.09 -18.71 -15.91
N LYS B 171 -35.36 -19.87 -16.51
CA LYS B 171 -35.19 -20.07 -17.94
C LYS B 171 -36.49 -19.81 -18.71
N SER B 172 -37.57 -20.48 -18.33
CA SER B 172 -38.87 -20.35 -19.00
C SER B 172 -39.71 -19.37 -18.20
N SER B 173 -39.66 -18.11 -18.59
CA SER B 173 -40.43 -17.06 -17.94
C SER B 173 -41.83 -16.90 -18.52
N ILE B 174 -42.19 -17.72 -19.51
CA ILE B 174 -43.50 -17.68 -20.15
C ILE B 174 -44.14 -19.04 -19.97
N VAL B 175 -45.25 -19.08 -19.23
CA VAL B 175 -45.91 -20.33 -18.90
C VAL B 175 -47.40 -20.22 -19.21
N GLU B 176 -48.02 -21.36 -19.45
CA GLU B 176 -49.44 -21.43 -19.79
C GLU B 176 -50.14 -22.38 -18.83
N ALA B 177 -51.31 -21.97 -18.33
CA ALA B 177 -52.13 -22.80 -17.46
C ALA B 177 -53.25 -23.41 -18.29
N ASP B 178 -53.37 -24.75 -18.25
CA ASP B 178 -54.34 -25.43 -19.09
C ASP B 178 -55.78 -25.07 -18.69
N LEU B 179 -56.10 -25.17 -17.41
CA LEU B 179 -57.39 -24.78 -16.86
C LEU B 179 -58.57 -25.51 -17.53
N GLY B 180 -58.31 -26.61 -18.23
CA GLY B 180 -59.38 -27.38 -18.83
C GLY B 180 -60.16 -26.59 -19.87
N ASP B 181 -61.50 -26.69 -19.77
CA ASP B 181 -62.37 -26.09 -20.77
C ASP B 181 -62.43 -24.56 -20.69
N TYR B 182 -61.86 -23.96 -19.66
CA TYR B 182 -61.92 -22.51 -19.52
C TYR B 182 -60.96 -21.78 -20.44
N GLY B 183 -60.00 -22.48 -21.05
CA GLY B 183 -59.11 -21.85 -21.99
C GLY B 183 -57.64 -21.96 -21.66
N LYS B 184 -56.98 -20.81 -21.42
CA LYS B 184 -55.57 -20.78 -21.08
C LYS B 184 -55.20 -19.37 -20.62
N VAL B 185 -54.32 -19.30 -19.62
CA VAL B 185 -53.82 -18.04 -19.10
C VAL B 185 -52.30 -18.07 -19.11
N GLN B 186 -51.68 -16.96 -19.50
CA GLN B 186 -50.24 -16.88 -19.66
C GLN B 186 -49.67 -15.74 -18.82
N PHE B 187 -48.41 -15.90 -18.40
CA PHE B 187 -47.72 -14.97 -17.53
C PHE B 187 -46.43 -14.48 -18.20
N GLU B 188 -46.06 -13.23 -17.92
CA GLU B 188 -45.01 -12.53 -18.66
C GLU B 188 -44.08 -11.76 -17.72
N CYS B 189 -43.65 -12.40 -16.64
CA CYS B 189 -42.88 -11.74 -15.59
C CYS B 189 -41.42 -12.13 -15.48
N LEU B 190 -40.66 -11.18 -14.92
CA LEU B 190 -39.25 -10.91 -15.13
C LEU B 190 -38.38 -11.50 -14.03
N MET B 191 -37.15 -11.01 -13.96
CA MET B 191 -36.17 -11.38 -12.94
C MET B 191 -36.06 -10.33 -11.84
N ASP B 192 -36.99 -9.38 -11.78
CA ASP B 192 -36.93 -8.28 -10.82
C ASP B 192 -37.64 -8.77 -9.57
N PHE B 193 -36.87 -8.98 -8.50
CA PHE B 193 -37.40 -9.46 -7.23
C PHE B 193 -36.98 -8.51 -6.13
N GLY B 194 -37.69 -8.59 -5.00
CA GLY B 194 -37.33 -7.76 -3.86
C GLY B 194 -35.91 -8.02 -3.37
N ILE B 195 -35.51 -9.29 -3.33
CA ILE B 195 -34.14 -9.63 -2.99
C ILE B 195 -33.21 -9.16 -4.10
N ASP B 196 -31.97 -8.85 -3.73
CA ASP B 196 -30.96 -8.37 -4.69
C ASP B 196 -29.84 -9.40 -4.66
N LEU B 197 -29.90 -10.37 -5.57
CA LEU B 197 -28.88 -11.40 -5.64
C LEU B 197 -27.56 -10.80 -6.12
N ASP B 198 -26.51 -11.62 -6.04
CA ASP B 198 -25.12 -11.19 -6.27
C ASP B 198 -24.71 -10.06 -5.32
N ASP B 199 -25.46 -9.87 -4.25
CA ASP B 199 -25.14 -8.86 -3.24
C ASP B 199 -25.32 -9.38 -1.82
N VAL B 200 -25.79 -10.62 -1.63
CA VAL B 200 -26.04 -11.18 -0.31
C VAL B 200 -25.51 -12.61 -0.26
N TYR B 201 -25.30 -13.09 0.95
CA TYR B 201 -24.86 -14.46 1.22
C TYR B 201 -25.90 -15.16 2.09
N THR B 202 -25.61 -16.42 2.43
CA THR B 202 -26.38 -17.17 3.41
C THR B 202 -25.43 -17.58 4.53
N ALA B 203 -25.80 -17.29 5.76
CA ALA B 203 -24.93 -17.51 6.92
C ALA B 203 -25.50 -18.67 7.74
N ASP B 204 -25.07 -19.88 7.40
CA ASP B 204 -25.43 -21.06 8.18
C ASP B 204 -24.53 -21.11 9.42
N MET B 205 -25.13 -21.10 10.60
CA MET B 205 -24.36 -21.08 11.84
C MET B 205 -24.55 -22.35 12.66
N SER B 206 -25.78 -22.68 13.05
CA SER B 206 -26.07 -23.90 13.80
C SER B 206 -27.36 -24.54 13.31
N GLY B 207 -27.60 -24.48 12.00
CA GLY B 207 -28.88 -24.86 11.45
C GLY B 207 -29.84 -23.71 11.24
N LYS B 208 -29.49 -22.51 11.68
CA LYS B 208 -30.29 -21.31 11.46
C LYS B 208 -29.61 -20.49 10.36
N TRP B 209 -30.35 -20.20 9.30
CA TRP B 209 -29.80 -19.54 8.13
C TRP B 209 -30.27 -18.09 8.07
N TRP B 210 -29.61 -17.31 7.21
CA TRP B 210 -29.89 -15.89 7.08
C TRP B 210 -29.61 -15.48 5.64
N LEU B 211 -29.76 -14.18 5.37
CA LEU B 211 -29.54 -13.60 4.04
C LEU B 211 -28.71 -12.32 4.17
N VAL B 212 -27.60 -12.41 4.89
CA VAL B 212 -26.86 -11.22 5.29
C VAL B 212 -25.99 -10.73 4.14
N LYS B 213 -25.64 -9.44 4.19
CA LYS B 213 -24.95 -8.78 3.10
C LYS B 213 -23.52 -9.29 2.92
N ARG B 214 -23.04 -9.21 1.69
CA ARG B 214 -21.71 -9.72 1.35
C ARG B 214 -20.61 -8.94 2.06
N ASP B 215 -20.66 -7.60 2.00
CA ASP B 215 -19.61 -6.80 2.60
C ASP B 215 -19.60 -6.95 4.12
N TRP B 216 -20.78 -7.00 4.75
CA TRP B 216 -20.84 -7.19 6.18
C TRP B 216 -20.34 -8.57 6.59
N TYR B 217 -20.63 -9.58 5.77
CA TYR B 217 -20.05 -10.90 6.01
C TYR B 217 -18.53 -10.88 5.85
N HIS B 218 -18.03 -10.03 4.95
CA HIS B 218 -16.59 -9.93 4.74
C HIS B 218 -15.90 -9.21 5.89
N ASP B 219 -16.60 -8.29 6.55
CA ASP B 219 -15.99 -7.43 7.56
C ASP B 219 -16.02 -8.03 8.97
N ILE B 220 -16.51 -9.26 9.13
CA ILE B 220 -16.51 -9.89 10.45
C ILE B 220 -15.07 -10.21 10.85
N ALA B 221 -14.73 -9.91 12.09
CA ALA B 221 -13.40 -10.21 12.62
C ALA B 221 -13.45 -11.54 13.35
N LEU B 222 -13.11 -12.61 12.64
CA LEU B 222 -13.11 -13.96 13.18
C LEU B 222 -12.15 -14.81 12.36
N PRO B 223 -11.61 -15.89 12.94
CA PRO B 223 -10.68 -16.75 12.19
C PRO B 223 -11.38 -17.51 11.07
N TRP B 224 -11.03 -17.20 9.83
CA TRP B 224 -11.64 -17.81 8.66
C TRP B 224 -10.72 -18.88 8.08
N THR B 225 -11.17 -19.49 6.99
CA THR B 225 -10.40 -20.51 6.27
C THR B 225 -10.93 -20.60 4.84
N ALA B 226 -10.51 -21.63 4.13
CA ALA B 226 -10.98 -21.93 2.78
C ALA B 226 -11.93 -23.12 2.79
N PRO B 227 -13.08 -22.99 2.15
CA PRO B 227 -14.08 -24.08 2.20
C PRO B 227 -13.59 -25.39 1.59
N SER B 228 -12.63 -25.34 0.66
CA SER B 228 -12.16 -26.56 0.02
C SER B 228 -11.54 -27.52 1.04
N ALA B 229 -10.64 -27.00 1.87
CA ALA B 229 -10.03 -27.76 2.96
C ALA B 229 -9.85 -26.84 4.15
N ASP B 230 -10.44 -27.21 5.29
CA ASP B 230 -10.52 -26.34 6.46
C ASP B 230 -9.20 -26.36 7.24
N PHE B 231 -8.49 -25.23 7.22
CA PHE B 231 -7.41 -24.97 8.16
C PHE B 231 -7.30 -23.44 8.26
N TRP B 232 -7.30 -22.95 9.49
CA TRP B 232 -7.57 -21.55 9.76
C TRP B 232 -6.36 -20.69 9.46
N HIS B 233 -6.61 -19.43 9.09
CA HIS B 233 -5.54 -18.54 8.67
C HIS B 233 -5.54 -17.18 9.37
N ASP B 234 -6.44 -16.96 10.32
CA ASP B 234 -6.48 -15.72 11.10
C ASP B 234 -6.60 -16.05 12.58
N MET B 235 -5.71 -16.95 13.02
CA MET B 235 -5.84 -17.66 14.29
C MET B 235 -5.89 -16.75 15.50
N ASP B 236 -5.39 -15.52 15.40
CA ASP B 236 -5.13 -14.70 16.59
C ASP B 236 -6.37 -13.97 17.10
N ARG B 237 -7.51 -14.06 16.42
CA ARG B 237 -8.68 -13.30 16.84
C ARG B 237 -9.44 -13.94 17.99
N LEU B 238 -9.12 -15.18 18.36
CA LEU B 238 -9.86 -15.87 19.42
C LEU B 238 -8.96 -16.43 20.51
N VAL B 239 -7.64 -16.23 20.43
CA VAL B 239 -6.71 -16.73 21.43
C VAL B 239 -5.93 -15.54 21.98
N GLU B 240 -5.96 -15.38 23.30
CA GLU B 240 -5.22 -14.33 23.98
C GLU B 240 -4.28 -14.96 25.01
N PHE B 241 -3.06 -14.44 25.10
CA PHE B 241 -2.07 -14.95 26.03
C PHE B 241 -2.09 -14.14 27.32
N SER B 242 -1.80 -14.82 28.43
CA SER B 242 -1.80 -14.18 29.74
C SER B 242 -0.51 -13.41 29.96
N THR B 243 -0.28 -12.97 31.20
CA THR B 243 0.93 -12.20 31.48
C THR B 243 2.14 -13.12 31.58
N PRO B 244 3.18 -12.86 30.79
CA PRO B 244 4.40 -13.69 30.78
C PRO B 244 5.38 -13.35 31.90
N HIS B 245 5.16 -13.96 33.07
CA HIS B 245 6.01 -13.67 34.22
C HIS B 245 7.44 -14.13 33.99
N ALA B 246 7.64 -15.43 33.81
CA ALA B 246 8.98 -15.96 33.55
C ALA B 246 8.93 -17.36 32.96
N THR B 247 9.47 -17.51 31.74
CA THR B 247 9.66 -18.82 31.09
C THR B 247 8.37 -19.64 31.04
N LYS B 248 7.22 -18.97 31.04
CA LYS B 248 5.94 -19.67 31.01
C LYS B 248 4.82 -18.67 30.73
N GLN B 249 3.82 -19.13 29.99
CA GLN B 249 2.60 -18.36 29.74
C GLN B 249 1.40 -19.31 29.83
N SER B 250 0.21 -18.71 29.75
CA SER B 250 -1.03 -19.47 29.75
C SER B 250 -1.90 -19.01 28.60
N VAL B 251 -2.67 -19.94 28.05
CA VAL B 251 -3.50 -19.70 26.88
C VAL B 251 -4.96 -19.62 27.31
N TYR B 252 -5.64 -18.54 26.91
CA TYR B 252 -7.04 -18.35 27.23
C TYR B 252 -7.80 -17.95 25.98
N THR B 253 -8.96 -18.57 25.79
CA THR B 253 -9.80 -18.28 24.63
C THR B 253 -10.73 -17.11 24.95
N LEU B 254 -11.70 -16.85 24.07
CA LEU B 254 -12.64 -15.76 24.27
C LEU B 254 -14.09 -16.23 24.23
N GLY B 255 -14.33 -17.54 24.33
CA GLY B 255 -15.69 -18.05 24.37
C GLY B 255 -16.14 -18.65 23.06
N ASP B 256 -17.41 -18.43 22.71
CA ASP B 256 -17.98 -18.96 21.48
C ASP B 256 -18.46 -17.91 20.50
N GLN B 257 -18.85 -16.74 20.98
CA GLN B 257 -19.33 -15.62 20.16
C GLN B 257 -20.57 -15.96 19.35
N GLU B 258 -21.16 -17.14 19.57
CA GLU B 258 -22.39 -17.49 18.87
C GLU B 258 -23.53 -16.57 19.28
N GLY B 259 -23.64 -16.28 20.56
CA GLY B 259 -24.65 -15.34 21.02
C GLY B 259 -24.42 -13.95 20.47
N ALA B 260 -23.16 -13.51 20.43
CA ALA B 260 -22.86 -12.18 19.89
C ALA B 260 -23.23 -12.10 18.41
N MET B 261 -22.94 -13.16 17.65
CA MET B 261 -23.31 -13.17 16.24
C MET B 261 -24.83 -13.18 16.06
N SER B 262 -25.52 -14.03 16.82
CA SER B 262 -26.98 -14.10 16.70
C SER B 262 -27.66 -12.84 17.21
N THR B 263 -26.94 -12.01 17.98
CA THR B 263 -27.50 -10.72 18.39
C THR B 263 -27.22 -9.63 17.36
N ALA B 264 -25.99 -9.60 16.82
CA ALA B 264 -25.64 -8.59 15.83
C ALA B 264 -26.42 -8.79 14.54
N LEU B 265 -26.47 -10.02 14.04
CA LEU B 265 -27.15 -10.32 12.77
C LEU B 265 -28.52 -10.94 13.03
N GLY B 266 -29.13 -10.57 14.15
CA GLY B 266 -30.36 -11.17 14.62
C GLY B 266 -31.64 -10.60 14.04
N ASP B 267 -31.54 -9.62 13.13
CA ASP B 267 -32.75 -9.06 12.54
C ASP B 267 -32.73 -9.07 11.01
N ALA B 268 -31.77 -9.75 10.39
CA ALA B 268 -31.78 -9.92 8.95
C ALA B 268 -32.84 -10.93 8.53
N ALA B 269 -33.13 -10.97 7.23
CA ALA B 269 -34.11 -11.92 6.71
C ALA B 269 -33.69 -13.34 7.04
N VAL B 270 -34.64 -14.14 7.51
CA VAL B 270 -34.39 -15.50 7.97
C VAL B 270 -34.96 -16.45 6.93
N ILE B 271 -34.09 -16.97 6.06
CA ILE B 271 -34.49 -17.98 5.09
C ILE B 271 -34.48 -19.33 5.78
N GLU B 272 -35.11 -20.33 5.16
CA GLU B 272 -35.14 -21.68 5.68
C GLU B 272 -34.12 -22.53 4.94
N TYR B 273 -34.09 -23.83 5.24
CA TYR B 273 -33.18 -24.75 4.55
C TYR B 273 -33.82 -26.12 4.56
N MET B 274 -34.43 -26.50 3.44
CA MET B 274 -35.05 -27.81 3.29
C MET B 274 -33.99 -28.77 2.77
N SER B 275 -33.65 -29.78 3.58
CA SER B 275 -32.63 -30.75 3.20
C SER B 275 -33.16 -31.66 2.10
N SER B 276 -32.33 -32.62 1.70
CA SER B 276 -32.63 -33.54 0.60
C SER B 276 -32.93 -32.77 -0.67
N GLY B 277 -31.93 -32.02 -1.13
CA GLY B 277 -32.06 -31.18 -2.30
C GLY B 277 -31.34 -29.86 -2.14
N SER B 278 -30.92 -29.56 -0.91
CA SER B 278 -30.18 -28.33 -0.59
C SER B 278 -30.95 -27.07 -0.99
N LYS B 279 -32.27 -27.13 -0.93
CA LYS B 279 -33.09 -25.98 -1.28
C LYS B 279 -33.28 -25.08 -0.06
N VAL B 280 -33.47 -23.78 -0.32
CA VAL B 280 -33.74 -22.80 0.72
C VAL B 280 -34.96 -21.99 0.31
N VAL B 281 -35.89 -21.81 1.24
CA VAL B 281 -37.10 -21.04 0.97
C VAL B 281 -36.85 -19.58 1.36
N PHE B 282 -37.10 -18.67 0.42
CA PHE B 282 -36.69 -17.28 0.62
C PHE B 282 -37.68 -16.51 1.46
N ARG B 283 -38.98 -16.78 1.28
CA ARG B 283 -40.07 -16.20 2.06
C ARG B 283 -40.04 -14.67 2.13
N THR B 284 -39.31 -14.04 1.21
CA THR B 284 -39.19 -12.58 1.20
C THR B 284 -39.40 -11.94 -0.16
N GLY B 285 -39.15 -12.64 -1.26
CA GLY B 285 -39.22 -12.05 -2.58
C GLY B 285 -40.64 -11.87 -3.08
N PHE B 286 -40.75 -11.14 -4.19
CA PHE B 286 -42.02 -10.81 -4.83
C PHE B 286 -42.09 -11.49 -6.20
N LEU B 287 -43.16 -11.18 -6.94
CA LEU B 287 -43.28 -11.66 -8.31
C LEU B 287 -44.35 -10.81 -8.99
N LYS B 288 -43.97 -10.03 -9.98
CA LYS B 288 -44.83 -9.01 -10.59
C LYS B 288 -45.06 -9.36 -12.06
N CYS B 289 -46.26 -9.84 -12.40
CA CYS B 289 -46.57 -10.03 -13.81
C CYS B 289 -48.05 -9.89 -14.11
N ARG B 290 -48.34 -10.13 -15.39
CA ARG B 290 -49.47 -9.58 -16.12
C ARG B 290 -50.21 -10.76 -16.73
N VAL B 291 -51.48 -10.93 -16.37
CA VAL B 291 -52.24 -12.07 -16.86
C VAL B 291 -52.99 -11.68 -18.13
N LYS B 292 -52.70 -12.40 -19.21
CA LYS B 292 -53.36 -12.18 -20.50
C LYS B 292 -54.56 -13.12 -20.55
N MET B 293 -55.74 -12.57 -20.32
CA MET B 293 -56.99 -13.33 -20.36
C MET B 293 -57.62 -13.19 -21.74
N GLU B 294 -56.94 -13.78 -22.73
CA GLU B 294 -57.41 -13.76 -24.11
C GLU B 294 -58.12 -15.04 -24.53
N ASN B 295 -57.68 -16.18 -24.00
CA ASN B 295 -58.30 -17.46 -24.30
C ASN B 295 -59.22 -17.92 -23.18
N LEU B 296 -59.50 -17.06 -22.20
CA LEU B 296 -60.34 -17.40 -21.07
C LEU B 296 -61.80 -17.23 -21.46
N ARG B 297 -62.57 -18.31 -21.38
CA ARG B 297 -63.97 -18.31 -21.76
C ARG B 297 -64.79 -19.04 -20.72
N LEU B 298 -66.06 -18.69 -20.63
CA LEU B 298 -66.95 -19.35 -19.68
C LEU B 298 -67.20 -20.79 -20.09
N LYS B 299 -67.17 -21.69 -19.11
CA LYS B 299 -67.39 -23.11 -19.39
C LYS B 299 -68.87 -23.39 -19.62
N GLY B 300 -69.72 -23.06 -18.65
CA GLY B 300 -71.14 -23.27 -18.80
C GLY B 300 -71.89 -22.00 -19.15
N SER B 301 -72.24 -21.84 -20.41
CA SER B 301 -73.04 -20.71 -20.86
C SER B 301 -74.17 -21.11 -21.79
N THR B 302 -74.15 -22.30 -22.38
CA THR B 302 -75.27 -22.80 -23.16
C THR B 302 -76.18 -23.71 -22.34
N TYR B 303 -75.90 -23.88 -21.06
CA TYR B 303 -76.72 -24.71 -20.19
C TYR B 303 -78.01 -24.00 -19.82
N MET B 304 -79.02 -24.79 -19.48
CA MET B 304 -80.29 -24.27 -19.03
C MET B 304 -80.24 -24.00 -17.53
N GLN B 305 -81.00 -23.00 -17.09
CA GLN B 305 -80.97 -22.59 -15.69
C GLN B 305 -81.49 -23.71 -14.79
N CYS B 306 -80.91 -23.79 -13.59
CA CYS B 306 -81.37 -24.76 -12.60
C CYS B 306 -82.77 -24.40 -12.13
N SER B 307 -83.64 -25.41 -12.02
CA SER B 307 -85.05 -25.19 -11.73
C SER B 307 -85.43 -25.53 -10.29
N LYS B 308 -85.04 -26.70 -9.81
CA LYS B 308 -85.52 -27.20 -8.53
C LYS B 308 -84.75 -26.53 -7.39
N GLU B 309 -84.93 -27.05 -6.17
CA GLU B 309 -84.47 -26.39 -4.95
C GLU B 309 -83.15 -26.98 -4.47
N PHE B 310 -82.38 -26.14 -3.78
CA PHE B 310 -81.07 -26.48 -3.24
C PHE B 310 -81.19 -26.93 -1.79
N SER B 311 -80.07 -27.44 -1.26
CA SER B 311 -79.94 -27.80 0.14
C SER B 311 -78.74 -27.08 0.73
N ILE B 312 -78.93 -26.44 1.87
CA ILE B 312 -77.89 -25.61 2.47
C ILE B 312 -76.94 -26.47 3.28
N LEU B 313 -75.64 -26.30 3.04
CA LEU B 313 -74.58 -26.86 3.87
C LEU B 313 -73.64 -25.75 4.28
N LYS B 314 -73.20 -25.77 5.53
CA LYS B 314 -72.23 -24.80 6.04
C LYS B 314 -72.73 -23.38 5.85
N ARG B 315 -73.78 -23.07 6.62
CA ARG B 315 -74.58 -21.84 6.59
C ARG B 315 -73.71 -20.61 6.41
N PRO B 316 -74.18 -19.61 5.65
CA PRO B 316 -73.34 -18.45 5.32
C PRO B 316 -72.67 -17.81 6.53
N THR B 317 -71.38 -17.52 6.39
CA THR B 317 -70.59 -16.86 7.42
C THR B 317 -69.77 -15.75 6.78
N ALA B 318 -69.41 -14.76 7.59
CA ALA B 318 -68.67 -13.60 7.12
C ALA B 318 -67.17 -13.89 7.07
N THR B 319 -66.45 -13.04 6.34
CA THR B 319 -65.02 -13.12 6.16
C THR B 319 -64.34 -11.89 6.75
N PRO B 320 -63.03 -11.94 7.00
CA PRO B 320 -62.35 -10.76 7.55
C PRO B 320 -62.52 -9.51 6.70
N TYR B 321 -62.51 -9.63 5.38
CA TYR B 321 -62.79 -8.47 4.54
C TYR B 321 -64.25 -8.05 4.69
N GLY B 322 -65.16 -9.02 4.66
CA GLY B 322 -66.58 -8.70 4.76
C GLY B 322 -67.41 -9.24 3.61
N THR B 323 -66.93 -10.30 2.96
CA THR B 323 -67.67 -10.96 1.89
C THR B 323 -68.15 -12.32 2.39
N VAL B 324 -69.46 -12.55 2.31
CA VAL B 324 -70.03 -13.77 2.84
C VAL B 324 -69.65 -14.96 1.97
N ILE B 325 -69.66 -16.15 2.58
CA ILE B 325 -69.34 -17.39 1.90
C ILE B 325 -70.42 -18.41 2.23
N MET B 326 -70.93 -19.09 1.20
CA MET B 326 -72.00 -20.06 1.37
C MET B 326 -71.73 -21.25 0.45
N GLN B 327 -72.14 -22.43 0.90
CA GLN B 327 -71.88 -23.68 0.17
C GLN B 327 -73.20 -24.41 -0.02
N VAL B 328 -73.91 -24.08 -1.10
CA VAL B 328 -75.14 -24.78 -1.43
C VAL B 328 -74.81 -26.13 -2.08
N LYS B 329 -75.79 -27.02 -2.09
CA LYS B 329 -75.64 -28.31 -2.74
C LYS B 329 -76.89 -28.61 -3.56
N TYR B 330 -76.71 -29.41 -4.61
CA TYR B 330 -77.78 -29.79 -5.51
C TYR B 330 -77.97 -31.30 -5.42
N ALA B 331 -79.23 -31.73 -5.42
CA ALA B 331 -79.56 -33.14 -5.29
C ALA B 331 -80.52 -33.66 -6.35
N GLN B 332 -81.02 -32.80 -7.22
CA GLN B 332 -82.01 -33.21 -8.22
C GLN B 332 -81.30 -33.68 -9.48
N THR B 333 -82.07 -33.91 -10.56
CA THR B 333 -81.56 -34.60 -11.74
C THR B 333 -81.39 -33.71 -12.95
N ASP B 334 -81.92 -32.48 -12.94
CA ASP B 334 -81.82 -31.60 -14.10
C ASP B 334 -80.44 -30.93 -14.16
N VAL B 335 -79.42 -31.75 -14.38
CA VAL B 335 -78.04 -31.30 -14.42
C VAL B 335 -77.41 -31.80 -15.72
N PRO B 336 -76.40 -31.12 -16.27
CA PRO B 336 -75.74 -29.90 -15.78
C PRO B 336 -76.60 -28.65 -15.94
N CYS B 337 -76.42 -27.67 -15.05
CA CYS B 337 -77.19 -26.43 -15.11
C CYS B 337 -76.38 -25.34 -14.42
N ARG B 338 -76.74 -24.10 -14.70
CA ARG B 338 -76.07 -22.94 -14.13
C ARG B 338 -76.94 -22.34 -13.02
N VAL B 339 -76.34 -22.10 -11.87
CA VAL B 339 -77.07 -21.63 -10.70
C VAL B 339 -77.29 -20.12 -10.80
N PRO B 340 -78.53 -19.64 -10.75
CA PRO B 340 -78.77 -18.20 -10.75
C PRO B 340 -78.60 -17.63 -9.35
N VAL B 341 -77.68 -16.67 -9.20
CA VAL B 341 -77.36 -16.07 -7.92
C VAL B 341 -77.55 -14.56 -8.04
N GLY B 342 -78.24 -13.98 -7.06
CA GLY B 342 -78.47 -12.54 -7.07
C GLY B 342 -78.45 -11.99 -5.65
N VAL B 343 -78.25 -10.68 -5.57
CA VAL B 343 -78.20 -9.97 -4.29
C VAL B 343 -79.08 -8.74 -4.37
N HIS B 344 -80.28 -8.83 -3.81
CA HIS B 344 -81.24 -7.73 -3.83
C HIS B 344 -81.24 -7.00 -2.50
N GLU B 345 -81.65 -5.73 -2.54
CA GLU B 345 -81.82 -4.97 -1.30
C GLU B 345 -83.03 -5.48 -0.54
N ARG B 346 -84.12 -5.78 -1.24
CA ARG B 346 -85.32 -6.36 -0.65
C ARG B 346 -85.81 -7.47 -1.57
N PRO B 347 -86.55 -8.45 -1.02
CA PRO B 347 -87.05 -9.55 -1.85
C PRO B 347 -87.71 -9.10 -3.14
N GLY B 348 -87.24 -9.61 -4.27
CA GLY B 348 -87.81 -9.27 -5.57
C GLY B 348 -87.64 -7.82 -5.95
N GLY B 349 -86.45 -7.27 -5.73
CA GLY B 349 -86.18 -5.89 -6.08
C GLY B 349 -84.96 -5.74 -6.96
N GLU B 350 -84.41 -4.53 -7.02
CA GLU B 350 -83.23 -4.28 -7.81
C GLU B 350 -82.02 -4.99 -7.23
N GLN B 351 -81.06 -5.30 -8.08
CA GLN B 351 -79.84 -5.99 -7.68
C GLN B 351 -78.81 -4.97 -7.23
N VAL B 352 -78.28 -5.13 -6.01
CA VAL B 352 -77.33 -4.21 -5.44
C VAL B 352 -76.15 -5.00 -4.90
N GLY B 353 -75.02 -4.31 -4.75
CA GLY B 353 -73.81 -4.96 -4.30
C GLY B 353 -72.98 -5.49 -5.46
N ARG B 354 -72.10 -6.43 -5.14
CA ARG B 354 -71.21 -7.04 -6.12
C ARG B 354 -71.13 -8.53 -5.87
N ILE B 355 -71.19 -9.31 -6.94
CA ILE B 355 -71.16 -10.77 -6.87
C ILE B 355 -69.74 -11.21 -7.20
N ILE B 356 -69.16 -12.03 -6.32
CA ILE B 356 -67.77 -12.44 -6.48
C ILE B 356 -67.64 -13.61 -7.45
N THR B 357 -68.46 -14.64 -7.28
CA THR B 357 -68.39 -15.79 -8.17
C THR B 357 -68.89 -15.42 -9.57
N ALA B 358 -68.50 -16.23 -10.55
CA ALA B 358 -68.76 -15.90 -11.96
C ALA B 358 -70.03 -16.57 -12.48
N HIS B 359 -70.05 -17.90 -12.48
CA HIS B 359 -71.14 -18.67 -13.10
C HIS B 359 -71.15 -20.06 -12.50
N PRO B 360 -71.92 -20.26 -11.44
CA PRO B 360 -71.86 -21.53 -10.70
C PRO B 360 -72.56 -22.68 -11.40
N ILE B 361 -71.90 -23.30 -12.39
CA ILE B 361 -72.43 -24.49 -13.03
C ILE B 361 -72.20 -25.70 -12.13
N ILE B 362 -72.84 -26.83 -12.44
CA ILE B 362 -72.95 -27.93 -11.48
C ILE B 362 -72.30 -29.21 -12.00
N LEU B 363 -72.67 -29.63 -13.22
CA LEU B 363 -72.11 -30.77 -13.96
C LEU B 363 -72.54 -32.15 -13.46
N GLN B 364 -73.19 -32.27 -12.32
CA GLN B 364 -73.45 -33.62 -11.80
C GLN B 364 -74.63 -33.59 -10.83
N GLN B 365 -74.91 -34.76 -10.24
CA GLN B 365 -76.12 -34.93 -9.44
C GLN B 365 -75.97 -34.29 -8.07
N ASN B 366 -75.03 -34.76 -7.26
CA ASN B 366 -74.82 -34.26 -5.90
C ASN B 366 -73.45 -33.60 -5.83
N ASP B 367 -73.41 -32.27 -5.84
CA ASP B 367 -72.18 -31.52 -5.80
C ASP B 367 -72.31 -30.32 -4.87
N ALA B 368 -71.28 -30.10 -4.07
CA ALA B 368 -71.16 -28.88 -3.29
C ALA B 368 -70.74 -27.73 -4.20
N LEU B 369 -70.98 -26.50 -3.74
CA LEU B 369 -70.75 -25.34 -4.58
C LEU B 369 -70.47 -24.14 -3.67
N VAL B 370 -69.20 -23.75 -3.58
CA VAL B 370 -68.82 -22.59 -2.77
C VAL B 370 -69.25 -21.33 -3.49
N ILE B 371 -70.00 -20.47 -2.81
CA ILE B 371 -70.50 -19.22 -3.37
C ILE B 371 -70.01 -18.08 -2.49
N GLU B 372 -69.37 -17.09 -3.11
CA GLU B 372 -68.88 -15.90 -2.43
C GLU B 372 -69.64 -14.68 -2.91
N VAL B 373 -70.05 -13.83 -1.96
CA VAL B 373 -70.90 -12.68 -2.25
C VAL B 373 -70.42 -11.51 -1.41
N GLU B 374 -70.37 -10.32 -2.01
CA GLU B 374 -70.05 -9.10 -1.29
C GLU B 374 -71.31 -8.26 -1.15
N PRO B 375 -71.97 -8.26 0.01
CA PRO B 375 -73.21 -7.50 0.17
C PRO B 375 -72.93 -6.03 0.42
N PRO B 376 -73.93 -5.17 0.25
CA PRO B 376 -73.74 -3.75 0.56
C PRO B 376 -73.75 -3.52 2.07
N PHE B 377 -73.50 -2.26 2.44
CA PHE B 377 -73.36 -1.91 3.85
C PHE B 377 -74.69 -2.09 4.59
N GLY B 378 -75.80 -1.71 3.97
CA GLY B 378 -77.10 -1.81 4.59
C GLY B 378 -77.61 -3.25 4.59
N ASP B 379 -78.87 -3.38 5.00
CA ASP B 379 -79.52 -4.68 4.99
C ASP B 379 -79.69 -5.18 3.57
N SER B 380 -79.55 -6.49 3.38
CA SER B 380 -79.65 -7.08 2.05
C SER B 380 -80.06 -8.54 2.20
N VAL B 381 -80.54 -9.10 1.09
CA VAL B 381 -80.98 -10.49 1.04
C VAL B 381 -80.25 -11.18 -0.11
N ILE B 382 -79.74 -12.38 0.16
CA ILE B 382 -78.99 -13.15 -0.81
C ILE B 382 -79.86 -14.31 -1.26
N GLU B 383 -80.28 -14.28 -2.52
CA GLU B 383 -81.20 -15.27 -3.06
C GLU B 383 -80.48 -16.23 -3.99
N ILE B 384 -80.47 -17.52 -3.64
CA ILE B 384 -79.90 -18.56 -4.47
C ILE B 384 -81.01 -19.51 -4.92
N GLY B 385 -81.55 -19.27 -6.10
CA GLY B 385 -82.59 -20.13 -6.61
C GLY B 385 -83.33 -19.46 -7.75
N LEU B 386 -84.24 -20.24 -8.35
CA LEU B 386 -85.03 -19.76 -9.48
C LEU B 386 -86.51 -19.73 -9.17
N GLY B 387 -87.11 -20.86 -8.76
CA GLY B 387 -88.54 -20.94 -8.54
C GLY B 387 -88.97 -20.38 -7.21
N THR B 388 -90.12 -20.85 -6.73
CA THR B 388 -90.63 -20.42 -5.44
C THR B 388 -89.89 -21.04 -4.26
N THR B 389 -89.18 -22.15 -4.49
CA THR B 389 -88.39 -22.80 -3.45
C THR B 389 -86.94 -22.35 -3.61
N LYS B 390 -86.67 -21.12 -3.19
CA LYS B 390 -85.36 -20.52 -3.30
C LYS B 390 -84.83 -20.18 -1.91
N ILE B 391 -83.51 -20.13 -1.79
CA ILE B 391 -82.86 -19.81 -0.53
C ILE B 391 -82.83 -18.30 -0.36
N VAL B 392 -83.39 -17.80 0.74
CA VAL B 392 -83.64 -16.37 0.90
C VAL B 392 -82.91 -15.85 2.13
N GLU B 393 -81.74 -16.41 2.43
CA GLU B 393 -80.95 -15.93 3.55
C GLU B 393 -80.59 -14.46 3.37
N GLN B 394 -80.61 -13.71 4.47
CA GLN B 394 -80.34 -12.28 4.47
C GLN B 394 -79.10 -11.98 5.31
N TRP B 395 -78.71 -10.70 5.31
CA TRP B 395 -77.49 -10.28 5.98
C TRP B 395 -77.59 -8.80 6.35
N HIS B 396 -76.72 -8.39 7.26
CA HIS B 396 -76.64 -7.01 7.72
C HIS B 396 -75.34 -6.32 7.28
N ARG B 397 -74.19 -6.90 7.60
CA ARG B 397 -72.87 -6.33 7.30
C ARG B 397 -72.77 -4.90 7.85
N ASP B 398 -72.82 -4.83 9.19
CA ASP B 398 -72.79 -3.56 9.90
C ASP B 398 -71.44 -2.89 9.68
N GLY B 399 -71.45 -1.69 9.10
CA GLY B 399 -70.23 -0.95 8.84
C GLY B 399 -70.54 0.43 8.30
N SER B 400 -69.48 1.20 8.14
CA SER B 400 -69.58 2.55 7.61
C SER B 400 -68.72 2.71 6.36
N SER B 401 -69.24 3.46 5.38
CA SER B 401 -68.52 3.69 4.15
C SER B 401 -67.27 4.53 4.37
N ILE B 402 -67.36 5.54 5.25
CA ILE B 402 -66.18 6.36 5.56
C ILE B 402 -65.10 5.50 6.22
N GLY B 403 -65.50 4.59 7.10
CA GLY B 403 -64.54 3.67 7.68
C GLY B 403 -63.89 2.77 6.64
N ALA B 404 -64.69 2.31 5.67
CA ALA B 404 -64.13 1.48 4.60
C ALA B 404 -63.12 2.27 3.77
N ALA B 405 -63.42 3.53 3.46
CA ALA B 405 -62.47 4.36 2.72
C ALA B 405 -61.21 4.59 3.53
N PHE B 406 -61.35 4.82 4.84
CA PHE B 406 -60.18 5.02 5.69
C PHE B 406 -59.29 3.78 5.71
N THR B 407 -59.91 2.61 5.86
CA THR B 407 -59.14 1.37 5.86
C THR B 407 -58.47 1.12 4.51
N SER B 408 -59.17 1.42 3.42
CA SER B 408 -58.58 1.24 2.10
C SER B 408 -57.37 2.14 1.91
N THR B 409 -57.50 3.42 2.29
CA THR B 409 -56.38 4.35 2.16
C THR B 409 -55.21 3.94 3.04
N MET B 410 -55.50 3.51 4.27
CA MET B 410 -54.45 3.07 5.17
C MET B 410 -53.73 1.84 4.64
N LYS B 411 -54.49 0.87 4.11
CA LYS B 411 -53.89 -0.32 3.54
C LYS B 411 -53.02 0.03 2.34
N GLY B 412 -53.50 0.94 1.49
CA GLY B 412 -52.72 1.38 0.35
C GLY B 412 -51.40 2.01 0.77
N VAL B 413 -51.46 3.00 1.67
CA VAL B 413 -50.26 3.69 2.11
C VAL B 413 -49.36 2.79 2.94
N GLU B 414 -49.90 1.71 3.50
CA GLU B 414 -49.08 0.79 4.30
C GLU B 414 -48.35 -0.22 3.42
N ARG B 415 -49.10 -1.01 2.66
CA ARG B 415 -48.50 -2.07 1.85
C ARG B 415 -48.13 -1.61 0.46
N MET B 416 -49.04 -0.94 -0.25
CA MET B 416 -48.77 -0.53 -1.62
C MET B 416 -47.65 0.50 -1.69
N ALA B 417 -47.67 1.49 -0.79
CA ALA B 417 -46.71 2.58 -0.85
C ALA B 417 -45.28 2.11 -0.60
N LEU B 418 -45.09 0.90 -0.11
CA LEU B 418 -43.77 0.31 0.00
C LEU B 418 -43.31 -0.17 -1.39
N LEU B 419 -42.24 -0.96 -1.42
CA LEU B 419 -41.70 -1.56 -2.63
C LEU B 419 -41.10 -0.54 -3.60
N GLY B 420 -40.93 0.70 -3.16
CA GLY B 420 -40.32 1.72 -4.01
C GLY B 420 -41.21 2.03 -5.21
N GLU B 421 -40.61 1.96 -6.40
CA GLU B 421 -41.36 2.26 -7.62
C GLU B 421 -42.47 1.25 -7.88
N HIS B 422 -42.37 0.05 -7.30
CA HIS B 422 -43.38 -0.98 -7.47
C HIS B 422 -44.72 -0.61 -6.85
N ALA B 423 -44.82 0.57 -6.22
CA ALA B 423 -46.06 0.98 -5.59
C ALA B 423 -47.18 1.14 -6.60
N TRP B 424 -46.89 1.75 -7.75
CA TRP B 424 -47.89 2.08 -8.76
C TRP B 424 -48.05 1.00 -9.81
N ASP B 425 -47.77 -0.26 -9.46
CA ASP B 425 -47.84 -1.37 -10.40
C ASP B 425 -49.02 -2.30 -10.11
N PHE B 426 -50.09 -1.79 -9.50
CA PHE B 426 -51.28 -2.59 -9.27
C PHE B 426 -52.21 -2.63 -10.47
N GLY B 427 -51.94 -1.83 -11.51
CA GLY B 427 -52.80 -1.81 -12.67
C GLY B 427 -52.22 -0.92 -13.74
N SER B 428 -53.04 -0.63 -14.75
CA SER B 428 -52.66 0.22 -15.87
C SER B 428 -53.51 1.48 -15.84
N VAL B 429 -52.84 2.64 -15.81
CA VAL B 429 -53.50 3.93 -15.82
C VAL B 429 -52.91 4.77 -16.95
N GLY B 430 -53.78 5.39 -17.73
CA GLY B 430 -53.34 6.24 -18.82
C GLY B 430 -52.99 7.63 -18.36
N GLY B 431 -52.90 8.54 -19.32
CA GLY B 431 -52.55 9.91 -19.01
C GLY B 431 -51.12 10.10 -18.55
N PHE B 432 -50.22 9.17 -18.92
CA PHE B 432 -48.80 9.21 -18.59
C PHE B 432 -48.52 9.00 -17.10
N PHE B 433 -49.56 8.80 -16.29
CA PHE B 433 -49.45 8.77 -14.83
C PHE B 433 -48.43 7.74 -14.34
N ASN B 434 -48.68 6.47 -14.63
CA ASN B 434 -47.78 5.41 -14.18
C ASN B 434 -46.38 5.60 -14.76
N SER B 435 -46.30 6.08 -16.00
CA SER B 435 -44.99 6.23 -16.63
C SER B 435 -44.13 7.26 -15.89
N MET B 436 -44.68 8.44 -15.62
CA MET B 436 -43.84 9.43 -14.93
C MET B 436 -43.65 9.06 -13.47
N GLY B 437 -44.61 8.35 -12.86
CA GLY B 437 -44.40 7.87 -11.50
C GLY B 437 -43.21 6.94 -11.41
N LYS B 438 -43.16 5.95 -12.31
CA LYS B 438 -42.02 5.04 -12.35
C LYS B 438 -40.74 5.78 -12.69
N ALA B 439 -40.81 6.74 -13.62
CA ALA B 439 -39.61 7.47 -14.04
C ALA B 439 -39.03 8.26 -12.87
N ILE B 440 -39.86 8.96 -12.10
CA ILE B 440 -39.36 9.73 -10.97
C ILE B 440 -38.89 8.81 -9.86
N HIS B 441 -39.62 7.72 -9.59
CA HIS B 441 -39.20 6.82 -8.53
C HIS B 441 -37.93 6.05 -8.89
N SER B 442 -37.60 5.94 -10.18
CA SER B 442 -36.33 5.32 -10.56
C SER B 442 -35.15 6.09 -9.97
N VAL B 443 -35.09 7.40 -10.21
CA VAL B 443 -34.02 8.20 -9.64
C VAL B 443 -34.22 8.38 -8.13
N PHE B 444 -35.47 8.35 -7.67
CA PHE B 444 -35.73 8.47 -6.24
C PHE B 444 -35.12 7.32 -5.46
N GLY B 445 -35.19 6.10 -6.01
CA GLY B 445 -34.52 4.97 -5.41
C GLY B 445 -33.05 4.90 -5.77
N GLY B 446 -32.65 5.48 -6.90
CA GLY B 446 -31.25 5.50 -7.26
C GLY B 446 -30.41 6.36 -6.33
N LEU B 447 -30.97 7.47 -5.86
CA LEU B 447 -30.23 8.39 -5.00
C LEU B 447 -31.01 8.67 -3.72
N PHE B 448 -30.28 8.69 -2.61
CA PHE B 448 -30.76 9.17 -1.31
C PHE B 448 -31.73 8.20 -0.64
N ARG B 449 -32.14 7.14 -1.33
CA ARG B 449 -33.04 6.15 -0.75
C ARG B 449 -32.44 4.76 -0.70
N ALA B 450 -31.88 4.28 -1.81
CA ALA B 450 -31.29 2.95 -1.86
C ALA B 450 -29.82 2.96 -2.29
N VAL B 451 -29.24 4.14 -2.55
CA VAL B 451 -27.82 4.20 -2.84
C VAL B 451 -27.00 3.84 -1.60
N PHE B 452 -27.55 4.10 -0.42
CA PHE B 452 -26.87 3.75 0.83
C PHE B 452 -27.93 3.45 1.89
N GLY B 453 -27.53 2.69 2.89
CA GLY B 453 -28.41 2.33 3.98
C GLY B 453 -27.74 2.45 5.34
N GLY B 454 -28.35 1.85 6.36
CA GLY B 454 -27.79 1.89 7.69
C GLY B 454 -28.76 2.42 8.73
N MET B 455 -30.05 2.41 8.40
CA MET B 455 -31.09 2.92 9.28
C MET B 455 -31.82 1.78 9.96
N SER B 456 -31.75 1.73 11.28
CA SER B 456 -32.56 0.85 12.10
C SER B 456 -33.59 1.70 12.83
N TRP B 457 -34.58 1.03 13.43
CA TRP B 457 -35.75 1.76 13.94
C TRP B 457 -35.38 2.78 15.02
N ILE B 458 -34.35 2.50 15.82
CA ILE B 458 -33.95 3.45 16.86
C ILE B 458 -33.46 4.75 16.23
N SER B 459 -32.53 4.64 15.28
CA SER B 459 -32.06 5.83 14.57
C SER B 459 -33.18 6.48 13.79
N LYS B 460 -34.11 5.68 13.26
CA LYS B 460 -35.23 6.22 12.50
C LYS B 460 -36.10 7.12 13.38
N VAL B 461 -36.48 6.63 14.56
CA VAL B 461 -37.33 7.45 15.43
C VAL B 461 -36.56 8.64 15.98
N LEU B 462 -35.27 8.47 16.28
CA LEU B 462 -34.47 9.60 16.76
C LEU B 462 -34.40 10.71 15.71
N ILE B 463 -34.06 10.35 14.47
CA ILE B 463 -33.96 11.33 13.40
C ILE B 463 -35.33 11.92 13.08
N GLY B 464 -36.39 11.11 13.19
CA GLY B 464 -37.73 11.64 12.97
C GLY B 464 -38.11 12.69 13.98
N ALA B 465 -37.81 12.45 15.26
CA ALA B 465 -38.09 13.46 16.29
C ALA B 465 -37.23 14.71 16.08
N ILE B 466 -35.96 14.52 15.72
CA ILE B 466 -35.08 15.66 15.49
C ILE B 466 -35.61 16.50 14.34
N LEU B 467 -36.04 15.84 13.25
CA LEU B 467 -36.57 16.57 12.10
C LEU B 467 -37.90 17.23 12.43
N MET B 468 -38.72 16.58 13.25
CA MET B 468 -39.96 17.20 13.72
C MET B 468 -39.67 18.52 14.42
N TRP B 469 -38.74 18.49 15.38
CA TRP B 469 -38.45 19.71 16.14
C TRP B 469 -37.79 20.76 15.26
N LEU B 470 -36.91 20.34 14.34
CA LEU B 470 -36.27 21.28 13.44
C LEU B 470 -37.29 21.96 12.51
N GLY B 471 -38.24 21.19 11.99
CA GLY B 471 -39.28 21.76 11.17
C GLY B 471 -40.21 22.68 11.93
N VAL B 472 -40.51 22.34 13.19
CA VAL B 472 -41.32 23.22 14.02
C VAL B 472 -40.59 24.54 14.25
N SER B 473 -39.32 24.46 14.62
CA SER B 473 -38.48 25.65 14.80
C SER B 473 -37.66 25.95 13.54
N ALA B 474 -38.34 26.09 12.40
CA ALA B 474 -37.68 26.31 11.12
C ALA B 474 -37.96 27.72 10.63
N ARG B 475 -36.91 28.44 10.28
CA ARG B 475 -37.00 29.76 9.68
C ARG B 475 -36.55 29.68 8.22
N GLU B 476 -36.72 30.78 7.50
CA GLU B 476 -36.47 30.89 6.05
C GLU B 476 -37.39 30.00 5.23
N LYS B 477 -38.40 29.40 5.87
CA LYS B 477 -39.39 28.53 5.21
C LYS B 477 -38.70 27.39 4.47
N THR B 478 -38.02 26.54 5.25
CA THR B 478 -37.46 25.30 4.71
C THR B 478 -38.49 24.18 4.65
N LEU B 479 -39.67 24.37 5.22
CA LEU B 479 -40.71 23.35 5.15
C LEU B 479 -41.21 23.16 3.72
N ALA B 480 -41.09 24.21 2.89
CA ALA B 480 -41.50 24.09 1.49
C ALA B 480 -40.67 23.05 0.76
N MET B 481 -39.36 23.02 1.00
CA MET B 481 -38.49 22.00 0.43
C MET B 481 -38.38 20.76 1.31
N SER B 482 -38.95 20.79 2.51
CA SER B 482 -38.91 19.63 3.40
C SER B 482 -40.15 18.74 3.29
N LEU B 483 -41.25 19.26 2.75
CA LEU B 483 -42.46 18.47 2.63
C LEU B 483 -42.26 17.30 1.66
N ILE B 484 -41.51 17.53 0.58
CA ILE B 484 -41.29 16.47 -0.40
C ILE B 484 -40.39 15.38 0.19
N THR B 485 -39.32 15.77 0.89
CA THR B 485 -38.39 14.78 1.42
C THR B 485 -39.02 13.95 2.52
N VAL B 486 -39.43 14.59 3.61
CA VAL B 486 -40.07 13.92 4.73
C VAL B 486 -41.40 14.62 5.01
N GLY B 487 -42.50 13.91 4.80
CA GLY B 487 -43.81 14.47 5.05
C GLY B 487 -44.64 13.60 5.98
N ALA B 488 -45.88 13.32 5.61
CA ALA B 488 -46.73 12.45 6.40
C ALA B 488 -46.51 10.97 6.09
N ILE B 489 -46.28 10.64 4.82
CA ILE B 489 -46.12 9.23 4.43
C ILE B 489 -44.85 8.66 5.03
N LEU B 490 -43.72 9.37 4.89
CA LEU B 490 -42.46 8.87 5.41
C LEU B 490 -42.45 8.85 6.92
N LEU B 491 -43.09 9.83 7.57
CA LEU B 491 -43.15 9.82 9.03
C LEU B 491 -44.02 8.68 9.52
N TYR B 492 -45.11 8.38 8.82
CA TYR B 492 -45.91 7.20 9.14
C TYR B 492 -45.10 5.93 8.96
N LEU B 493 -44.28 5.88 7.91
CA LEU B 493 -43.40 4.73 7.69
C LEU B 493 -42.43 4.57 8.85
N SER B 494 -41.88 5.68 9.35
CA SER B 494 -40.97 5.61 10.49
C SER B 494 -41.70 5.18 11.76
N THR B 495 -42.94 5.64 11.95
CA THR B 495 -43.65 5.43 13.21
C THR B 495 -44.31 4.04 13.29
N MET B 496 -45.24 3.76 12.39
CA MET B 496 -46.06 2.56 12.47
C MET B 496 -45.84 1.60 11.31
N THR B 497 -45.76 2.10 10.08
CA THR B 497 -45.53 1.25 8.93
C THR B 497 -44.12 0.66 8.98
N ASN B 498 -43.87 -0.31 8.10
CA ASN B 498 -42.56 -0.96 7.99
C ASN B 498 -42.13 -1.60 9.31
N ALA B 499 -43.11 -2.17 10.02
CA ALA B 499 -42.84 -2.80 11.31
C ALA B 499 -42.94 -4.32 11.20
CA SER C 1 19.46 8.60 2.49
C SER C 1 19.63 9.89 1.70
N ILE C 2 18.56 10.32 1.03
CA ILE C 2 18.57 11.54 0.24
C ILE C 2 17.82 12.69 0.92
N MET C 3 16.84 12.39 1.76
CA MET C 3 16.12 13.41 2.51
C MET C 3 16.56 13.47 3.97
N ILE C 4 16.51 12.34 4.67
CA ILE C 4 17.04 12.28 6.03
C ILE C 4 18.55 12.43 5.98
N PRO C 5 19.16 13.19 6.90
CA PRO C 5 20.63 13.33 6.89
C PRO C 5 21.31 11.97 7.10
N THR C 6 22.62 11.96 6.86
CA THR C 6 23.41 10.75 6.95
C THR C 6 23.56 10.33 8.41
N HIS C 7 24.33 9.26 8.65
CA HIS C 7 24.50 8.69 9.98
C HIS C 7 25.64 9.34 10.75
N SER C 8 26.01 10.59 10.42
CA SER C 8 27.09 11.28 11.09
C SER C 8 26.69 11.88 12.44
N THR C 9 25.55 11.47 12.99
CA THR C 9 25.09 11.97 14.27
C THR C 9 25.65 11.21 15.46
N GLY C 10 26.40 10.13 15.22
CA GLY C 10 26.95 9.35 16.31
C GLY C 10 28.15 9.96 17.00
N GLY C 11 28.71 11.03 16.46
CA GLY C 11 29.86 11.67 17.07
C GLY C 11 31.10 10.81 17.09
N LEU C 12 31.30 10.01 16.03
CA LEU C 12 32.44 9.10 15.94
C LEU C 12 33.36 9.47 14.78
N HIS C 13 33.60 10.76 14.60
CA HIS C 13 34.51 11.22 13.55
C HIS C 13 35.93 11.34 14.11
N GLN C 14 36.89 10.83 13.33
CA GLN C 14 38.29 10.86 13.73
C GLN C 14 39.13 11.18 12.49
N GLY C 15 40.45 11.09 12.65
CA GLY C 15 41.36 11.45 11.57
C GLY C 15 41.64 10.34 10.58
N THR C 16 40.68 9.44 10.40
CA THR C 16 40.80 8.34 9.45
C THR C 16 39.73 8.50 8.38
N GLU C 17 40.15 8.49 7.12
CA GLU C 17 39.25 8.67 5.99
C GLU C 17 39.57 7.67 4.90
N GLY C 18 38.54 7.34 4.09
CA GLY C 18 38.69 6.40 3.00
C GLY C 18 39.05 7.08 1.69
N TRP C 19 39.09 6.27 0.63
CA TRP C 19 39.40 6.78 -0.69
C TRP C 19 38.35 7.77 -1.18
N HIS C 20 37.06 7.45 -0.96
CA HIS C 20 35.99 8.19 -1.62
C HIS C 20 34.96 8.72 -0.63
N ARG C 21 35.41 9.36 0.43
CA ARG C 21 34.52 9.90 1.45
C ARG C 21 34.45 11.42 1.47
N THR C 22 35.49 12.11 0.98
CA THR C 22 35.52 13.57 1.05
C THR C 22 34.91 14.25 -0.17
N ASN C 23 34.46 13.49 -1.16
CA ASN C 23 33.93 14.09 -2.39
C ASN C 23 32.44 14.39 -2.31
N ASN C 24 31.75 13.95 -1.27
CA ASN C 24 30.30 14.12 -1.20
C ASN C 24 29.91 15.59 -1.03
N VAL C 25 30.74 16.38 -0.33
CA VAL C 25 30.40 17.77 -0.06
C VAL C 25 30.25 18.55 -1.36
N LYS C 26 31.18 18.36 -2.30
CA LYS C 26 31.06 19.00 -3.59
C LYS C 26 30.15 18.24 -4.54
N ASN C 27 30.02 16.92 -4.35
CA ASN C 27 29.16 16.13 -5.23
C ASN C 27 27.69 16.54 -5.08
N PHE C 28 27.25 16.79 -3.85
CA PHE C 28 25.87 17.20 -3.62
C PHE C 28 25.58 18.53 -4.31
N LEU C 29 26.48 19.50 -4.15
CA LEU C 29 26.30 20.80 -4.78
C LEU C 29 26.31 20.68 -6.31
N MET C 30 27.21 19.85 -6.85
CA MET C 30 27.26 19.66 -8.29
C MET C 30 25.98 19.05 -8.81
N ARG C 31 25.45 18.03 -8.12
CA ARG C 31 24.18 17.44 -8.52
C ARG C 31 23.05 18.45 -8.46
N VAL C 32 23.00 19.26 -7.40
CA VAL C 32 21.94 20.24 -7.25
C VAL C 32 22.00 21.28 -8.37
N GLU C 33 23.20 21.78 -8.68
CA GLU C 33 23.30 22.79 -9.72
C GLU C 33 23.01 22.20 -11.10
N LYS C 34 23.42 20.95 -11.33
CA LYS C 34 23.07 20.29 -12.60
C LYS C 34 21.57 20.17 -12.76
N TRP C 35 20.88 19.74 -11.69
CA TRP C 35 19.43 19.64 -11.75
C TRP C 35 18.79 21.00 -11.98
N SER C 36 19.30 22.03 -11.30
CA SER C 36 18.74 23.37 -11.45
C SER C 36 18.91 23.90 -12.87
N LEU C 37 20.08 23.69 -13.47
CA LEU C 37 20.30 24.16 -14.83
C LEU C 37 19.55 23.33 -15.85
N ARG C 38 19.31 22.05 -15.59
CA ARG C 38 18.55 21.24 -16.54
C ARG C 38 17.06 21.52 -16.47
N ASN C 39 16.53 21.84 -15.29
CA ASN C 39 15.11 22.12 -15.11
C ASN C 39 14.93 23.57 -14.66
N PRO C 40 14.68 24.50 -15.58
CA PRO C 40 14.50 25.90 -15.16
C PRO C 40 13.10 26.24 -14.69
N GLY C 41 12.08 25.48 -15.10
CA GLY C 41 10.72 25.82 -14.74
C GLY C 41 10.45 25.72 -13.26
N TYR C 42 10.94 24.65 -12.62
CA TYR C 42 10.74 24.49 -11.19
C TYR C 42 11.43 25.60 -10.41
N THR C 43 12.66 25.95 -10.80
CA THR C 43 13.38 27.04 -10.14
C THR C 43 12.66 28.36 -10.35
N ALA C 44 12.11 28.59 -11.54
CA ALA C 44 11.34 29.82 -11.78
C ALA C 44 10.10 29.87 -10.91
N LEU C 45 9.40 28.74 -10.76
CA LEU C 45 8.23 28.70 -9.89
C LEU C 45 8.59 28.99 -8.44
N ILE C 46 9.69 28.39 -7.96
CA ILE C 46 10.12 28.63 -6.59
C ILE C 46 10.51 30.09 -6.40
N ALA C 47 11.21 30.68 -7.37
CA ALA C 47 11.58 32.09 -7.28
C ALA C 47 10.35 32.98 -7.28
N ILE C 48 9.35 32.66 -8.10
CA ILE C 48 8.12 33.45 -8.13
C ILE C 48 7.42 33.39 -6.78
N LEU C 49 7.32 32.19 -6.20
CA LEU C 49 6.69 32.07 -4.88
C LEU C 49 7.47 32.82 -3.82
N GLY C 50 8.81 32.73 -3.85
CA GLY C 50 9.62 33.44 -2.87
C GLY C 50 9.52 34.95 -3.00
N TRP C 51 9.37 35.45 -4.23
CA TRP C 51 9.16 36.88 -4.42
C TRP C 51 7.77 37.29 -3.97
N THR C 52 6.76 36.45 -4.21
CA THR C 52 5.40 36.79 -3.81
C THR C 52 5.26 36.83 -2.29
N LEU C 53 5.87 35.88 -1.59
CA LEU C 53 5.73 35.77 -0.14
C LEU C 53 6.92 36.41 0.57
N GLY C 54 6.62 37.05 1.68
CA GLY C 54 7.66 37.68 2.48
C GLY C 54 8.03 39.08 2.05
N THR C 55 8.54 39.20 0.81
CA THR C 55 8.96 40.49 0.25
C THR C 55 10.00 41.17 1.14
N THR C 56 10.90 40.37 1.72
CA THR C 56 11.94 40.89 2.60
C THR C 56 13.35 40.72 2.02
N THR C 57 13.54 39.82 1.08
CA THR C 57 14.84 39.50 0.49
C THR C 57 15.85 39.04 1.53
N ALA C 58 15.37 38.55 2.67
CA ALA C 58 16.23 38.02 3.72
C ALA C 58 15.89 36.59 4.11
N GLN C 59 14.60 36.25 4.15
CA GLN C 59 14.17 34.89 4.44
C GLN C 59 13.77 34.11 3.19
N LYS C 60 13.40 34.83 2.11
CA LYS C 60 13.11 34.15 0.86
C LYS C 60 14.32 33.40 0.32
N VAL C 61 15.53 33.88 0.63
CA VAL C 61 16.73 33.15 0.27
C VAL C 61 16.77 31.80 0.96
N ILE C 62 16.45 31.78 2.26
CA ILE C 62 16.41 30.52 3.00
C ILE C 62 15.30 29.63 2.44
N PHE C 63 14.16 30.21 2.09
CA PHE C 63 13.05 29.43 1.54
C PHE C 63 13.45 28.77 0.22
N ILE C 64 14.06 29.54 -0.69
CA ILE C 64 14.44 28.99 -1.98
C ILE C 64 15.57 27.97 -1.82
N ALA C 65 16.47 28.20 -0.86
CA ALA C 65 17.52 27.22 -0.60
C ALA C 65 16.92 25.89 -0.11
N LEU C 66 15.96 25.96 0.81
CA LEU C 66 15.32 24.75 1.30
C LEU C 66 14.55 24.04 0.19
N LEU C 67 13.84 24.80 -0.65
CA LEU C 67 13.12 24.19 -1.76
C LEU C 67 14.05 23.52 -2.76
N LEU C 68 15.17 24.16 -3.09
CA LEU C 68 16.14 23.55 -3.99
C LEU C 68 16.82 22.35 -3.36
N MET C 69 17.01 22.35 -2.04
CA MET C 69 17.60 21.19 -1.37
C MET C 69 16.65 20.01 -1.36
N ILE C 70 15.38 20.23 -1.02
CA ILE C 70 14.42 19.14 -1.02
C ILE C 70 14.13 18.65 -2.44
N ALA C 71 14.23 19.55 -3.42
CA ALA C 71 14.07 19.13 -4.80
C ALA C 71 15.30 18.38 -5.26
N PRO C 72 15.15 17.15 -5.80
CA PRO C 72 16.28 16.34 -6.25
C PRO C 72 17.00 16.94 -7.45
CA SER D 1 -23.23 -4.09 15.66
C SER D 1 -23.77 -3.84 17.05
N ILE D 2 -22.94 -3.23 17.91
CA ILE D 2 -23.31 -2.92 19.28
C ILE D 2 -23.54 -1.42 19.47
N MET D 3 -22.59 -0.59 19.03
CA MET D 3 -22.82 0.84 18.90
C MET D 3 -23.49 1.17 17.58
N ILE D 4 -23.28 0.35 16.56
CA ILE D 4 -23.97 0.46 15.27
C ILE D 4 -25.44 0.11 15.49
N PRO D 5 -26.37 0.73 14.77
CA PRO D 5 -27.75 0.26 14.79
C PRO D 5 -27.85 -1.17 14.27
N THR D 6 -29.06 -1.72 14.35
CA THR D 6 -29.28 -3.12 13.99
C THR D 6 -29.13 -3.29 12.48
N HIS D 7 -29.35 -4.52 12.01
CA HIS D 7 -29.15 -4.87 10.61
C HIS D 7 -30.39 -4.61 9.76
N SER D 8 -31.24 -3.66 10.16
CA SER D 8 -32.45 -3.32 9.43
C SER D 8 -32.17 -2.46 8.20
N THR D 9 -30.92 -2.37 7.77
CA THR D 9 -30.53 -1.55 6.63
C THR D 9 -30.96 -2.13 5.29
N GLY D 10 -31.25 -3.43 5.23
CA GLY D 10 -31.62 -4.04 3.97
C GLY D 10 -33.04 -3.75 3.52
N GLY D 11 -33.86 -3.17 4.37
CA GLY D 11 -35.24 -2.88 4.03
C GLY D 11 -36.06 -4.13 3.75
N LEU D 12 -35.84 -5.20 4.52
CA LEU D 12 -36.51 -6.47 4.33
C LEU D 12 -37.44 -6.80 5.50
N HIS D 13 -38.10 -5.79 6.05
CA HIS D 13 -39.06 -6.01 7.12
C HIS D 13 -40.34 -6.62 6.57
N GLN D 14 -40.93 -7.53 7.34
CA GLN D 14 -42.13 -8.22 6.93
C GLN D 14 -43.00 -8.46 8.16
N GLY D 15 -44.10 -9.19 7.98
CA GLY D 15 -45.00 -9.48 9.07
C GLY D 15 -44.63 -10.72 9.85
N THR D 16 -43.33 -11.01 9.93
CA THR D 16 -42.81 -12.16 10.66
C THR D 16 -41.82 -11.65 11.71
N GLU D 17 -42.19 -11.74 12.98
CA GLU D 17 -41.34 -11.29 14.07
C GLU D 17 -41.52 -12.22 15.26
N GLY D 18 -40.47 -12.36 16.06
CA GLY D 18 -40.50 -13.17 17.26
C GLY D 18 -40.83 -12.35 18.50
N TRP D 19 -40.89 -13.04 19.62
CA TRP D 19 -41.18 -12.42 20.91
C TRP D 19 -39.93 -11.91 21.61
N HIS D 20 -38.74 -12.23 21.09
CA HIS D 20 -37.48 -11.65 21.57
C HIS D 20 -36.98 -10.57 20.64
N ARG D 21 -37.76 -10.23 19.61
CA ARG D 21 -37.42 -9.20 18.64
C ARG D 21 -38.19 -7.90 18.86
N THR D 22 -39.44 -7.99 19.32
CA THR D 22 -40.24 -6.81 19.59
C THR D 22 -40.05 -6.27 21.00
N ASN D 23 -39.23 -6.93 21.83
CA ASN D 23 -39.00 -6.46 23.19
C ASN D 23 -37.89 -5.42 23.27
N ASN D 24 -37.16 -5.17 22.19
CA ASN D 24 -36.05 -4.22 22.23
C ASN D 24 -36.54 -2.81 22.51
N VAL D 25 -37.72 -2.45 21.99
CA VAL D 25 -38.22 -1.09 22.12
C VAL D 25 -38.34 -0.69 23.59
N LYS D 26 -38.86 -1.58 24.42
CA LYS D 26 -38.99 -1.27 25.84
C LYS D 26 -37.72 -1.65 26.62
N ASN D 27 -36.99 -2.66 26.15
CA ASN D 27 -35.78 -3.08 26.85
C ASN D 27 -34.73 -1.99 26.86
N PHE D 28 -34.53 -1.33 25.72
CA PHE D 28 -33.53 -0.25 25.64
C PHE D 28 -33.87 0.87 26.59
N LEU D 29 -35.13 1.31 26.60
CA LEU D 29 -35.54 2.40 27.48
C LEU D 29 -35.45 1.99 28.94
N MET D 30 -35.81 0.75 29.26
CA MET D 30 -35.73 0.28 30.64
C MET D 30 -34.31 0.28 31.14
N ARG D 31 -33.38 -0.25 30.33
CA ARG D 31 -31.98 -0.25 30.74
C ARG D 31 -31.43 1.17 30.85
N VAL D 32 -31.82 2.04 29.92
CA VAL D 32 -31.35 3.43 29.95
C VAL D 32 -31.81 4.11 31.22
N GLU D 33 -33.09 3.95 31.57
CA GLU D 33 -33.61 4.62 32.77
C GLU D 33 -33.03 4.02 34.04
N LYS D 34 -32.80 2.70 34.06
CA LYS D 34 -32.17 2.07 35.21
C LYS D 34 -30.77 2.64 35.44
N TRP D 35 -29.97 2.70 34.38
CA TRP D 35 -28.63 3.27 34.53
C TRP D 35 -28.68 4.75 34.86
N SER D 36 -29.67 5.47 34.33
CA SER D 36 -29.80 6.90 34.64
C SER D 36 -30.10 7.11 36.12
N LEU D 37 -30.97 6.28 36.70
CA LEU D 37 -31.27 6.43 38.11
C LEU D 37 -30.12 5.93 38.98
N ARG D 38 -29.33 4.99 38.48
CA ARG D 38 -28.18 4.53 39.24
C ARG D 38 -26.95 5.43 39.08
N ASN D 39 -26.95 6.33 38.11
CA ASN D 39 -25.83 7.23 37.85
C ASN D 39 -26.29 8.68 37.98
N PRO D 40 -26.13 9.31 39.16
CA PRO D 40 -26.53 10.72 39.30
C PRO D 40 -25.48 11.71 38.83
N GLY D 41 -24.20 11.33 38.93
CA GLY D 41 -23.14 12.30 38.67
C GLY D 41 -23.06 12.71 37.21
N TYR D 42 -23.09 11.73 36.31
CA TYR D 42 -23.05 12.06 34.88
C TYR D 42 -24.29 12.84 34.47
N THR D 43 -25.46 12.48 35.00
CA THR D 43 -26.67 13.21 34.67
C THR D 43 -26.58 14.66 35.13
N ALA D 44 -26.07 14.89 36.34
CA ALA D 44 -25.90 16.26 36.82
C ALA D 44 -24.92 17.04 35.97
N LEU D 45 -23.80 16.41 35.60
CA LEU D 45 -22.82 17.08 34.74
C LEU D 45 -23.42 17.44 33.39
N ILE D 46 -24.23 16.52 32.83
CA ILE D 46 -24.82 16.76 31.52
C ILE D 46 -25.86 17.87 31.59
N ALA D 47 -26.63 17.91 32.69
CA ALA D 47 -27.58 19.01 32.87
C ALA D 47 -26.85 20.34 32.98
N ILE D 48 -25.73 20.37 33.72
CA ILE D 48 -24.95 21.60 33.84
C ILE D 48 -24.43 22.03 32.48
N LEU D 49 -23.91 21.09 31.69
CA LEU D 49 -23.41 21.42 30.36
C LEU D 49 -24.53 21.92 29.46
N GLY D 50 -25.71 21.28 29.53
CA GLY D 50 -26.82 21.70 28.70
C GLY D 50 -27.32 23.09 29.05
N TRP D 51 -27.29 23.45 30.33
CA TRP D 51 -27.61 24.83 30.69
C TRP D 51 -26.50 25.78 30.30
N THR D 52 -25.25 25.33 30.30
CA THR D 52 -24.13 26.19 29.94
C THR D 52 -24.16 26.55 28.46
N LEU D 53 -24.44 25.57 27.61
CA LEU D 53 -24.42 25.77 26.16
C LEU D 53 -25.85 25.96 25.64
N GLY D 54 -25.93 26.55 24.44
CA GLY D 54 -27.21 26.75 23.79
C GLY D 54 -27.98 27.95 24.30
N THR D 55 -28.41 27.90 25.57
CA THR D 55 -29.24 28.93 26.19
C THR D 55 -30.50 29.17 25.36
N THR D 56 -31.07 28.09 24.84
CA THR D 56 -32.27 28.16 24.01
C THR D 56 -33.41 27.29 24.53
N THR D 57 -33.15 26.34 25.42
CA THR D 57 -34.11 25.38 25.94
C THR D 57 -34.67 24.45 24.87
N ALA D 58 -34.10 24.50 23.66
CA ALA D 58 -34.48 23.61 22.57
C ALA D 58 -33.35 22.69 22.12
N GLN D 59 -32.11 23.12 22.26
CA GLN D 59 -30.96 22.29 21.93
C GLN D 59 -30.42 21.51 23.13
N LYS D 60 -30.63 22.01 24.35
CA LYS D 60 -30.18 21.28 25.53
C LYS D 60 -30.91 19.97 25.72
N VAL D 61 -32.17 19.88 25.27
CA VAL D 61 -32.87 18.59 25.30
C VAL D 61 -32.17 17.59 24.39
N ILE D 62 -31.78 18.03 23.20
CA ILE D 62 -31.04 17.16 22.29
C ILE D 62 -29.70 16.79 22.91
N PHE D 63 -29.06 17.75 23.59
CA PHE D 63 -27.79 17.48 24.27
C PHE D 63 -27.94 16.37 25.30
N ILE D 64 -28.93 16.51 26.20
CA ILE D 64 -29.09 15.52 27.26
C ILE D 64 -29.52 14.18 26.69
N ALA D 65 -30.33 14.18 25.64
CA ALA D 65 -30.72 12.92 25.00
C ALA D 65 -29.52 12.22 24.38
N LEU D 66 -28.65 12.97 23.69
CA LEU D 66 -27.50 12.37 23.05
C LEU D 66 -26.47 11.90 24.06
N LEU D 67 -26.33 12.62 25.18
CA LEU D 67 -25.45 12.15 26.25
C LEU D 67 -26.00 10.88 26.90
N LEU D 68 -27.31 10.83 27.15
CA LEU D 68 -27.94 9.64 27.69
C LEU D 68 -27.99 8.51 26.67
N MET D 69 -27.71 8.80 25.40
CA MET D 69 -27.62 7.74 24.39
C MET D 69 -26.19 7.22 24.23
N ILE D 70 -25.18 8.10 24.26
CA ILE D 70 -23.80 7.62 24.25
C ILE D 70 -23.54 6.82 25.54
N ALA D 71 -23.99 7.34 26.67
CA ALA D 71 -24.12 6.54 27.87
C ALA D 71 -25.35 5.67 27.76
N PRO D 72 -25.48 4.63 28.58
CA PRO D 72 -26.71 3.84 28.55
C PRO D 72 -27.93 4.61 29.04
N SER E 1 -8.73 -9.93 -31.83
CA SER E 1 -9.83 -10.89 -31.96
C SER E 1 -11.08 -10.39 -31.25
N GLN E 2 -11.73 -11.27 -30.51
CA GLN E 2 -12.93 -10.89 -29.78
C GLN E 2 -12.60 -9.89 -28.67
N CYS E 3 -13.46 -8.90 -28.49
CA CYS E 3 -13.26 -7.84 -27.51
C CYS E 3 -14.33 -7.84 -26.45
N SER E 4 -14.94 -8.99 -26.19
CA SER E 4 -16.03 -9.09 -25.22
C SER E 4 -15.50 -9.21 -23.79
N GLY E 5 -14.47 -10.02 -23.57
CA GLY E 5 -13.99 -10.32 -22.24
C GLY E 5 -13.16 -9.24 -21.58
N ILE E 6 -12.76 -8.21 -22.31
CA ILE E 6 -11.93 -7.14 -21.76
C ILE E 6 -12.83 -6.06 -21.18
N ASP E 7 -12.39 -5.49 -20.05
CA ASP E 7 -13.17 -4.48 -19.34
C ASP E 7 -13.12 -3.12 -20.01
N LYS E 8 -11.96 -2.73 -20.56
CA LYS E 8 -11.83 -1.44 -21.22
C LYS E 8 -12.16 -1.59 -22.70
N ARG E 9 -13.23 -0.93 -23.14
CA ARG E 9 -13.68 -1.05 -24.52
C ARG E 9 -14.28 0.27 -24.96
N ASP E 10 -14.05 0.61 -26.23
CA ASP E 10 -14.57 1.82 -26.84
C ASP E 10 -15.54 1.44 -27.96
N PHE E 11 -16.67 2.15 -28.00
CA PHE E 11 -17.73 1.88 -28.99
C PHE E 11 -17.84 3.08 -29.90
N ILE E 12 -17.67 2.85 -31.21
CA ILE E 12 -17.79 3.90 -32.22
C ILE E 12 -18.96 3.55 -33.13
N GLN E 13 -19.91 4.48 -33.24
CA GLN E 13 -21.14 4.24 -33.97
C GLN E 13 -21.02 4.51 -35.46
N GLY E 14 -19.88 5.01 -35.94
CA GLY E 14 -19.67 5.24 -37.34
C GLY E 14 -20.39 6.48 -37.85
N VAL E 15 -20.11 6.81 -39.11
CA VAL E 15 -20.71 7.95 -39.78
C VAL E 15 -21.51 7.44 -40.98
N SER E 16 -22.77 7.86 -41.07
CA SER E 16 -23.62 7.43 -42.19
C SER E 16 -23.07 7.94 -43.52
N GLY E 17 -22.65 9.20 -43.56
CA GLY E 17 -22.17 9.79 -44.81
C GLY E 17 -20.84 9.24 -45.28
N GLY E 18 -19.79 9.50 -44.50
CA GLY E 18 -18.46 9.09 -44.90
C GLY E 18 -18.24 7.59 -44.81
N THR E 19 -17.10 7.15 -45.34
CA THR E 19 -16.74 5.74 -45.33
C THR E 19 -15.45 5.47 -44.56
N TRP E 20 -14.92 6.48 -43.87
CA TRP E 20 -13.70 6.31 -43.08
C TRP E 20 -13.93 6.82 -41.66
N VAL E 21 -13.26 6.17 -40.70
CA VAL E 21 -13.33 6.56 -39.29
C VAL E 21 -11.93 6.45 -38.72
N ASP E 22 -11.53 7.45 -37.94
CA ASP E 22 -10.22 7.48 -37.31
C ASP E 22 -10.32 6.91 -35.90
N VAL E 23 -9.55 5.84 -35.63
CA VAL E 23 -9.57 5.18 -34.33
C VAL E 23 -8.14 5.13 -33.80
N VAL E 24 -8.03 5.00 -32.49
CA VAL E 24 -6.75 4.90 -31.80
C VAL E 24 -6.72 3.57 -31.07
N LEU E 25 -5.67 2.78 -31.30
CA LEU E 25 -5.52 1.47 -30.71
C LEU E 25 -4.52 1.49 -29.57
N ASP E 26 -4.74 0.62 -28.59
CA ASP E 26 -3.87 0.50 -27.43
C ASP E 26 -3.61 -0.99 -27.18
N ARG E 27 -2.56 -1.26 -26.39
CA ARG E 27 -2.19 -2.64 -26.11
C ARG E 27 -3.30 -3.40 -25.39
N LYS E 28 -4.08 -2.71 -24.56
CA LYS E 28 -5.17 -3.33 -23.83
C LYS E 28 -6.54 -2.92 -24.33
N GLY E 29 -6.70 -1.70 -24.86
CA GLY E 29 -7.99 -1.25 -25.33
C GLY E 29 -8.37 -1.82 -26.67
N CYS E 30 -9.66 -1.70 -26.98
CA CYS E 30 -10.21 -2.15 -28.25
C CYS E 30 -11.36 -1.25 -28.62
N VAL E 31 -11.63 -1.17 -29.93
CA VAL E 31 -12.68 -0.31 -30.46
C VAL E 31 -13.60 -1.15 -31.33
N THR E 32 -14.90 -0.87 -31.24
CA THR E 32 -15.92 -1.53 -32.05
C THR E 32 -16.48 -0.51 -33.03
N ILE E 33 -16.30 -0.77 -34.32
CA ILE E 33 -16.78 0.11 -35.38
C ILE E 33 -17.97 -0.58 -36.06
N SER E 34 -19.07 0.15 -36.19
CA SER E 34 -20.29 -0.41 -36.75
C SER E 34 -21.03 0.70 -37.50
N ALA E 35 -20.98 0.64 -38.83
CA ALA E 35 -21.72 1.59 -39.65
C ALA E 35 -23.10 1.02 -39.97
N THR E 36 -23.98 1.88 -40.51
CA THR E 36 -25.32 1.47 -40.90
C THR E 36 -25.24 0.84 -42.28
N GLY E 37 -25.71 -0.41 -42.39
CA GLY E 37 -25.59 -1.15 -43.63
C GLY E 37 -24.26 -1.82 -43.84
N LYS E 38 -23.44 -1.96 -42.81
CA LYS E 38 -22.16 -2.65 -42.90
C LYS E 38 -22.00 -3.61 -41.73
N PRO E 39 -21.33 -4.74 -41.95
CA PRO E 39 -21.06 -5.65 -40.82
C PRO E 39 -20.03 -5.05 -39.88
N THR E 40 -20.32 -5.12 -38.58
CA THR E 40 -19.39 -4.58 -37.60
C THR E 40 -18.20 -5.50 -37.43
N ILE E 41 -17.04 -4.90 -37.16
CA ILE E 41 -15.79 -5.64 -37.01
C ILE E 41 -15.04 -5.13 -35.80
N ASP E 42 -14.11 -5.96 -35.31
CA ASP E 42 -13.32 -5.65 -34.13
C ASP E 42 -11.85 -5.67 -34.49
N VAL E 43 -11.13 -4.60 -34.14
CA VAL E 43 -9.70 -4.49 -34.39
C VAL E 43 -8.99 -4.36 -33.05
N ARG E 44 -7.94 -5.17 -32.86
CA ARG E 44 -7.22 -5.22 -31.59
C ARG E 44 -5.74 -5.07 -31.85
N MET E 45 -5.10 -4.19 -31.08
CA MET E 45 -3.64 -4.04 -31.11
C MET E 45 -3.00 -5.18 -30.36
N VAL E 46 -2.17 -5.97 -31.05
CA VAL E 46 -1.61 -7.17 -30.46
C VAL E 46 -0.33 -6.86 -29.68
N LYS E 47 0.70 -6.38 -30.37
CA LYS E 47 1.98 -6.13 -29.73
C LYS E 47 2.86 -5.30 -30.65
N MET E 48 3.85 -4.64 -30.05
CA MET E 48 4.93 -3.98 -30.77
C MET E 48 6.24 -4.62 -30.38
N GLU E 49 7.21 -4.60 -31.29
CA GLU E 49 8.52 -5.18 -30.99
C GLU E 49 9.55 -4.67 -31.99
N ALA E 50 10.69 -4.23 -31.47
CA ALA E 50 11.84 -3.90 -32.31
C ALA E 50 12.61 -5.17 -32.66
N SER E 51 13.42 -5.07 -33.71
CA SER E 51 14.13 -6.23 -34.24
C SER E 51 15.63 -6.18 -33.97
N ASN E 52 16.30 -5.11 -34.39
CA ASN E 52 17.75 -4.99 -34.26
C ASN E 52 18.09 -3.79 -33.39
N LEU E 53 19.02 -3.99 -32.46
CA LEU E 53 19.41 -2.96 -31.51
C LEU E 53 20.91 -2.73 -31.59
N ALA E 54 21.34 -1.50 -31.34
CA ALA E 54 22.73 -1.11 -31.34
C ALA E 54 23.15 -0.73 -29.93
N SER E 55 24.30 -1.25 -29.49
CA SER E 55 24.77 -0.98 -28.14
C SER E 55 25.23 0.47 -28.00
N VAL E 56 25.19 0.97 -26.76
CA VAL E 56 25.56 2.35 -26.50
C VAL E 56 26.69 2.40 -25.49
N ARG E 57 26.45 1.90 -24.27
CA ARG E 57 27.46 1.93 -23.22
C ARG E 57 27.09 0.99 -22.08
N THR E 58 28.01 0.12 -21.69
CA THR E 58 27.77 -0.86 -20.64
C THR E 58 28.47 -0.39 -19.37
N TYR E 59 27.69 0.01 -18.36
CA TYR E 59 28.25 0.47 -17.11
C TYR E 59 28.76 -0.73 -16.30
N CYS E 60 29.26 -0.45 -15.09
CA CYS E 60 29.76 -1.47 -14.19
C CYS E 60 29.05 -1.34 -12.86
N LEU E 61 28.82 -2.49 -12.21
CA LEU E 61 28.08 -2.52 -10.95
C LEU E 61 28.88 -3.09 -9.79
N GLU E 62 29.61 -4.19 -10.00
CA GLU E 62 30.33 -4.87 -8.93
C GLU E 62 31.79 -4.99 -9.32
N ALA E 63 32.65 -4.22 -8.65
CA ALA E 63 34.08 -4.27 -8.90
C ALA E 63 34.69 -5.53 -8.30
N SER E 64 35.80 -5.97 -8.87
CA SER E 64 36.48 -7.19 -8.46
C SER E 64 37.98 -6.95 -8.35
N THR E 65 38.36 -5.89 -7.65
CA THR E 65 39.77 -5.56 -7.42
C THR E 65 40.52 -6.78 -6.89
N SER E 66 41.57 -7.19 -7.63
CA SER E 66 42.25 -8.44 -7.37
C SER E 66 43.68 -8.25 -6.89
N GLU E 67 44.51 -7.52 -7.64
CA GLU E 67 45.93 -7.42 -7.35
C GLU E 67 46.29 -6.00 -6.93
N ILE E 68 47.19 -5.87 -5.96
CA ILE E 68 47.59 -4.59 -5.41
C ILE E 68 49.11 -4.54 -5.34
N SER E 69 49.64 -3.32 -5.29
CA SER E 69 51.07 -3.09 -5.14
C SER E 69 51.28 -1.72 -4.54
N SER E 70 52.42 -1.54 -3.88
CA SER E 70 52.71 -0.29 -3.19
C SER E 70 54.18 0.07 -3.36
N VAL E 71 54.45 1.38 -3.32
CA VAL E 71 55.81 1.89 -3.36
C VAL E 71 55.88 3.13 -2.48
N ASN E 72 56.90 3.21 -1.65
CA ASN E 72 57.02 4.25 -0.64
C ASN E 72 58.11 5.25 -1.03
N GLY E 73 57.91 6.50 -0.60
CA GLY E 73 58.88 7.55 -0.86
C GLY E 73 59.29 8.30 0.38
N CYS E 74 60.60 8.39 0.62
CA CYS E 74 61.16 9.09 1.76
C CYS E 74 60.84 10.58 1.67
N PRO E 75 61.07 11.37 2.74
CA PRO E 75 60.85 12.82 2.66
C PRO E 75 61.79 13.52 1.68
N SER E 76 62.63 12.75 0.98
CA SER E 76 63.44 13.30 -0.09
C SER E 76 62.54 13.89 -1.18
N THR E 77 63.13 14.78 -1.99
CA THR E 77 62.34 15.55 -2.95
C THR E 77 61.64 14.64 -3.96
N THR E 78 62.27 13.54 -4.35
CA THR E 78 61.65 12.63 -5.31
C THR E 78 60.48 11.91 -4.66
N GLU E 79 59.38 11.77 -5.40
CA GLU E 79 58.19 11.11 -4.91
C GLU E 79 58.09 9.69 -5.44
N ALA E 80 57.14 8.94 -4.89
CA ALA E 80 56.93 7.55 -5.31
C ALA E 80 56.14 7.51 -6.61
N HIS E 81 56.58 6.66 -7.53
CA HIS E 81 55.94 6.50 -8.84
C HIS E 81 55.95 5.02 -9.19
N ASN E 82 54.83 4.34 -8.93
CA ASN E 82 54.73 2.92 -9.27
C ASN E 82 54.76 2.75 -10.78
N ASP E 83 55.54 1.78 -11.25
CA ASP E 83 55.65 1.55 -12.69
C ASP E 83 54.37 0.99 -13.30
N LYS E 84 53.41 0.57 -12.48
CA LYS E 84 52.12 0.12 -12.98
C LYS E 84 51.22 1.27 -13.41
N ARG E 85 51.61 2.52 -13.13
CA ARG E 85 50.83 3.67 -13.58
C ARG E 85 50.81 3.78 -15.10
N LYS E 86 51.78 3.16 -15.78
CA LYS E 86 51.82 3.13 -17.24
C LYS E 86 50.84 2.12 -17.84
N ASP E 87 49.99 1.53 -17.02
CA ASP E 87 49.04 0.51 -17.47
C ASP E 87 47.62 1.06 -17.32
N SER E 88 46.79 0.82 -18.33
CA SER E 88 45.43 1.34 -18.35
C SER E 88 44.44 0.44 -17.64
N THR E 89 44.85 -0.74 -17.19
CA THR E 89 43.97 -1.67 -16.50
C THR E 89 44.16 -1.64 -14.98
N TYR E 90 44.86 -0.64 -14.47
CA TYR E 90 45.11 -0.51 -13.04
C TYR E 90 44.63 0.84 -12.54
N LEU E 91 44.00 0.84 -11.36
CA LEU E 91 43.63 2.07 -10.68
C LEU E 91 44.75 2.43 -9.72
N CYS E 92 45.28 3.64 -9.85
CA CYS E 92 46.43 4.05 -9.05
C CYS E 92 46.29 5.51 -8.64
N GLU E 93 46.60 5.81 -7.39
CA GLU E 93 46.60 7.18 -6.91
C GLU E 93 47.61 7.30 -5.78
N ARG E 94 48.01 8.54 -5.49
CA ARG E 94 49.14 8.84 -4.63
C ARG E 94 48.70 9.60 -3.39
N SER E 95 49.29 9.24 -2.25
CA SER E 95 49.01 9.87 -0.97
C SER E 95 50.32 10.23 -0.28
N TYR E 96 50.21 11.05 0.78
CA TYR E 96 51.35 11.50 1.57
C TYR E 96 51.16 11.07 3.02
N PRO E 97 51.73 9.92 3.41
CA PRO E 97 51.63 9.50 4.81
C PRO E 97 52.54 10.30 5.72
N ASP E 98 52.59 9.95 7.00
CA ASP E 98 53.45 10.60 7.98
C ASP E 98 54.64 9.69 8.24
N ARG E 99 55.77 10.00 7.63
CA ARG E 99 56.98 9.20 7.76
C ARG E 99 57.96 9.88 8.70
N GLY E 100 58.71 9.07 9.43
CA GLY E 100 59.63 9.57 10.46
C GLY E 100 60.83 8.68 10.62
N TRP E 101 61.32 8.58 11.85
CA TRP E 101 62.55 7.85 12.16
C TRP E 101 62.30 6.37 12.39
N GLY E 102 61.18 6.02 13.01
CA GLY E 102 60.88 4.61 13.27
C GLY E 102 60.60 3.81 12.01
N ASN E 103 60.09 4.45 10.96
CA ASN E 103 59.86 3.76 9.70
C ASN E 103 61.16 3.35 9.03
N GLY E 104 62.22 4.13 9.22
CA GLY E 104 63.52 3.79 8.67
C GLY E 104 64.00 4.75 7.61
N CYS E 105 63.57 6.01 7.69
CA CYS E 105 63.93 7.02 6.70
C CYS E 105 65.16 7.81 7.11
N GLY E 106 65.12 8.46 8.28
CA GLY E 106 66.20 9.28 8.74
C GLY E 106 65.92 10.77 8.79
N LEU E 107 64.73 11.20 8.39
CA LEU E 107 64.37 12.61 8.44
C LEU E 107 62.86 12.70 8.71
N PHE E 108 62.48 13.62 9.59
CA PHE E 108 61.08 13.78 9.95
C PHE E 108 60.37 14.69 8.97
N GLY E 109 59.18 14.27 8.53
CA GLY E 109 58.39 15.05 7.60
C GLY E 109 57.22 14.27 7.04
N ARG E 110 56.86 14.54 5.79
CA ARG E 110 55.78 13.83 5.10
C ARG E 110 56.39 12.98 3.99
N GLY E 111 56.14 11.67 4.05
CA GLY E 111 56.64 10.78 3.02
C GLY E 111 55.81 10.83 1.75
N SER E 112 55.69 9.70 1.06
CA SER E 112 54.87 9.63 -0.14
C SER E 112 54.54 8.18 -0.44
N LEU E 113 53.30 7.95 -0.85
CA LEU E 113 52.82 6.64 -1.24
C LEU E 113 52.04 6.76 -2.54
N ASP E 114 52.04 5.69 -3.33
CA ASP E 114 51.27 5.65 -4.56
C ASP E 114 51.00 4.18 -4.88
N THR E 115 49.77 3.74 -4.65
CA THR E 115 49.39 2.33 -4.70
C THR E 115 48.51 2.08 -5.91
N CYS E 116 48.85 1.05 -6.68
CA CYS E 116 48.10 0.66 -7.86
C CYS E 116 47.29 -0.59 -7.56
N VAL E 117 46.05 -0.63 -8.06
CA VAL E 117 45.17 -1.78 -7.87
C VAL E 117 44.49 -2.11 -9.19
N LYS E 118 44.38 -3.41 -9.47
CA LYS E 118 43.79 -3.86 -10.73
C LYS E 118 42.27 -3.82 -10.66
N PHE E 119 41.65 -3.45 -11.77
CA PHE E 119 40.20 -3.34 -11.86
C PHE E 119 39.63 -4.50 -12.69
N ALA E 120 38.45 -4.97 -12.27
CA ALA E 120 37.73 -6.01 -12.99
C ALA E 120 36.26 -5.94 -12.59
N CYS E 121 35.38 -6.04 -13.59
CA CYS E 121 33.96 -5.95 -13.38
C CYS E 121 33.30 -7.32 -13.57
N SER E 122 32.16 -7.52 -12.89
CA SER E 122 31.47 -8.80 -12.94
C SER E 122 30.02 -8.63 -13.39
N LYS E 123 29.40 -7.51 -13.03
CA LYS E 123 28.02 -7.21 -13.40
C LYS E 123 27.99 -5.88 -14.15
N LYS E 124 27.36 -5.88 -15.32
CA LYS E 124 27.33 -4.71 -16.19
C LYS E 124 25.91 -4.39 -16.60
N MET E 125 25.60 -3.10 -16.65
CA MET E 125 24.29 -2.61 -17.09
C MET E 125 24.38 -2.32 -18.58
N ALA E 126 24.10 -3.37 -19.38
CA ALA E 126 24.24 -3.25 -20.82
C ALA E 126 23.10 -2.42 -21.40
N GLY E 127 23.43 -1.25 -21.94
CA GLY E 127 22.46 -0.42 -22.61
C GLY E 127 22.28 -0.79 -24.08
N HIS E 128 21.26 -0.18 -24.69
CA HIS E 128 20.96 -0.42 -26.09
C HIS E 128 20.19 0.77 -26.65
N ALA E 129 20.16 0.86 -27.97
CA ALA E 129 19.46 1.92 -28.67
C ALA E 129 18.48 1.33 -29.68
N ILE E 130 17.31 1.94 -29.79
CA ILE E 130 16.25 1.46 -30.68
C ILE E 130 16.18 2.37 -31.90
N SER E 131 16.14 1.78 -33.08
CA SER E 131 16.00 2.52 -34.32
C SER E 131 14.52 2.71 -34.63
N ARG E 132 14.14 3.95 -34.93
CA ARG E 132 12.74 4.29 -35.18
C ARG E 132 12.21 3.72 -36.50
N GLU E 133 12.98 2.93 -37.24
CA GLU E 133 12.54 2.36 -38.50
C GLU E 133 12.63 0.84 -38.49
N ASN E 134 12.42 0.22 -37.33
CA ASN E 134 12.47 -1.22 -37.19
C ASN E 134 11.33 -1.80 -36.36
N ILE E 135 10.44 -0.98 -35.83
CA ILE E 135 9.34 -1.48 -35.02
C ILE E 135 8.33 -2.20 -35.90
N VAL E 136 8.00 -3.43 -35.54
CA VAL E 136 7.06 -4.26 -36.29
C VAL E 136 5.84 -4.47 -35.40
N ILE E 137 4.80 -3.67 -35.65
CA ILE E 137 3.58 -3.71 -34.85
C ILE E 137 2.52 -4.50 -35.61
N THR E 138 1.88 -5.44 -34.92
CA THR E 138 0.86 -6.29 -35.52
C THR E 138 -0.49 -6.02 -34.86
N ALA E 139 -1.55 -6.17 -35.65
CA ALA E 139 -2.92 -6.00 -35.18
C ALA E 139 -3.80 -7.09 -35.79
N ALA E 140 -4.90 -7.38 -35.10
CA ALA E 140 -5.82 -8.42 -35.53
C ALA E 140 -7.22 -7.83 -35.71
N VAL E 141 -7.90 -8.26 -36.76
CA VAL E 141 -9.24 -7.78 -37.08
C VAL E 141 -10.16 -8.98 -37.23
N SER E 142 -11.33 -8.91 -36.57
CA SER E 142 -12.32 -9.98 -36.62
C SER E 142 -13.67 -9.39 -36.97
N VAL E 143 -14.54 -10.22 -37.54
CA VAL E 143 -15.84 -9.80 -38.04
C VAL E 143 -16.94 -10.50 -37.24
N HIS E 144 -17.93 -9.72 -36.83
CA HIS E 144 -19.06 -10.23 -36.06
C HIS E 144 -20.12 -10.78 -37.00
N GLY E 145 -20.67 -11.94 -36.66
CA GLY E 145 -21.82 -12.46 -37.39
C GLY E 145 -21.66 -13.88 -37.87
N HIS E 146 -20.47 -14.27 -38.30
CA HIS E 146 -20.26 -15.59 -38.84
C HIS E 146 -20.44 -16.65 -37.74
N SER E 147 -20.89 -17.84 -38.16
CA SER E 147 -21.18 -18.93 -37.23
C SER E 147 -20.59 -20.22 -37.77
N GLY E 148 -19.96 -20.98 -36.88
CA GLY E 148 -19.42 -22.28 -37.25
C GLY E 148 -19.75 -23.35 -36.23
N ALA E 149 -19.16 -24.53 -36.37
CA ALA E 149 -19.40 -25.59 -35.42
C ALA E 149 -18.84 -25.22 -34.05
N GLU E 150 -19.45 -25.82 -33.01
CA GLU E 150 -19.03 -25.51 -31.64
C GLU E 150 -17.61 -25.97 -31.38
N SER E 151 -17.11 -26.95 -32.13
CA SER E 151 -15.75 -27.45 -31.97
C SER E 151 -14.86 -26.80 -33.03
N ASP E 152 -14.46 -25.57 -32.75
CA ASP E 152 -13.55 -24.84 -33.63
C ASP E 152 -12.72 -23.87 -32.81
N ASP E 153 -11.59 -23.44 -33.36
CA ASP E 153 -10.66 -22.57 -32.66
C ASP E 153 -10.24 -21.41 -33.57
N ARG E 154 -9.22 -20.67 -33.13
CA ARG E 154 -8.71 -19.56 -33.91
C ARG E 154 -8.18 -20.03 -35.26
N SER E 155 -7.66 -21.25 -35.33
CA SER E 155 -7.19 -21.78 -36.61
C SER E 155 -8.33 -21.88 -37.62
N GLN E 156 -9.47 -22.45 -37.19
CA GLN E 156 -10.63 -22.52 -38.08
C GLN E 156 -11.17 -21.13 -38.39
N ARG E 157 -11.17 -20.23 -37.40
CA ARG E 157 -11.67 -18.88 -37.62
C ARG E 157 -10.85 -18.16 -38.68
N LYS E 158 -9.52 -18.36 -38.67
CA LYS E 158 -8.67 -17.78 -39.69
C LYS E 158 -8.80 -18.51 -41.02
N SER E 159 -9.04 -19.82 -40.99
CA SER E 159 -9.23 -20.57 -42.22
C SER E 159 -10.47 -20.09 -42.98
N ARG E 160 -11.55 -19.81 -42.24
CA ARG E 160 -12.74 -19.23 -42.85
C ARG E 160 -12.59 -17.74 -43.13
N LYS E 161 -11.41 -17.17 -42.89
CA LYS E 161 -11.10 -15.78 -43.17
C LYS E 161 -12.05 -14.83 -42.44
N GLU E 162 -12.26 -15.10 -41.15
CA GLU E 162 -13.00 -14.20 -40.27
C GLU E 162 -12.12 -13.59 -39.20
N LEU E 163 -10.83 -13.94 -39.15
CA LEU E 163 -9.89 -13.48 -38.14
C LEU E 163 -8.60 -13.04 -38.82
N ALA E 164 -8.73 -12.19 -39.84
CA ALA E 164 -7.57 -11.77 -40.62
C ALA E 164 -6.52 -11.12 -39.73
N GLU E 165 -5.26 -11.46 -39.99
CA GLU E 165 -4.13 -10.96 -39.24
C GLU E 165 -3.41 -9.88 -40.03
N LEU E 166 -2.87 -8.89 -39.32
CA LEU E 166 -2.22 -7.76 -39.95
C LEU E 166 -0.85 -7.54 -39.32
N THR E 167 0.09 -7.07 -40.14
CA THR E 167 1.47 -6.79 -39.70
C THR E 167 1.86 -5.44 -40.31
N ILE E 168 1.73 -4.37 -39.53
CA ILE E 168 2.07 -3.04 -40.01
C ILE E 168 3.58 -2.84 -39.86
N THR E 169 4.32 -3.22 -40.90
CA THR E 169 5.76 -3.06 -40.90
C THR E 169 6.12 -1.58 -41.04
N PHE E 170 7.31 -1.21 -40.56
CA PHE E 170 7.76 0.17 -40.61
C PHE E 170 7.83 0.70 -42.04
N LYS E 171 7.94 -0.17 -43.04
CA LYS E 171 7.97 0.26 -44.43
C LYS E 171 6.57 0.37 -45.02
N SER E 172 5.81 -0.72 -44.96
CA SER E 172 4.45 -0.77 -45.52
C SER E 172 3.48 -0.20 -44.50
N SER E 173 3.18 1.09 -44.64
CA SER E 173 2.29 1.77 -43.72
C SER E 173 0.81 1.55 -44.01
N ILE E 174 0.46 1.00 -45.17
CA ILE E 174 -0.93 0.76 -45.54
C ILE E 174 -1.06 -0.71 -45.91
N VAL E 175 -1.91 -1.42 -45.18
CA VAL E 175 -2.11 -2.85 -45.37
C VAL E 175 -3.61 -3.15 -45.34
N GLU E 176 -4.02 -4.08 -46.21
CA GLU E 176 -5.42 -4.46 -46.35
C GLU E 176 -5.67 -5.78 -45.62
N ALA E 177 -6.86 -5.90 -45.04
CA ALA E 177 -7.29 -7.11 -44.34
C ALA E 177 -8.13 -7.96 -45.27
N ASP E 178 -7.94 -9.27 -45.22
CA ASP E 178 -8.65 -10.17 -46.12
C ASP E 178 -10.14 -10.20 -45.80
N LEU E 179 -10.50 -10.66 -44.61
CA LEU E 179 -11.87 -10.71 -44.11
C LEU E 179 -12.79 -11.58 -44.95
N GLY E 180 -12.25 -12.35 -45.89
CA GLY E 180 -13.08 -13.28 -46.65
C GLY E 180 -14.09 -12.58 -47.54
N ASP E 181 -15.28 -13.19 -47.64
CA ASP E 181 -16.33 -12.67 -48.51
C ASP E 181 -16.92 -11.36 -48.01
N TYR E 182 -16.62 -10.94 -46.79
CA TYR E 182 -17.11 -9.67 -46.30
C TYR E 182 -16.48 -8.47 -47.01
N GLY E 183 -15.40 -8.68 -47.75
CA GLY E 183 -14.78 -7.61 -48.52
C GLY E 183 -13.32 -7.40 -48.20
N LYS E 184 -12.93 -6.16 -47.89
CA LYS E 184 -11.56 -5.82 -47.56
C LYS E 184 -11.54 -4.42 -46.96
N VAL E 185 -10.75 -4.26 -45.89
CA VAL E 185 -10.62 -2.98 -45.20
C VAL E 185 -9.14 -2.64 -45.08
N GLN E 186 -8.80 -1.38 -45.38
CA GLN E 186 -7.42 -0.92 -45.38
C GLN E 186 -7.21 0.11 -44.29
N PHE E 187 -5.97 0.19 -43.79
CA PHE E 187 -5.56 1.17 -42.80
C PHE E 187 -4.62 2.19 -43.43
N GLU E 188 -4.46 3.32 -42.75
CA GLU E 188 -3.71 4.46 -43.29
C GLU E 188 -2.73 5.05 -42.28
N CYS E 189 -2.66 4.52 -41.08
CA CYS E 189 -1.96 5.15 -39.97
C CYS E 189 -0.47 5.38 -40.18
N LEU E 190 -0.01 6.50 -39.61
CA LEU E 190 1.34 7.02 -39.69
C LEU E 190 2.16 6.50 -38.51
N MET E 191 3.31 7.13 -38.26
CA MET E 191 4.31 6.66 -37.30
C MET E 191 4.41 7.59 -36.10
N ASP E 192 3.28 7.96 -35.51
CA ASP E 192 3.25 8.80 -34.32
C ASP E 192 2.82 7.95 -33.13
N PHE E 193 3.79 7.62 -32.27
CA PHE E 193 3.54 6.85 -31.06
C PHE E 193 3.80 7.70 -29.82
N GLY E 194 3.26 7.25 -28.69
CA GLY E 194 3.37 8.02 -27.47
C GLY E 194 4.80 8.20 -27.00
N ILE E 195 5.60 7.14 -27.05
CA ILE E 195 6.99 7.23 -26.61
C ILE E 195 7.81 7.92 -27.69
N ASP E 196 8.76 8.75 -27.24
CA ASP E 196 9.60 9.52 -28.16
C ASP E 196 10.84 8.68 -28.47
N LEU E 197 10.82 8.05 -29.63
CA LEU E 197 11.96 7.26 -30.06
C LEU E 197 13.16 8.17 -30.32
N ASP E 198 14.33 7.55 -30.45
CA ASP E 198 15.62 8.25 -30.55
C ASP E 198 15.88 9.15 -29.35
N ASP E 199 15.16 8.92 -28.24
CA ASP E 199 15.36 9.68 -27.02
C ASP E 199 15.34 8.79 -25.78
N VAL E 200 15.35 7.47 -25.93
CA VAL E 200 15.32 6.53 -24.83
C VAL E 200 16.32 5.42 -25.10
N TYR E 201 16.72 4.74 -24.02
CA TYR E 201 17.56 3.55 -24.11
C TYR E 201 16.90 2.41 -23.35
N THR E 202 17.43 1.20 -23.57
CA THR E 202 17.00 0.00 -22.84
C THR E 202 18.16 -0.44 -21.97
N ALA E 203 18.00 -0.32 -20.65
CA ALA E 203 19.08 -0.57 -19.70
C ALA E 203 18.88 -1.96 -19.09
N ASP E 204 19.38 -2.97 -19.79
CA ASP E 204 19.41 -4.32 -19.26
C ASP E 204 20.28 -4.36 -18.00
N MET E 205 19.77 -4.96 -16.93
CA MET E 205 20.50 -5.04 -15.68
C MET E 205 20.87 -6.48 -15.32
N SER E 206 19.89 -7.36 -15.17
CA SER E 206 20.14 -8.77 -14.93
C SER E 206 19.10 -9.64 -15.64
N GLY E 207 18.58 -9.16 -16.77
CA GLY E 207 17.43 -9.76 -17.39
C GLY E 207 16.14 -9.00 -17.19
N LYS E 208 16.19 -7.83 -16.56
CA LYS E 208 15.02 -6.99 -16.31
C LYS E 208 15.25 -5.67 -17.02
N TRP E 209 14.70 -5.55 -18.23
CA TRP E 209 14.96 -4.39 -19.07
C TRP E 209 14.05 -3.22 -18.67
N TRP E 210 14.47 -2.02 -19.09
CA TRP E 210 13.73 -0.79 -18.79
C TRP E 210 13.75 0.09 -20.03
N LEU E 211 13.26 1.33 -19.87
CA LEU E 211 13.16 2.27 -20.98
C LEU E 211 13.65 3.65 -20.55
N VAL E 212 14.85 3.69 -19.96
CA VAL E 212 15.39 4.92 -19.40
C VAL E 212 15.64 5.94 -20.50
N LYS E 213 15.62 7.22 -20.13
CA LYS E 213 15.92 8.30 -21.05
C LYS E 213 17.41 8.30 -21.41
N ARG E 214 17.72 8.87 -22.57
CA ARG E 214 19.09 8.85 -23.06
C ARG E 214 19.99 9.71 -22.19
N ASP E 215 19.55 10.93 -21.86
CA ASP E 215 20.37 11.80 -21.02
C ASP E 215 20.51 11.25 -19.61
N TRP E 216 19.44 10.67 -19.06
CA TRP E 216 19.52 10.09 -17.73
C TRP E 216 20.46 8.89 -17.71
N TYR E 217 20.46 8.09 -18.78
CA TYR E 217 21.42 7.01 -18.90
C TYR E 217 22.84 7.55 -18.99
N HIS E 218 23.05 8.65 -19.73
CA HIS E 218 24.37 9.24 -19.83
C HIS E 218 24.81 9.91 -18.53
N ASP E 219 23.88 10.19 -17.63
CA ASP E 219 24.17 10.96 -16.42
C ASP E 219 24.56 10.09 -15.23
N ILE E 220 24.28 8.79 -15.25
CA ILE E 220 24.54 7.95 -14.09
C ILE E 220 26.03 7.94 -13.78
N ALA E 221 26.38 8.08 -12.49
CA ALA E 221 27.76 8.13 -12.04
C ALA E 221 28.21 6.72 -11.67
N LEU E 222 28.88 6.04 -12.60
CA LEU E 222 29.40 4.70 -12.40
C LEU E 222 30.53 4.48 -13.39
N PRO E 223 31.41 3.51 -13.13
CA PRO E 223 32.49 3.21 -14.10
C PRO E 223 31.91 2.60 -15.37
N TRP E 224 32.24 3.20 -16.50
CA TRP E 224 31.71 2.79 -17.80
C TRP E 224 32.84 2.41 -18.75
N THR E 225 32.46 1.87 -19.90
CA THR E 225 33.41 1.43 -20.91
C THR E 225 32.77 1.59 -22.28
N ALA E 226 33.38 0.95 -23.29
CA ALA E 226 32.87 0.93 -24.65
C ALA E 226 32.27 -0.44 -24.96
N PRO E 227 31.17 -0.48 -25.71
CA PRO E 227 30.52 -1.78 -25.97
C PRO E 227 31.38 -2.78 -26.71
N SER E 228 32.21 -2.31 -27.65
CA SER E 228 33.01 -3.23 -28.46
C SER E 228 34.00 -4.00 -27.61
N ALA E 229 34.94 -3.30 -26.99
CA ALA E 229 35.95 -3.91 -26.13
C ALA E 229 35.97 -3.21 -24.79
N ASP E 230 36.17 -3.99 -23.73
CA ASP E 230 36.14 -3.43 -22.38
C ASP E 230 37.36 -2.54 -22.14
N PHE E 231 37.11 -1.27 -21.82
CA PHE E 231 38.17 -0.33 -21.46
C PHE E 231 37.55 0.68 -20.49
N TRP E 232 37.75 0.44 -19.20
CA TRP E 232 37.05 1.21 -18.18
C TRP E 232 37.71 2.58 -18.02
N HIS E 233 36.88 3.63 -18.01
CA HIS E 233 37.37 5.00 -18.06
C HIS E 233 37.04 5.81 -16.81
N ASP E 234 36.24 5.29 -15.89
CA ASP E 234 35.90 5.98 -14.66
C ASP E 234 36.08 5.04 -13.48
N MET E 235 37.24 4.38 -13.43
CA MET E 235 37.48 3.28 -12.51
C MET E 235 37.37 3.69 -11.06
N ASP E 236 37.48 4.98 -10.74
CA ASP E 236 37.58 5.44 -9.37
C ASP E 236 36.23 5.62 -8.68
N ARG E 237 35.12 5.31 -9.35
CA ARG E 237 33.80 5.50 -8.77
C ARG E 237 33.31 4.31 -7.94
N LEU E 238 34.08 3.22 -7.88
CA LEU E 238 33.69 2.06 -7.11
C LEU E 238 34.79 1.50 -6.22
N VAL E 239 36.00 2.04 -6.28
CA VAL E 239 37.14 1.56 -5.50
C VAL E 239 37.63 2.69 -4.62
N GLU E 240 37.83 2.40 -3.34
CA GLU E 240 38.32 3.37 -2.37
C GLU E 240 39.48 2.78 -1.59
N PHE E 241 40.38 3.64 -1.15
CA PHE E 241 41.54 3.23 -0.36
C PHE E 241 41.37 3.70 1.09
N SER E 242 41.90 2.91 2.02
CA SER E 242 41.80 3.21 3.44
C SER E 242 42.86 4.24 3.82
N THR E 243 43.07 4.43 5.11
CA THR E 243 44.03 5.42 5.59
C THR E 243 45.44 4.93 5.34
N PRO E 244 46.28 5.70 4.65
CA PRO E 244 47.65 5.25 4.38
C PRO E 244 48.60 5.49 5.54
N HIS E 245 48.65 4.54 6.48
CA HIS E 245 49.48 4.73 7.67
C HIS E 245 50.96 4.81 7.32
N ALA E 246 51.53 3.74 6.76
CA ALA E 246 52.94 3.75 6.40
C ALA E 246 53.21 2.64 5.38
N THR E 247 53.59 3.04 4.17
CA THR E 247 54.06 2.12 3.13
C THR E 247 53.09 0.98 2.86
N LYS E 248 51.80 1.22 3.10
CA LYS E 248 50.80 0.18 2.88
C LYS E 248 49.41 0.80 2.93
N GLN E 249 48.52 0.30 2.07
CA GLN E 249 47.12 0.71 2.06
C GLN E 249 46.25 -0.53 1.84
N SER E 250 44.94 -0.34 1.91
CA SER E 250 43.98 -1.38 1.64
C SER E 250 42.92 -0.85 0.69
N VAL E 251 42.44 -1.73 -0.18
CA VAL E 251 41.47 -1.37 -1.22
C VAL E 251 40.10 -1.91 -0.84
N TYR E 252 39.09 -1.06 -0.95
CA TYR E 252 37.72 -1.43 -0.63
C TYR E 252 36.81 -1.09 -1.80
N THR E 253 35.89 -2.00 -2.11
CA THR E 253 34.88 -1.75 -3.11
C THR E 253 33.68 -1.08 -2.45
N LEU E 254 32.56 -0.97 -3.17
CA LEU E 254 31.36 -0.34 -2.65
C LEU E 254 30.13 -1.20 -2.88
N GLY E 255 30.29 -2.51 -2.93
CA GLY E 255 29.17 -3.43 -3.00
C GLY E 255 28.79 -3.74 -4.44
N ASP E 256 27.49 -3.69 -4.74
CA ASP E 256 26.97 -4.04 -6.05
C ASP E 256 26.20 -2.91 -6.73
N GLN E 257 25.55 -2.04 -5.95
CA GLN E 257 24.79 -0.90 -6.47
C GLN E 257 23.60 -1.35 -7.32
N GLU E 258 23.39 -2.66 -7.43
CA GLU E 258 22.23 -3.15 -8.19
C GLU E 258 20.92 -2.74 -7.51
N GLY E 259 20.87 -2.85 -6.18
CA GLY E 259 19.68 -2.41 -5.48
C GLY E 259 19.43 -0.91 -5.63
N ALA E 260 20.48 -0.11 -5.54
CA ALA E 260 20.33 1.33 -5.70
C ALA E 260 19.86 1.67 -7.12
N MET E 261 20.39 0.98 -8.12
CA MET E 261 19.96 1.21 -9.50
C MET E 261 18.50 0.81 -9.70
N SER E 262 18.11 -0.34 -9.17
CA SER E 262 16.72 -0.78 -9.30
C SER E 262 15.76 0.08 -8.47
N THR E 263 16.28 0.81 -7.47
CA THR E 263 15.42 1.70 -6.70
C THR E 263 15.26 3.04 -7.40
N ALA E 264 16.37 3.64 -7.86
CA ALA E 264 16.28 4.90 -8.59
C ALA E 264 15.50 4.72 -9.90
N LEU E 265 15.77 3.63 -10.62
CA LEU E 265 15.00 3.26 -11.80
C LEU E 265 13.97 2.23 -11.36
N GLY E 266 12.81 2.73 -10.96
CA GLY E 266 11.81 1.85 -10.38
C GLY E 266 10.40 2.04 -10.91
N ASP E 267 10.18 3.09 -11.71
CA ASP E 267 8.86 3.37 -12.24
C ASP E 267 8.82 3.53 -13.76
N ALA E 268 9.97 3.53 -14.42
CA ALA E 268 9.97 3.60 -15.88
C ALA E 268 9.37 2.33 -16.47
N ALA E 269 8.90 2.45 -17.71
CA ALA E 269 8.22 1.34 -18.36
C ALA E 269 9.13 0.12 -18.43
N VAL E 270 8.61 -1.03 -18.03
CA VAL E 270 9.37 -2.27 -17.96
C VAL E 270 9.03 -3.06 -19.22
N ILE E 271 9.83 -2.87 -20.26
CA ILE E 271 9.63 -3.63 -21.48
C ILE E 271 10.14 -5.06 -21.29
N GLU E 272 9.64 -5.96 -22.14
CA GLU E 272 10.02 -7.36 -22.07
C GLU E 272 11.18 -7.62 -23.03
N TYR E 273 11.65 -8.88 -23.09
CA TYR E 273 12.73 -9.24 -24.00
C TYR E 273 12.57 -10.73 -24.31
N MET E 274 12.06 -11.04 -25.49
CA MET E 274 11.92 -12.42 -25.94
C MET E 274 13.19 -12.82 -26.69
N SER E 275 13.87 -13.85 -26.21
CA SER E 275 15.09 -14.31 -26.83
C SER E 275 14.76 -15.04 -28.14
N SER E 276 15.80 -15.59 -28.78
CA SER E 276 15.69 -16.25 -30.08
C SER E 276 15.04 -15.32 -31.10
N GLY E 277 15.72 -14.21 -31.36
CA GLY E 277 15.21 -13.19 -32.26
C GLY E 277 15.57 -11.79 -31.82
N SER E 278 16.03 -11.66 -30.57
CA SER E 278 16.45 -10.39 -30.00
C SER E 278 15.37 -9.32 -30.13
N LYS E 279 14.12 -9.72 -29.88
CA LYS E 279 12.99 -8.81 -29.93
C LYS E 279 12.67 -8.28 -28.54
N VAL E 280 12.16 -7.06 -28.50
CA VAL E 280 11.77 -6.40 -27.25
C VAL E 280 10.33 -5.92 -27.39
N VAL E 281 9.44 -6.48 -26.57
CA VAL E 281 8.03 -6.10 -26.59
C VAL E 281 7.86 -4.80 -25.80
N PHE E 282 7.08 -3.87 -26.35
CA PHE E 282 7.01 -2.53 -25.80
C PHE E 282 5.86 -2.34 -24.82
N ARG E 283 4.68 -2.91 -25.13
CA ARG E 283 3.50 -2.92 -24.27
C ARG E 283 3.06 -1.52 -23.82
N THR E 284 3.55 -0.46 -24.47
CA THR E 284 3.28 0.88 -23.97
C THR E 284 2.71 1.82 -25.04
N GLY E 285 3.10 1.61 -26.29
CA GLY E 285 2.75 2.54 -27.35
C GLY E 285 1.31 2.44 -27.82
N PHE E 286 0.94 3.39 -28.67
CA PHE E 286 -0.38 3.44 -29.29
C PHE E 286 -0.24 3.28 -30.80
N LEU E 287 -1.36 3.43 -31.50
CA LEU E 287 -1.38 3.33 -32.95
C LEU E 287 -2.70 3.92 -33.46
N LYS E 288 -2.63 4.91 -34.33
CA LYS E 288 -3.80 5.73 -34.71
C LYS E 288 -4.14 5.47 -36.17
N CYS E 289 -4.86 4.38 -36.43
CA CYS E 289 -5.21 4.04 -37.81
C CYS E 289 -6.65 4.44 -38.12
N ARG E 290 -6.82 5.06 -39.29
CA ARG E 290 -8.13 5.42 -39.78
C ARG E 290 -8.63 4.27 -40.66
N VAL E 291 -9.84 3.82 -40.39
CA VAL E 291 -10.36 2.62 -41.03
C VAL E 291 -11.23 3.04 -42.20
N LYS E 292 -10.87 2.60 -43.40
CA LYS E 292 -11.58 2.97 -44.62
C LYS E 292 -12.59 1.86 -44.93
N MET E 293 -13.86 2.14 -44.64
CA MET E 293 -14.92 1.15 -44.84
C MET E 293 -15.63 1.43 -46.17
N GLU E 294 -14.93 1.09 -47.24
CA GLU E 294 -15.44 1.25 -48.60
C GLU E 294 -15.76 -0.07 -49.27
N ASN E 295 -14.91 -1.08 -49.12
CA ASN E 295 -15.11 -2.39 -49.72
C ASN E 295 -15.57 -3.41 -48.67
N LEU E 296 -16.39 -2.98 -47.73
CA LEU E 296 -16.95 -3.87 -46.70
C LEU E 296 -18.43 -4.07 -46.99
N ARG E 297 -18.83 -5.31 -47.18
CA ARG E 297 -20.19 -5.65 -47.54
C ARG E 297 -20.66 -6.86 -46.73
N LEU E 298 -21.98 -6.94 -46.52
CA LEU E 298 -22.55 -8.07 -45.81
C LEU E 298 -22.41 -9.34 -46.64
N LYS E 299 -22.06 -10.44 -45.97
CA LYS E 299 -21.91 -11.71 -46.66
C LYS E 299 -23.27 -12.29 -47.04
N GLY E 300 -24.14 -12.49 -46.06
CA GLY E 300 -25.45 -13.05 -46.34
C GLY E 300 -26.56 -12.01 -46.26
N SER E 301 -27.06 -11.60 -47.42
CA SER E 301 -28.19 -10.68 -47.50
C SER E 301 -29.31 -11.16 -48.40
N THR E 302 -29.05 -12.10 -49.31
CA THR E 302 -30.10 -12.69 -50.15
C THR E 302 -30.63 -13.99 -49.56
N TYR E 303 -30.14 -14.42 -48.42
CA TYR E 303 -30.64 -15.62 -47.78
C TYR E 303 -32.03 -15.38 -47.18
N MET E 304 -32.77 -16.47 -47.02
CA MET E 304 -34.09 -16.38 -46.41
C MET E 304 -33.98 -16.42 -44.90
N GLN E 305 -35.04 -15.95 -44.24
CA GLN E 305 -35.07 -15.94 -42.78
C GLN E 305 -35.15 -17.36 -42.24
N CYS E 306 -34.59 -17.56 -41.05
CA CYS E 306 -34.71 -18.84 -40.36
C CYS E 306 -36.05 -18.90 -39.65
N SER E 307 -36.81 -19.96 -39.89
CA SER E 307 -38.17 -20.09 -39.37
C SER E 307 -38.30 -21.10 -38.25
N LYS E 308 -37.40 -22.07 -38.14
CA LYS E 308 -37.52 -23.14 -37.16
C LYS E 308 -37.05 -22.65 -35.79
N GLU E 309 -36.91 -23.58 -34.85
CA GLU E 309 -36.58 -23.26 -33.48
C GLU E 309 -35.07 -23.31 -33.24
N PHE E 310 -34.62 -22.47 -32.31
CA PHE E 310 -33.23 -22.43 -31.88
C PHE E 310 -33.06 -23.14 -30.55
N SER E 311 -31.83 -23.61 -30.32
CA SER E 311 -31.46 -24.23 -29.06
C SER E 311 -30.46 -23.33 -28.34
N ILE E 312 -30.69 -23.12 -27.04
CA ILE E 312 -29.88 -22.19 -26.25
C ILE E 312 -28.74 -22.95 -25.58
N LEU E 313 -27.53 -22.46 -25.79
CA LEU E 313 -26.34 -22.91 -25.06
C LEU E 313 -25.68 -21.71 -24.40
N LYS E 314 -25.22 -21.90 -23.17
CA LYS E 314 -24.50 -20.85 -22.43
C LYS E 314 -25.39 -19.61 -22.28
N ARG E 315 -26.43 -19.79 -21.47
CA ARG E 315 -27.48 -18.80 -21.16
C ARG E 315 -26.88 -17.41 -20.98
N PRO E 316 -27.57 -16.36 -21.44
CA PRO E 316 -26.95 -15.02 -21.47
C PRO E 316 -26.42 -14.57 -20.12
N THR E 317 -25.24 -13.97 -20.15
CA THR E 317 -24.57 -13.42 -18.98
C THR E 317 -24.09 -12.01 -19.29
N ALA E 318 -24.00 -11.19 -18.25
CA ALA E 318 -23.57 -9.81 -18.41
C ALA E 318 -22.07 -9.73 -18.60
N THR E 319 -21.62 -8.62 -19.20
CA THR E 319 -20.22 -8.30 -19.41
C THR E 319 -19.83 -7.08 -18.57
N PRO E 320 -18.53 -6.88 -18.34
CA PRO E 320 -18.12 -5.71 -17.55
C PRO E 320 -18.63 -4.38 -18.10
N TYR E 321 -18.69 -4.23 -19.43
CA TYR E 321 -19.24 -3.01 -19.98
C TYR E 321 -20.75 -2.92 -19.81
N GLY E 322 -21.45 -4.06 -19.87
CA GLY E 322 -22.88 -4.08 -19.69
C GLY E 322 -23.66 -4.57 -20.88
N THR E 323 -23.06 -5.45 -21.69
CA THR E 323 -23.70 -6.04 -22.86
C THR E 323 -23.78 -7.54 -22.67
N VAL E 324 -24.99 -8.09 -22.84
CA VAL E 324 -25.19 -9.52 -22.62
C VAL E 324 -24.66 -10.31 -23.81
N ILE E 325 -24.27 -11.55 -23.56
CA ILE E 325 -23.72 -12.44 -24.57
C ILE E 325 -24.43 -13.78 -24.50
N MET E 326 -24.87 -14.29 -25.65
CA MET E 326 -25.51 -15.60 -25.71
C MET E 326 -24.96 -16.36 -26.92
N GLN E 327 -25.17 -17.68 -26.91
CA GLN E 327 -24.67 -18.55 -27.97
C GLN E 327 -25.80 -19.53 -28.32
N VAL E 328 -26.61 -19.16 -29.30
CA VAL E 328 -27.68 -20.03 -29.76
C VAL E 328 -27.14 -21.03 -30.78
N LYS E 329 -27.91 -22.08 -31.04
CA LYS E 329 -27.52 -23.08 -32.01
C LYS E 329 -28.72 -23.43 -32.88
N TYR E 330 -28.43 -23.89 -34.10
CA TYR E 330 -29.44 -24.26 -35.08
C TYR E 330 -29.17 -25.68 -35.54
N ALA E 331 -30.22 -26.51 -35.56
CA ALA E 331 -30.07 -27.92 -35.89
C ALA E 331 -31.04 -28.40 -36.97
N GLN E 332 -31.72 -27.49 -37.66
CA GLN E 332 -32.66 -27.88 -38.70
C GLN E 332 -31.96 -27.82 -40.06
N THR E 333 -32.74 -27.99 -41.14
CA THR E 333 -32.17 -28.22 -42.47
C THR E 333 -32.46 -27.11 -43.46
N ASP E 334 -33.12 -26.02 -43.04
CA ASP E 334 -33.38 -24.90 -43.94
C ASP E 334 -32.22 -23.90 -43.93
N VAL E 335 -31.01 -24.41 -44.16
CA VAL E 335 -29.79 -23.62 -44.07
C VAL E 335 -29.13 -23.56 -45.45
N PRO E 336 -28.40 -22.49 -45.79
CA PRO E 336 -28.09 -21.31 -44.97
C PRO E 336 -29.28 -20.37 -44.80
N CYS E 337 -29.30 -19.58 -43.73
CA CYS E 337 -30.38 -18.66 -43.47
C CYS E 337 -29.88 -17.55 -42.56
N ARG E 338 -30.63 -16.45 -42.54
CA ARG E 338 -30.29 -15.29 -41.73
C ARG E 338 -31.17 -15.24 -40.49
N VAL E 339 -30.56 -15.10 -39.33
CA VAL E 339 -31.29 -15.18 -38.06
C VAL E 339 -31.88 -13.82 -37.73
N PRO E 340 -33.19 -13.73 -37.45
CA PRO E 340 -33.77 -12.45 -37.03
C PRO E 340 -33.60 -12.27 -35.53
N VAL E 341 -33.07 -11.10 -35.14
CA VAL E 341 -32.79 -10.80 -33.74
C VAL E 341 -33.30 -9.40 -33.44
N GLY E 342 -34.00 -9.25 -32.32
CA GLY E 342 -34.51 -7.96 -31.91
C GLY E 342 -34.61 -7.85 -30.41
N VAL E 343 -34.73 -6.62 -29.93
CA VAL E 343 -34.77 -6.31 -28.51
C VAL E 343 -35.97 -5.41 -28.26
N HIS E 344 -36.92 -5.89 -27.47
CA HIS E 344 -38.10 -5.13 -27.08
C HIS E 344 -38.13 -4.94 -25.57
N GLU E 345 -38.88 -3.93 -25.14
CA GLU E 345 -39.08 -3.72 -23.71
C GLU E 345 -40.17 -4.63 -23.16
N ARG E 346 -40.92 -5.29 -24.04
CA ARG E 346 -42.01 -6.20 -23.68
C ARG E 346 -42.24 -7.12 -24.86
N PRO E 347 -42.48 -8.41 -24.62
CA PRO E 347 -42.76 -9.33 -25.74
C PRO E 347 -43.91 -8.84 -26.60
N GLY E 348 -43.62 -8.58 -27.87
CA GLY E 348 -44.60 -7.97 -28.75
C GLY E 348 -44.66 -6.46 -28.66
N GLY E 349 -43.60 -5.83 -28.16
CA GLY E 349 -43.55 -4.38 -28.06
C GLY E 349 -42.58 -3.79 -29.07
N GLU E 350 -42.43 -2.47 -28.99
CA GLU E 350 -41.56 -1.76 -29.92
C GLU E 350 -40.10 -2.13 -29.67
N GLN E 351 -39.28 -1.90 -30.69
CA GLN E 351 -37.85 -2.20 -30.61
C GLN E 351 -37.13 -1.06 -29.92
N VAL E 352 -36.48 -1.36 -28.79
CA VAL E 352 -35.75 -0.37 -28.02
C VAL E 352 -34.38 -0.95 -27.68
N GLY E 353 -33.47 -0.07 -27.28
CA GLY E 353 -32.10 -0.47 -27.00
C GLY E 353 -31.22 -0.31 -28.22
N ARG E 354 -30.22 -1.19 -28.37
CA ARG E 354 -29.32 -1.13 -29.51
C ARG E 354 -28.63 -2.48 -29.66
N ILE E 355 -28.65 -3.02 -30.87
CA ILE E 355 -28.04 -4.30 -31.18
C ILE E 355 -26.58 -4.07 -31.56
N ILE E 356 -25.76 -5.11 -31.38
CA ILE E 356 -24.35 -5.01 -31.71
C ILE E 356 -24.04 -5.83 -32.95
N THR E 357 -24.43 -7.11 -32.94
CA THR E 357 -24.18 -7.96 -34.09
C THR E 357 -24.97 -7.46 -35.31
N ALA E 358 -24.44 -7.70 -36.49
CA ALA E 358 -25.00 -7.13 -37.72
C ALA E 358 -25.97 -8.07 -38.42
N HIS E 359 -25.52 -9.25 -38.80
CA HIS E 359 -26.33 -10.18 -39.59
C HIS E 359 -25.94 -11.60 -39.23
N PRO E 360 -26.65 -12.21 -38.29
CA PRO E 360 -26.26 -13.56 -37.84
C PRO E 360 -26.61 -14.65 -38.83
N ILE E 361 -25.77 -14.84 -39.84
CA ILE E 361 -25.97 -15.90 -40.83
C ILE E 361 -25.57 -17.25 -40.23
N ILE E 362 -25.92 -18.35 -40.90
CA ILE E 362 -25.72 -19.68 -40.33
C ILE E 362 -24.74 -20.50 -41.16
N LEU E 363 -25.10 -20.76 -42.42
CA LEU E 363 -24.29 -21.47 -43.42
C LEU E 363 -24.06 -22.95 -43.13
N GLN E 364 -24.60 -23.51 -42.04
CA GLN E 364 -24.30 -24.89 -41.69
C GLN E 364 -25.54 -25.56 -41.10
N GLN E 365 -25.50 -26.89 -41.07
CA GLN E 365 -26.62 -27.66 -40.52
C GLN E 365 -26.68 -27.51 -39.00
N ASN E 366 -25.61 -27.92 -38.31
CA ASN E 366 -25.51 -27.80 -36.86
C ASN E 366 -24.32 -26.90 -36.54
N ASP E 367 -24.60 -25.79 -35.86
CA ASP E 367 -23.55 -24.82 -35.57
C ASP E 367 -23.98 -23.96 -34.39
N ALA E 368 -23.01 -23.26 -33.81
CA ALA E 368 -23.25 -22.31 -32.72
C ALA E 368 -22.93 -20.91 -33.20
N LEU E 369 -23.68 -19.93 -32.70
CA LEU E 369 -23.54 -18.55 -33.14
C LEU E 369 -23.64 -17.65 -31.93
N VAL E 370 -22.66 -16.77 -31.75
CA VAL E 370 -22.62 -15.87 -30.61
C VAL E 370 -23.39 -14.60 -30.93
N ILE E 371 -24.27 -14.20 -30.01
CA ILE E 371 -25.09 -13.00 -30.17
C ILE E 371 -24.78 -12.05 -29.03
N GLU E 372 -24.46 -10.80 -29.38
CA GLU E 372 -24.15 -9.76 -28.41
C GLU E 372 -25.22 -8.68 -28.48
N VAL E 373 -25.72 -8.28 -27.32
CA VAL E 373 -26.85 -7.35 -27.22
C VAL E 373 -26.53 -6.30 -26.18
N GLU E 374 -26.89 -5.04 -26.47
CA GLU E 374 -26.76 -3.94 -25.52
C GLU E 374 -28.15 -3.48 -25.13
N PRO E 375 -28.69 -3.94 -24.00
CA PRO E 375 -30.06 -3.58 -23.63
C PRO E 375 -30.11 -2.24 -22.93
N PRO E 376 -31.28 -1.61 -22.85
CA PRO E 376 -31.42 -0.35 -22.11
C PRO E 376 -31.48 -0.62 -20.61
N PHE E 377 -31.53 0.47 -19.84
CA PHE E 377 -31.43 0.36 -18.39
C PHE E 377 -32.67 -0.28 -17.78
N GLY E 378 -33.84 0.00 -18.32
CA GLY E 378 -35.05 -0.61 -17.82
C GLY E 378 -35.14 -2.08 -18.22
N ASP E 379 -36.25 -2.71 -17.83
CA ASP E 379 -36.45 -4.10 -18.17
C ASP E 379 -36.70 -4.25 -19.67
N SER E 380 -36.20 -5.36 -20.23
CA SER E 380 -36.33 -5.61 -21.66
C SER E 380 -36.25 -7.10 -21.90
N VAL E 381 -36.68 -7.51 -23.09
CA VAL E 381 -36.71 -8.92 -23.48
C VAL E 381 -35.95 -9.06 -24.80
N ILE E 382 -35.15 -10.12 -24.90
CA ILE E 382 -34.34 -10.39 -26.07
C ILE E 382 -35.00 -11.54 -26.83
N GLU E 383 -35.36 -11.29 -28.09
CA GLU E 383 -36.08 -12.26 -28.90
C GLU E 383 -35.14 -12.85 -29.95
N ILE E 384 -35.06 -14.18 -29.98
CA ILE E 384 -34.25 -14.92 -30.94
C ILE E 384 -35.19 -15.84 -31.69
N GLY E 385 -35.53 -15.48 -32.93
CA GLY E 385 -36.39 -16.32 -33.75
C GLY E 385 -37.48 -15.55 -34.47
N LEU E 386 -38.28 -16.26 -35.26
CA LEU E 386 -39.32 -15.64 -36.08
C LEU E 386 -40.72 -16.10 -35.67
N GLY E 387 -40.97 -17.40 -35.65
CA GLY E 387 -42.31 -17.94 -35.44
C GLY E 387 -42.74 -17.94 -33.99
N THR E 388 -43.66 -18.85 -33.67
CA THR E 388 -44.21 -18.95 -32.33
C THR E 388 -43.28 -19.66 -31.35
N THR E 389 -42.23 -20.32 -31.86
CA THR E 389 -41.24 -20.99 -31.02
C THR E 389 -39.96 -20.15 -31.09
N LYS E 390 -39.87 -19.17 -30.20
CA LYS E 390 -38.76 -18.22 -30.21
C LYS E 390 -38.19 -18.09 -28.81
N ILE E 391 -36.89 -17.78 -28.75
CA ILE E 391 -36.21 -17.55 -27.48
C ILE E 391 -36.63 -16.18 -26.97
N VAL E 392 -37.15 -16.13 -25.75
CA VAL E 392 -37.80 -14.93 -25.24
C VAL E 392 -37.19 -14.54 -23.90
N GLU E 393 -35.90 -14.84 -23.71
CA GLU E 393 -35.23 -14.46 -22.48
C GLU E 393 -35.25 -12.95 -22.29
N GLN E 394 -35.36 -12.51 -21.04
CA GLN E 394 -35.42 -11.10 -20.69
C GLN E 394 -34.30 -10.74 -19.72
N TRP E 395 -34.01 -9.45 -19.64
CA TRP E 395 -32.87 -8.95 -18.87
C TRP E 395 -33.31 -7.71 -18.10
N HIS E 396 -32.55 -7.40 -17.05
CA HIS E 396 -32.86 -6.26 -16.18
C HIS E 396 -31.86 -5.12 -16.35
N ARG E 397 -30.57 -5.39 -16.17
CA ARG E 397 -29.52 -4.39 -16.32
C ARG E 397 -29.78 -3.18 -15.42
N ASP E 398 -29.72 -3.45 -14.12
CA ASP E 398 -29.96 -2.43 -13.09
C ASP E 398 -28.89 -1.36 -13.19
N GLY E 399 -29.27 -0.17 -13.63
CA GLY E 399 -28.34 0.94 -13.74
C GLY E 399 -29.06 2.22 -14.07
N SER E 400 -28.42 3.34 -13.73
CA SER E 400 -29.01 4.65 -13.98
C SER E 400 -28.37 5.30 -15.20
N SER E 401 -29.11 6.25 -15.79
CA SER E 401 -28.65 6.96 -16.98
C SER E 401 -27.68 8.10 -16.65
N ILE E 402 -28.01 8.91 -15.65
CA ILE E 402 -27.09 9.97 -15.22
C ILE E 402 -25.78 9.35 -14.74
N GLY E 403 -25.86 8.24 -14.03
CA GLY E 403 -24.66 7.53 -13.63
C GLY E 403 -23.84 7.06 -14.82
N ALA E 404 -24.53 6.57 -15.86
CA ALA E 404 -23.82 6.15 -17.07
C ALA E 404 -23.10 7.32 -17.73
N ALA E 405 -23.78 8.46 -17.83
CA ALA E 405 -23.15 9.63 -18.43
C ALA E 405 -21.96 10.11 -17.60
N PHE E 406 -22.09 10.09 -16.27
CA PHE E 406 -21.01 10.55 -15.41
C PHE E 406 -19.81 9.59 -15.48
N THR E 407 -20.07 8.29 -15.56
CA THR E 407 -18.98 7.33 -15.75
C THR E 407 -18.34 7.47 -17.13
N SER E 408 -19.13 7.80 -18.16
CA SER E 408 -18.55 8.06 -19.47
C SER E 408 -17.66 9.29 -19.44
N THR E 409 -18.09 10.33 -18.72
CA THR E 409 -17.23 11.50 -18.54
C THR E 409 -15.94 11.14 -17.83
N MET E 410 -16.04 10.29 -16.80
CA MET E 410 -14.84 9.82 -16.11
C MET E 410 -13.91 9.08 -17.07
N LYS E 411 -14.46 8.19 -17.89
CA LYS E 411 -13.65 7.43 -18.83
C LYS E 411 -12.98 8.36 -19.84
N GLY E 412 -13.73 9.34 -20.34
CA GLY E 412 -13.18 10.30 -21.27
C GLY E 412 -12.03 11.09 -20.68
N VAL E 413 -12.26 11.70 -19.51
CA VAL E 413 -11.23 12.50 -18.86
C VAL E 413 -10.06 11.65 -18.37
N GLU E 414 -10.26 10.34 -18.21
CA GLU E 414 -9.18 9.47 -17.77
C GLU E 414 -8.30 9.03 -18.95
N ARG E 415 -8.90 8.36 -19.93
CA ARG E 415 -8.13 7.80 -21.03
C ARG E 415 -8.03 8.76 -22.22
N MET E 416 -9.15 9.31 -22.67
CA MET E 416 -9.14 10.16 -23.85
C MET E 416 -8.37 11.45 -23.60
N ALA E 417 -8.54 12.05 -22.42
CA ALA E 417 -7.89 13.32 -22.12
C ALA E 417 -6.38 13.21 -22.05
N LEU E 418 -5.82 12.01 -21.98
CA LEU E 418 -4.39 11.81 -22.06
C LEU E 418 -3.96 11.91 -23.52
N LEU E 419 -2.72 11.49 -23.81
CA LEU E 419 -2.11 11.47 -25.13
C LEU E 419 -1.88 12.86 -25.70
N GLY E 420 -2.18 13.93 -24.95
CA GLY E 420 -1.94 15.28 -25.41
C GLY E 420 -2.79 15.69 -26.58
N GLU E 421 -2.14 15.89 -27.74
CA GLU E 421 -2.87 16.34 -28.93
C GLU E 421 -3.87 15.30 -29.39
N HIS E 422 -3.51 14.01 -29.32
CA HIS E 422 -4.37 12.93 -29.78
C HIS E 422 -5.62 12.75 -28.92
N ALA E 423 -5.85 13.63 -27.94
CA ALA E 423 -7.07 13.55 -27.13
C ALA E 423 -8.31 13.74 -27.99
N TRP E 424 -8.27 14.70 -28.91
CA TRP E 424 -9.40 15.02 -29.77
C TRP E 424 -9.35 14.29 -31.11
N ASP E 425 -8.74 13.12 -31.16
CA ASP E 425 -8.54 12.38 -32.40
C ASP E 425 -9.33 11.08 -32.44
N PHE E 426 -10.54 11.07 -31.87
CA PHE E 426 -11.40 9.91 -31.96
C PHE E 426 -12.31 9.94 -33.18
N GLY E 427 -12.31 11.03 -33.93
CA GLY E 427 -13.15 11.13 -35.10
C GLY E 427 -13.00 12.49 -35.76
N SER E 428 -13.85 12.72 -36.76
CA SER E 428 -13.84 13.97 -37.51
C SER E 428 -15.19 14.66 -37.33
N VAL E 429 -15.15 15.93 -36.93
CA VAL E 429 -16.34 16.73 -36.72
C VAL E 429 -16.20 18.05 -37.47
N GLY E 430 -17.33 18.67 -37.77
CA GLY E 430 -17.35 19.92 -38.49
C GLY E 430 -17.18 21.12 -37.57
N GLY E 431 -17.22 22.30 -38.19
CA GLY E 431 -17.09 23.53 -37.43
C GLY E 431 -15.68 23.84 -36.97
N PHE E 432 -14.67 23.20 -37.54
CA PHE E 432 -13.26 23.43 -37.24
C PHE E 432 -12.90 23.12 -35.80
N PHE E 433 -13.77 22.41 -35.07
CA PHE E 433 -13.55 22.19 -33.64
C PHE E 433 -12.31 21.34 -33.39
N ASN E 434 -12.29 20.14 -33.94
CA ASN E 434 -11.16 19.23 -33.70
C ASN E 434 -9.87 19.77 -34.31
N SER E 435 -9.96 20.38 -35.48
CA SER E 435 -8.76 20.95 -36.11
C SER E 435 -8.18 22.08 -35.27
N MET E 436 -9.05 22.96 -34.74
CA MET E 436 -8.57 24.04 -33.88
C MET E 436 -8.00 23.48 -32.58
N GLY E 437 -8.63 22.43 -32.04
CA GLY E 437 -8.08 21.80 -30.84
C GLY E 437 -6.70 21.24 -31.07
N LYS E 438 -6.50 20.55 -32.20
CA LYS E 438 -5.18 20.05 -32.54
C LYS E 438 -4.19 21.18 -32.72
N ALA E 439 -4.61 22.26 -33.39
CA ALA E 439 -3.71 23.39 -33.63
C ALA E 439 -3.25 24.02 -32.33
N ILE E 440 -4.18 24.24 -31.39
CA ILE E 440 -3.80 24.86 -30.12
C ILE E 440 -2.98 23.89 -29.26
N HIS E 441 -3.35 22.61 -29.26
CA HIS E 441 -2.59 21.63 -28.49
C HIS E 441 -1.19 21.41 -29.03
N SER E 442 -0.97 21.68 -30.33
CA SER E 442 0.37 21.57 -30.88
C SER E 442 1.35 22.48 -30.13
N VAL E 443 1.01 23.76 -30.02
CA VAL E 443 1.88 24.68 -29.28
C VAL E 443 1.77 24.43 -27.78
N PHE E 444 0.59 24.01 -27.30
CA PHE E 444 0.44 23.73 -25.88
C PHE E 444 1.33 22.60 -25.41
N GLY E 445 1.65 21.66 -26.31
CA GLY E 445 2.58 20.60 -26.00
C GLY E 445 4.02 20.96 -26.37
N GLY E 446 4.18 21.83 -27.36
CA GLY E 446 5.51 22.29 -27.70
C GLY E 446 6.15 23.10 -26.59
N LEU E 447 5.34 23.90 -25.90
CA LEU E 447 5.82 24.68 -24.76
C LEU E 447 4.88 24.50 -23.58
N PHE E 448 5.46 24.46 -22.37
CA PHE E 448 4.80 24.37 -21.07
C PHE E 448 4.30 22.97 -20.75
N ARG E 449 4.30 22.02 -21.70
CA ARG E 449 3.89 20.65 -21.41
C ARG E 449 5.01 19.65 -21.63
N ALA E 450 5.63 19.64 -22.80
CA ALA E 450 6.65 18.65 -23.13
C ALA E 450 8.05 19.25 -23.28
N VAL E 451 8.18 20.58 -23.31
CA VAL E 451 9.49 21.20 -23.30
C VAL E 451 10.16 21.12 -21.94
N PHE E 452 9.42 20.69 -20.92
CA PHE E 452 9.91 20.65 -19.56
C PHE E 452 9.68 19.25 -18.99
N GLY E 453 10.58 18.84 -18.10
CA GLY E 453 10.48 17.54 -17.47
C GLY E 453 11.05 17.57 -16.07
N GLY E 454 10.75 16.51 -15.31
CA GLY E 454 11.26 16.39 -13.96
C GLY E 454 10.19 16.35 -12.89
N MET E 455 9.01 15.83 -13.22
CA MET E 455 7.88 15.79 -12.31
C MET E 455 7.60 14.35 -11.88
N SER E 456 7.50 14.14 -10.57
CA SER E 456 7.06 12.88 -9.99
C SER E 456 5.79 13.13 -9.20
N TRP E 457 5.22 12.04 -8.66
CA TRP E 457 3.92 12.16 -8.00
C TRP E 457 3.99 12.99 -6.72
N ILE E 458 5.04 12.81 -5.93
CA ILE E 458 5.14 13.55 -4.67
C ILE E 458 5.34 15.03 -4.94
N SER E 459 6.22 15.38 -5.88
CA SER E 459 6.40 16.78 -6.25
C SER E 459 5.13 17.35 -6.85
N LYS E 460 4.41 16.55 -7.65
CA LYS E 460 3.19 17.01 -8.26
C LYS E 460 2.13 17.34 -7.21
N VAL E 461 1.95 16.46 -6.23
CA VAL E 461 0.95 16.73 -5.20
C VAL E 461 1.37 17.89 -4.31
N LEU E 462 2.68 18.03 -4.02
CA LEU E 462 3.14 19.17 -3.24
C LEU E 462 2.86 20.48 -3.98
N ILE E 463 3.19 20.53 -5.27
CA ILE E 463 2.95 21.74 -6.06
C ILE E 463 1.44 21.98 -6.18
N GLY E 464 0.65 20.92 -6.28
CA GLY E 464 -0.79 21.08 -6.35
C GLY E 464 -1.36 21.71 -5.09
N ALA E 465 -0.91 21.23 -3.93
CA ALA E 465 -1.37 21.82 -2.67
C ALA E 465 -0.91 23.27 -2.54
N ILE E 466 0.32 23.56 -2.96
CA ILE E 466 0.81 24.94 -2.94
C ILE E 466 -0.06 25.81 -3.83
N LEU E 467 -0.46 25.30 -5.00
CA LEU E 467 -1.32 26.06 -5.90
C LEU E 467 -2.72 26.25 -5.31
N MET E 468 -3.26 25.22 -4.64
CA MET E 468 -4.52 25.39 -3.93
C MET E 468 -4.44 26.56 -2.96
N TRP E 469 -3.42 26.56 -2.11
CA TRP E 469 -3.33 27.59 -1.08
C TRP E 469 -3.10 28.96 -1.69
N LEU E 470 -2.25 29.05 -2.72
CA LEU E 470 -1.97 30.32 -3.37
C LEU E 470 -3.22 30.88 -4.04
N GLY E 471 -3.98 30.02 -4.74
CA GLY E 471 -5.19 30.48 -5.39
C GLY E 471 -6.26 30.90 -4.40
N VAL E 472 -6.40 30.15 -3.30
CA VAL E 472 -7.38 30.52 -2.28
C VAL E 472 -7.01 31.85 -1.64
N SER E 473 -5.73 32.04 -1.31
CA SER E 473 -5.26 33.29 -0.72
C SER E 473 -4.65 34.18 -1.80
N ALA E 474 -5.49 34.59 -2.75
CA ALA E 474 -5.08 35.45 -3.85
C ALA E 474 -6.11 36.53 -4.10
N ARG E 475 -5.65 37.64 -4.67
CA ARG E 475 -6.54 38.71 -5.09
C ARG E 475 -6.25 39.05 -6.56
N GLU E 476 -6.84 40.13 -7.06
CA GLU E 476 -6.73 40.60 -8.44
C GLU E 476 -7.35 39.60 -9.42
N LYS E 477 -7.96 38.52 -8.93
CA LYS E 477 -8.60 37.49 -9.76
C LYS E 477 -7.58 36.85 -10.70
N THR E 478 -6.55 36.25 -10.09
CA THR E 478 -5.57 35.47 -10.84
C THR E 478 -6.06 34.07 -11.15
N LEU E 479 -7.12 33.60 -10.48
CA LEU E 479 -7.69 32.30 -10.81
C LEU E 479 -8.31 32.29 -12.20
N ALA E 480 -8.74 33.44 -12.71
CA ALA E 480 -9.25 33.50 -14.08
C ALA E 480 -8.17 33.12 -15.09
N MET E 481 -6.95 33.63 -14.90
CA MET E 481 -5.83 33.25 -15.74
C MET E 481 -5.19 31.93 -15.32
N SER E 482 -5.51 31.43 -14.12
CA SER E 482 -4.96 30.17 -13.66
C SER E 482 -5.78 28.96 -14.05
N LEU E 483 -7.08 29.14 -14.35
CA LEU E 483 -7.91 28.00 -14.73
C LEU E 483 -7.42 27.37 -16.03
N ILE E 484 -6.97 28.19 -16.98
CA ILE E 484 -6.33 27.66 -18.18
C ILE E 484 -5.01 26.99 -17.82
N THR E 485 -4.24 27.60 -16.92
CA THR E 485 -2.98 27.01 -16.49
C THR E 485 -3.22 25.75 -15.65
N VAL E 486 -3.95 25.90 -14.55
CA VAL E 486 -4.27 24.79 -13.66
C VAL E 486 -5.74 24.91 -13.29
N GLY E 487 -6.59 24.05 -13.86
CA GLY E 487 -8.01 24.11 -13.61
C GLY E 487 -8.52 22.92 -12.83
N ALA E 488 -9.52 22.23 -13.37
CA ALA E 488 -10.09 21.05 -12.72
C ALA E 488 -9.59 19.75 -13.33
N ILE E 489 -9.47 19.68 -14.67
CA ILE E 489 -9.01 18.46 -15.32
C ILE E 489 -7.57 18.16 -14.94
N LEU E 490 -6.70 19.17 -14.94
CA LEU E 490 -5.30 18.96 -14.60
C LEU E 490 -5.14 18.52 -13.15
N LEU E 491 -5.89 19.13 -12.24
CA LEU E 491 -5.79 18.75 -10.83
C LEU E 491 -6.36 17.35 -10.60
N TYR E 492 -7.44 16.99 -11.29
CA TYR E 492 -7.96 15.63 -11.20
C TYR E 492 -6.94 14.62 -11.73
N LEU E 493 -6.24 14.98 -12.81
CA LEU E 493 -5.16 14.15 -13.31
C LEU E 493 -4.06 14.01 -12.28
N SER E 494 -3.73 15.09 -11.58
CA SER E 494 -2.69 15.03 -10.55
C SER E 494 -3.10 14.12 -9.40
N THR E 495 -4.37 14.16 -9.00
CA THR E 495 -4.75 13.46 -7.78
C THR E 495 -5.16 12.00 -8.02
N MET E 496 -5.94 11.72 -9.06
CA MET E 496 -6.52 10.38 -9.23
C MET E 496 -5.98 9.64 -10.43
N THR E 497 -6.10 10.20 -11.64
CA THR E 497 -5.66 9.47 -12.82
C THR E 497 -4.15 9.58 -12.98
N ASN E 498 -3.64 8.98 -14.05
CA ASN E 498 -2.21 8.96 -14.35
C ASN E 498 -1.42 8.35 -13.19
N ALA E 499 -2.00 7.33 -12.54
CA ALA E 499 -1.37 6.68 -11.40
C ALA E 499 -1.39 5.17 -11.57
CA SER F 1 17.35 9.46 -7.10
C SER F 1 16.98 9.47 -5.62
N ILE F 2 17.89 9.97 -4.79
CA ILE F 2 17.69 9.96 -3.34
C ILE F 2 16.93 11.21 -2.88
N MET F 3 17.42 12.40 -3.24
CA MET F 3 16.62 13.62 -3.09
C MET F 3 15.95 14.02 -4.40
N ILE F 4 16.39 13.46 -5.52
CA ILE F 4 15.77 13.67 -6.81
C ILE F 4 14.37 13.06 -6.78
N PRO F 5 13.37 13.68 -7.37
CA PRO F 5 12.08 13.00 -7.53
C PRO F 5 12.24 11.75 -8.39
N THR F 6 11.22 10.90 -8.35
CA THR F 6 11.29 9.61 -9.04
C THR F 6 11.32 9.85 -10.55
N HIS F 7 11.43 8.76 -11.32
CA HIS F 7 11.56 8.82 -12.76
C HIS F 7 10.21 8.95 -13.46
N SER F 8 9.20 9.46 -12.77
CA SER F 8 7.85 9.61 -13.31
C SER F 8 7.73 10.79 -14.26
N THR F 9 8.85 11.40 -14.66
CA THR F 9 8.81 12.54 -15.57
C THR F 9 8.49 12.16 -17.00
N GLY F 10 8.62 10.88 -17.36
CA GLY F 10 8.35 10.45 -18.73
C GLY F 10 6.87 10.35 -19.06
N GLY F 11 6.00 10.42 -18.08
CA GLY F 11 4.57 10.29 -18.34
C GLY F 11 4.17 8.92 -18.84
N LEU F 12 4.87 7.87 -18.42
CA LEU F 12 4.61 6.51 -18.86
C LEU F 12 3.88 5.68 -17.80
N HIS F 13 2.99 6.32 -17.04
CA HIS F 13 2.22 5.62 -16.03
C HIS F 13 1.06 4.86 -16.68
N GLN F 14 0.91 3.59 -16.31
CA GLN F 14 -0.11 2.75 -16.89
C GLN F 14 -0.65 1.81 -15.81
N GLY F 15 -1.60 0.97 -16.20
CA GLY F 15 -2.25 0.06 -15.27
C GLY F 15 -1.47 -1.22 -15.02
N THR F 16 -0.15 -1.11 -14.94
CA THR F 16 0.72 -2.24 -14.63
C THR F 16 1.65 -1.83 -13.50
N GLU F 17 1.30 -2.20 -12.27
CA GLU F 17 2.07 -1.80 -11.10
C GLU F 17 2.30 -3.02 -10.21
N GLY F 18 3.40 -2.99 -9.47
CA GLY F 18 3.72 -4.01 -8.51
C GLY F 18 3.15 -3.70 -7.14
N TRP F 19 3.18 -4.72 -6.28
CA TRP F 19 2.67 -4.61 -4.92
C TRP F 19 3.69 -4.04 -3.95
N HIS F 20 4.89 -3.68 -4.44
CA HIS F 20 5.88 -2.95 -3.66
C HIS F 20 6.15 -1.60 -4.29
N ARG F 21 5.27 -1.16 -5.18
CA ARG F 21 5.39 0.12 -5.87
C ARG F 21 4.38 1.14 -5.37
N THR F 22 3.12 0.73 -5.16
CA THR F 22 2.10 1.65 -4.68
C THR F 22 2.21 1.92 -3.19
N ASN F 23 2.96 1.10 -2.45
CA ASN F 23 3.13 1.31 -1.01
C ASN F 23 4.07 2.47 -0.70
N ASN F 24 4.75 3.02 -1.71
CA ASN F 24 5.72 4.08 -1.46
C ASN F 24 5.04 5.35 -0.93
N VAL F 25 3.84 5.64 -1.42
CA VAL F 25 3.16 6.88 -1.05
C VAL F 25 2.88 6.91 0.45
N LYS F 26 2.53 5.76 1.03
CA LYS F 26 2.30 5.67 2.47
C LYS F 26 3.58 5.44 3.25
N ASN F 27 4.55 4.72 2.67
CA ASN F 27 5.81 4.49 3.37
C ASN F 27 6.58 5.79 3.57
N PHE F 28 6.55 6.69 2.58
CA PHE F 28 7.21 7.98 2.72
C PHE F 28 6.63 8.77 3.88
N LEU F 29 5.30 8.84 3.96
CA LEU F 29 4.65 9.57 5.05
C LEU F 29 4.92 8.91 6.39
N MET F 30 4.94 7.57 6.43
CA MET F 30 5.25 6.87 7.68
C MET F 30 6.64 7.21 8.16
N ARG F 31 7.63 7.19 7.26
CA ARG F 31 8.99 7.54 7.63
C ARG F 31 9.08 8.99 8.09
N VAL F 32 8.40 9.89 7.37
CA VAL F 32 8.45 11.31 7.74
C VAL F 32 7.88 11.54 9.12
N GLU F 33 6.72 10.94 9.41
CA GLU F 33 6.09 11.15 10.71
C GLU F 33 6.87 10.48 11.83
N LYS F 34 7.46 9.30 11.55
CA LYS F 34 8.26 8.64 12.57
C LYS F 34 9.50 9.47 12.92
N TRP F 35 10.19 10.01 11.91
CA TRP F 35 11.34 10.85 12.21
C TRP F 35 10.92 12.16 12.86
N SER F 36 9.75 12.70 12.49
CA SER F 36 9.27 13.92 13.13
C SER F 36 9.01 13.69 14.61
N LEU F 37 8.39 12.56 14.97
CA LEU F 37 8.12 12.29 16.37
C LEU F 37 9.40 11.91 17.13
N ARG F 38 10.37 11.31 16.44
CA ARG F 38 11.63 10.98 17.10
C ARG F 38 12.59 12.16 17.22
N ASN F 39 12.38 13.23 16.44
CA ASN F 39 13.26 14.39 16.48
C ASN F 39 12.52 15.59 17.07
N PRO F 40 12.70 15.89 18.36
CA PRO F 40 12.03 17.06 18.94
C PRO F 40 12.76 18.36 18.65
N GLY F 41 14.09 18.33 18.59
CA GLY F 41 14.85 19.55 18.46
C GLY F 41 14.65 20.24 17.11
N TYR F 42 14.69 19.45 16.03
CA TYR F 42 14.48 20.03 14.71
C TYR F 42 13.08 20.60 14.57
N THR F 43 12.07 19.88 15.08
CA THR F 43 10.70 20.38 15.01
C THR F 43 10.55 21.66 15.82
N ALA F 44 11.16 21.72 17.00
CA ALA F 44 11.09 22.93 17.81
C ALA F 44 11.75 24.12 17.12
N LEU F 45 12.93 23.89 16.51
CA LEU F 45 13.60 24.97 15.80
C LEU F 45 12.78 25.45 14.62
N ILE F 46 12.17 24.52 13.88
CA ILE F 46 11.36 24.91 12.73
C ILE F 46 10.14 25.69 13.18
N ALA F 47 9.50 25.27 14.28
CA ALA F 47 8.36 25.99 14.81
C ALA F 47 8.77 27.40 15.26
N ILE F 48 9.95 27.51 15.87
CA ILE F 48 10.43 28.83 16.30
C ILE F 48 10.63 29.73 15.09
N LEU F 49 11.24 29.20 14.03
CA LEU F 49 11.44 30.00 12.81
C LEU F 49 10.11 30.41 12.19
N GLY F 50 9.16 29.47 12.13
CA GLY F 50 7.86 29.78 11.55
C GLY F 50 7.08 30.80 12.34
N TRP F 51 7.22 30.78 13.68
CA TRP F 51 6.58 31.80 14.50
C TRP F 51 7.29 33.14 14.37
N THR F 52 8.61 33.13 14.21
CA THR F 52 9.36 34.38 14.09
C THR F 52 9.05 35.09 12.78
N LEU F 53 8.99 34.34 11.68
CA LEU F 53 8.79 34.92 10.36
C LEU F 53 7.35 34.75 9.90
N GLY F 54 6.98 35.51 8.87
CA GLY F 54 5.65 35.42 8.29
C GLY F 54 4.58 36.14 9.09
N THR F 55 4.25 35.60 10.27
CA THR F 55 3.18 36.15 11.12
C THR F 55 1.87 36.26 10.33
N THR F 56 1.59 35.24 9.52
CA THR F 56 0.39 35.21 8.70
C THR F 56 -0.50 34.00 8.95
N THR F 57 0.04 32.92 9.49
CA THR F 57 -0.66 31.65 9.72
C THR F 57 -1.15 31.01 8.43
N ALA F 58 -0.74 31.53 7.27
CA ALA F 58 -1.11 30.97 5.99
C ALA F 58 0.06 30.36 5.22
N GLN F 59 1.30 30.69 5.60
CA GLN F 59 2.48 30.15 4.93
C GLN F 59 3.38 29.36 5.86
N LYS F 60 3.28 29.55 7.18
CA LYS F 60 4.12 28.81 8.11
C LYS F 60 3.88 27.31 8.04
N VAL F 61 2.69 26.88 7.60
CA VAL F 61 2.47 25.46 7.34
C VAL F 61 3.40 24.99 6.22
N ILE F 62 3.52 25.79 5.17
CA ILE F 62 4.46 25.47 4.09
C ILE F 62 5.89 25.51 4.61
N PHE F 63 6.20 26.49 5.45
CA PHE F 63 7.49 26.54 6.13
C PHE F 63 7.83 25.20 6.76
N ILE F 64 6.99 24.75 7.70
CA ILE F 64 7.30 23.54 8.46
C ILE F 64 7.27 22.31 7.56
N ALA F 65 6.38 22.29 6.57
CA ALA F 65 6.33 21.14 5.66
C ALA F 65 7.62 21.01 4.86
N LEU F 66 8.13 22.12 4.35
CA LEU F 66 9.35 22.06 3.54
C LEU F 66 10.57 21.80 4.40
N LEU F 67 10.59 22.35 5.63
CA LEU F 67 11.69 22.06 6.55
C LEU F 67 11.71 20.59 6.94
N LEU F 68 10.54 19.99 7.18
CA LEU F 68 10.49 18.55 7.43
C LEU F 68 10.73 17.73 6.17
N MET F 69 10.53 18.32 5.00
CA MET F 69 10.86 17.63 3.75
C MET F 69 12.36 17.50 3.56
N ILE F 70 13.10 18.60 3.76
CA ILE F 70 14.56 18.49 3.73
C ILE F 70 15.05 17.64 4.89
N ALA F 71 14.41 17.77 6.06
CA ALA F 71 14.69 16.92 7.18
C ALA F 71 14.19 15.50 6.89
N PRO F 72 14.67 14.50 7.64
CA PRO F 72 14.13 13.15 7.49
C PRO F 72 12.64 13.06 7.80
#